data_5CWX
# 
_entry.id   5CWX 
# 
_audit_conform.dict_name       mmcif_pdbx.dic 
_audit_conform.dict_version    5.387 
_audit_conform.dict_location   http://mmcif.pdb.org/dictionaries/ascii/mmcif_pdbx.dic 
# 
loop_
_database_2.database_id 
_database_2.database_code 
_database_2.pdbx_database_accession 
_database_2.pdbx_DOI 
PDB   5CWX         pdb_00005cwx 10.2210/pdb5cwx/pdb 
WWPDB D_1000212298 ?            ?                   
# 
loop_
_pdbx_audit_revision_history.ordinal 
_pdbx_audit_revision_history.data_content_type 
_pdbx_audit_revision_history.major_revision 
_pdbx_audit_revision_history.minor_revision 
_pdbx_audit_revision_history.revision_date 
1 'Structure model' 1 0 2016-08-03 
2 'Structure model' 1 1 2024-03-20 
# 
_pdbx_audit_revision_details.ordinal             1 
_pdbx_audit_revision_details.revision_ordinal    1 
_pdbx_audit_revision_details.data_content_type   'Structure model' 
_pdbx_audit_revision_details.provider            repository 
_pdbx_audit_revision_details.type                'Initial release' 
_pdbx_audit_revision_details.description         ? 
_pdbx_audit_revision_details.details             ? 
# 
loop_
_pdbx_audit_revision_group.ordinal 
_pdbx_audit_revision_group.revision_ordinal 
_pdbx_audit_revision_group.data_content_type 
_pdbx_audit_revision_group.group 
1 2 'Structure model' 'Data collection'      
2 2 'Structure model' 'Database references'  
3 2 'Structure model' 'Derived calculations' 
# 
loop_
_pdbx_audit_revision_category.ordinal 
_pdbx_audit_revision_category.revision_ordinal 
_pdbx_audit_revision_category.data_content_type 
_pdbx_audit_revision_category.category 
1 2 'Structure model' chem_comp_atom         
2 2 'Structure model' chem_comp_bond         
3 2 'Structure model' database_2             
4 2 'Structure model' pdbx_struct_conn_angle 
5 2 'Structure model' pdbx_struct_oper_list  
6 2 'Structure model' struct_conn            
# 
loop_
_pdbx_audit_revision_item.ordinal 
_pdbx_audit_revision_item.revision_ordinal 
_pdbx_audit_revision_item.data_content_type 
_pdbx_audit_revision_item.item 
1  2 'Structure model' '_database_2.pdbx_DOI'                        
2  2 'Structure model' '_database_2.pdbx_database_accession'         
3  2 'Structure model' '_pdbx_struct_conn_angle.ptnr1_auth_comp_id'  
4  2 'Structure model' '_pdbx_struct_conn_angle.ptnr1_auth_seq_id'   
5  2 'Structure model' '_pdbx_struct_conn_angle.ptnr1_label_atom_id' 
6  2 'Structure model' '_pdbx_struct_conn_angle.ptnr1_label_comp_id' 
7  2 'Structure model' '_pdbx_struct_conn_angle.ptnr1_label_seq_id'  
8  2 'Structure model' '_pdbx_struct_conn_angle.ptnr2_auth_seq_id'   
9  2 'Structure model' '_pdbx_struct_conn_angle.ptnr2_label_alt_id'  
10 2 'Structure model' '_pdbx_struct_conn_angle.ptnr2_label_asym_id' 
11 2 'Structure model' '_pdbx_struct_conn_angle.ptnr2_symmetry'      
12 2 'Structure model' '_pdbx_struct_conn_angle.ptnr3_auth_comp_id'  
13 2 'Structure model' '_pdbx_struct_conn_angle.ptnr3_auth_seq_id'   
14 2 'Structure model' '_pdbx_struct_conn_angle.ptnr3_label_asym_id' 
15 2 'Structure model' '_pdbx_struct_conn_angle.ptnr3_label_atom_id' 
16 2 'Structure model' '_pdbx_struct_conn_angle.ptnr3_label_comp_id' 
17 2 'Structure model' '_pdbx_struct_conn_angle.ptnr3_label_seq_id'  
18 2 'Structure model' '_pdbx_struct_conn_angle.value'               
19 2 'Structure model' '_pdbx_struct_oper_list.symmetry_operation'   
20 2 'Structure model' '_struct_conn.pdbx_dist_value'                
21 2 'Structure model' '_struct_conn.pdbx_ptnr1_label_alt_id'        
22 2 'Structure model' '_struct_conn.pdbx_ptnr2_label_alt_id'        
23 2 'Structure model' '_struct_conn.ptnr1_auth_comp_id'             
24 2 'Structure model' '_struct_conn.ptnr1_auth_seq_id'              
25 2 'Structure model' '_struct_conn.ptnr1_label_asym_id'            
26 2 'Structure model' '_struct_conn.ptnr1_label_atom_id'            
27 2 'Structure model' '_struct_conn.ptnr1_label_comp_id'            
28 2 'Structure model' '_struct_conn.ptnr1_label_seq_id'             
29 2 'Structure model' '_struct_conn.ptnr2_auth_comp_id'             
30 2 'Structure model' '_struct_conn.ptnr2_auth_seq_id'              
31 2 'Structure model' '_struct_conn.ptnr2_label_asym_id'            
32 2 'Structure model' '_struct_conn.ptnr2_label_atom_id'            
33 2 'Structure model' '_struct_conn.ptnr2_label_comp_id'            
34 2 'Structure model' '_struct_conn.ptnr2_symmetry'                 
# 
_pdbx_database_status.status_code                     REL 
_pdbx_database_status.status_code_sf                  REL 
_pdbx_database_status.status_code_mr                  ? 
_pdbx_database_status.entry_id                        5CWX 
_pdbx_database_status.recvd_initial_deposition_date   2015-07-28 
_pdbx_database_status.SG_entry                        N 
_pdbx_database_status.deposit_site                    RCSB 
_pdbx_database_status.process_site                    PDBJ 
_pdbx_database_status.status_code_cs                  ? 
_pdbx_database_status.methods_development_category    ? 
_pdbx_database_status.pdb_format_compatible           Y 
_pdbx_database_status.status_code_nmr_data            ? 
# 
loop_
_pdbx_database_related.db_name 
_pdbx_database_related.details 
_pdbx_database_related.db_id 
_pdbx_database_related.content_type 
PDB . 5CP0 unspecified 
PDB . 5CPD unspecified 
PDB . 5CVK unspecified 
PDB . 5CVP unspecified 
PDB . 5CVQ unspecified 
PDB . 5CWY unspecified 
PDB . 5CX0 unspecified 
PDB . 5CXJ unspecified 
PDB . 5CY7 unspecified 
PDB . 5CY8 unspecified 
# 
loop_
_audit_author.name 
_audit_author.pdbx_ordinal 
'Ngo, H.P.T.' 1 
'Kang, L.W.'  2 
# 
_citation.abstract                  ? 
_citation.abstract_id_CAS           ? 
_citation.book_id_ISBN              ? 
_citation.book_publisher            ? 
_citation.book_publisher_city       ? 
_citation.book_title                ? 
_citation.coordinate_linkage        ? 
_citation.country                   ? 
_citation.database_id_Medline       ? 
_citation.details                   ? 
_citation.id                        primary 
_citation.journal_abbrev            'To Be Published' 
_citation.journal_id_ASTM           ? 
_citation.journal_id_CSD            0353 
_citation.journal_id_ISSN           ? 
_citation.journal_full              ? 
_citation.journal_issue             ? 
_citation.journal_volume            ? 
_citation.language                  ? 
_citation.page_first                ? 
_citation.page_last                 ? 
_citation.title                     
'Structure of Xoo1075, a peptide deformylase from Xanthomonas oryzae pv oryzae, in complex with fragment 134' 
_citation.year                      ? 
_citation.database_id_CSD           ? 
_citation.pdbx_database_id_DOI      ? 
_citation.pdbx_database_id_PubMed   ? 
_citation.unpublished_flag          ? 
# 
loop_
_citation_author.citation_id 
_citation_author.name 
_citation_author.ordinal 
_citation_author.identifier_ORCID 
primary 'Ngo, H.P.T.' 1 ? 
primary 'Kang, L.W.'  2 ? 
# 
loop_
_entity.id 
_entity.type 
_entity.src_method 
_entity.pdbx_description 
_entity.formula_weight 
_entity.pdbx_number_of_molecules 
_entity.pdbx_ec 
_entity.pdbx_mutation 
_entity.pdbx_fragment 
_entity.details 
1 polymer     man 'Peptide deformylase'                  19097.656 1  3.5.1.88 ? 'UNP residues 42-212' ? 
2 non-polymer syn 'CADMIUM ION'                          112.411   3  ?        ? ?                     ? 
3 non-polymer syn 'ACETATE ION'                          59.044    1  ?        ? ?                     ? 
4 non-polymer syn '3-(2-methyl-1,3-thiazol-4-yl)aniline' 190.265   1  ?        ? ?                     ? 
5 water       nat water                                  18.015    74 ?        ? ?                     ? 
# 
_entity_name_com.entity_id   1 
_entity_name_com.name        'PDF,Polypeptide deformylase' 
# 
_entity_poly.entity_id                      1 
_entity_poly.type                           'polypeptide(L)' 
_entity_poly.nstd_linkage                   no 
_entity_poly.nstd_monomer                   no 
_entity_poly.pdbx_seq_one_letter_code       
;MIRDIIRMGDKRLLRVAPQVTNLGSAELHALVSDMFETMGAAHGVGLAAPQIAVDLQLMVFGFEASERYPEAPAVPLTAL
ANAQIEPLSDEMENGWEGCLSIPGLRAVIPRYRYIRYRGFAPDGSPIEREAEGFHARVVQHEYDHLVGRLYPSRIENFDT
FGFDDVLSYDL
;
_entity_poly.pdbx_seq_one_letter_code_can   
;MIRDIIRMGDKRLLRVAPQVTNLGSAELHALVSDMFETMGAAHGVGLAAPQIAVDLQLMVFGFEASERYPEAPAVPLTAL
ANAQIEPLSDEMENGWEGCLSIPGLRAVIPRYRYIRYRGFAPDGSPIEREAEGFHARVVQHEYDHLVGRLYPSRIENFDT
FGFDDVLSYDL
;
_entity_poly.pdbx_strand_id                 A 
_entity_poly.pdbx_target_identifier         ? 
# 
loop_
_pdbx_entity_nonpoly.entity_id 
_pdbx_entity_nonpoly.name 
_pdbx_entity_nonpoly.comp_id 
2 'CADMIUM ION'                          CD  
3 'ACETATE ION'                          ACT 
4 '3-(2-methyl-1,3-thiazol-4-yl)aniline' 56K 
5 water                                  HOH 
# 
loop_
_entity_poly_seq.entity_id 
_entity_poly_seq.num 
_entity_poly_seq.mon_id 
_entity_poly_seq.hetero 
1 1   MET n 
1 2   ILE n 
1 3   ARG n 
1 4   ASP n 
1 5   ILE n 
1 6   ILE n 
1 7   ARG n 
1 8   MET n 
1 9   GLY n 
1 10  ASP n 
1 11  LYS n 
1 12  ARG n 
1 13  LEU n 
1 14  LEU n 
1 15  ARG n 
1 16  VAL n 
1 17  ALA n 
1 18  PRO n 
1 19  GLN n 
1 20  VAL n 
1 21  THR n 
1 22  ASN n 
1 23  LEU n 
1 24  GLY n 
1 25  SER n 
1 26  ALA n 
1 27  GLU n 
1 28  LEU n 
1 29  HIS n 
1 30  ALA n 
1 31  LEU n 
1 32  VAL n 
1 33  SER n 
1 34  ASP n 
1 35  MET n 
1 36  PHE n 
1 37  GLU n 
1 38  THR n 
1 39  MET n 
1 40  GLY n 
1 41  ALA n 
1 42  ALA n 
1 43  HIS n 
1 44  GLY n 
1 45  VAL n 
1 46  GLY n 
1 47  LEU n 
1 48  ALA n 
1 49  ALA n 
1 50  PRO n 
1 51  GLN n 
1 52  ILE n 
1 53  ALA n 
1 54  VAL n 
1 55  ASP n 
1 56  LEU n 
1 57  GLN n 
1 58  LEU n 
1 59  MET n 
1 60  VAL n 
1 61  PHE n 
1 62  GLY n 
1 63  PHE n 
1 64  GLU n 
1 65  ALA n 
1 66  SER n 
1 67  GLU n 
1 68  ARG n 
1 69  TYR n 
1 70  PRO n 
1 71  GLU n 
1 72  ALA n 
1 73  PRO n 
1 74  ALA n 
1 75  VAL n 
1 76  PRO n 
1 77  LEU n 
1 78  THR n 
1 79  ALA n 
1 80  LEU n 
1 81  ALA n 
1 82  ASN n 
1 83  ALA n 
1 84  GLN n 
1 85  ILE n 
1 86  GLU n 
1 87  PRO n 
1 88  LEU n 
1 89  SER n 
1 90  ASP n 
1 91  GLU n 
1 92  MET n 
1 93  GLU n 
1 94  ASN n 
1 95  GLY n 
1 96  TRP n 
1 97  GLU n 
1 98  GLY n 
1 99  CYS n 
1 100 LEU n 
1 101 SER n 
1 102 ILE n 
1 103 PRO n 
1 104 GLY n 
1 105 LEU n 
1 106 ARG n 
1 107 ALA n 
1 108 VAL n 
1 109 ILE n 
1 110 PRO n 
1 111 ARG n 
1 112 TYR n 
1 113 ARG n 
1 114 TYR n 
1 115 ILE n 
1 116 ARG n 
1 117 TYR n 
1 118 ARG n 
1 119 GLY n 
1 120 PHE n 
1 121 ALA n 
1 122 PRO n 
1 123 ASP n 
1 124 GLY n 
1 125 SER n 
1 126 PRO n 
1 127 ILE n 
1 128 GLU n 
1 129 ARG n 
1 130 GLU n 
1 131 ALA n 
1 132 GLU n 
1 133 GLY n 
1 134 PHE n 
1 135 HIS n 
1 136 ALA n 
1 137 ARG n 
1 138 VAL n 
1 139 VAL n 
1 140 GLN n 
1 141 HIS n 
1 142 GLU n 
1 143 TYR n 
1 144 ASP n 
1 145 HIS n 
1 146 LEU n 
1 147 VAL n 
1 148 GLY n 
1 149 ARG n 
1 150 LEU n 
1 151 TYR n 
1 152 PRO n 
1 153 SER n 
1 154 ARG n 
1 155 ILE n 
1 156 GLU n 
1 157 ASN n 
1 158 PHE n 
1 159 ASP n 
1 160 THR n 
1 161 PHE n 
1 162 GLY n 
1 163 PHE n 
1 164 ASP n 
1 165 ASP n 
1 166 VAL n 
1 167 LEU n 
1 168 SER n 
1 169 TYR n 
1 170 ASP n 
1 171 LEU n 
# 
_entity_src_gen.entity_id                          1 
_entity_src_gen.pdbx_src_id                        1 
_entity_src_gen.pdbx_alt_source_flag               sample 
_entity_src_gen.pdbx_seq_type                      'Biological sequence' 
_entity_src_gen.pdbx_beg_seq_num                   1 
_entity_src_gen.pdbx_end_seq_num                   171 
_entity_src_gen.gene_src_common_name               ? 
_entity_src_gen.gene_src_genus                     ? 
_entity_src_gen.pdbx_gene_src_gene                 'def, XOO1075' 
_entity_src_gen.gene_src_species                   ? 
_entity_src_gen.gene_src_strain                    KACC10331 
_entity_src_gen.gene_src_tissue                    ? 
_entity_src_gen.gene_src_tissue_fraction           ? 
_entity_src_gen.gene_src_details                   ? 
_entity_src_gen.pdbx_gene_src_fragment             ? 
_entity_src_gen.pdbx_gene_src_scientific_name      'Xanthomonas oryzae pv. oryzae KACC10331' 
_entity_src_gen.pdbx_gene_src_ncbi_taxonomy_id     291331 
_entity_src_gen.pdbx_gene_src_variant              ? 
_entity_src_gen.pdbx_gene_src_cell_line            ? 
_entity_src_gen.pdbx_gene_src_atcc                 ? 
_entity_src_gen.pdbx_gene_src_organ                ? 
_entity_src_gen.pdbx_gene_src_organelle            ? 
_entity_src_gen.pdbx_gene_src_cell                 ? 
_entity_src_gen.pdbx_gene_src_cellular_location    ? 
_entity_src_gen.host_org_common_name               ? 
_entity_src_gen.pdbx_host_org_scientific_name      'Escherichia coli' 
_entity_src_gen.pdbx_host_org_ncbi_taxonomy_id     562 
_entity_src_gen.host_org_genus                     ? 
_entity_src_gen.pdbx_host_org_gene                 ? 
_entity_src_gen.pdbx_host_org_organ                ? 
_entity_src_gen.host_org_species                   ? 
_entity_src_gen.pdbx_host_org_tissue               ? 
_entity_src_gen.pdbx_host_org_tissue_fraction      ? 
_entity_src_gen.pdbx_host_org_strain               ? 
_entity_src_gen.pdbx_host_org_variant              ? 
_entity_src_gen.pdbx_host_org_cell_line            ? 
_entity_src_gen.pdbx_host_org_atcc                 ? 
_entity_src_gen.pdbx_host_org_culture_collection   ? 
_entity_src_gen.pdbx_host_org_cell                 ? 
_entity_src_gen.pdbx_host_org_organelle            ? 
_entity_src_gen.pdbx_host_org_cellular_location    ? 
_entity_src_gen.pdbx_host_org_vector_type          plasmid 
_entity_src_gen.pdbx_host_org_vector               ? 
_entity_src_gen.host_org_details                   ? 
_entity_src_gen.expression_system_id               ? 
_entity_src_gen.plasmid_name                       ? 
_entity_src_gen.plasmid_details                    ? 
_entity_src_gen.pdbx_description                   ? 
# 
loop_
_chem_comp.id 
_chem_comp.type 
_chem_comp.mon_nstd_flag 
_chem_comp.name 
_chem_comp.pdbx_synonyms 
_chem_comp.formula 
_chem_comp.formula_weight 
56K non-polymer         . '3-(2-methyl-1,3-thiazol-4-yl)aniline' ? 'C10 H10 N2 S'   190.265 
ACT non-polymer         . 'ACETATE ION'                          ? 'C2 H3 O2 -1'    59.044  
ALA 'L-peptide linking' y ALANINE                                ? 'C3 H7 N O2'     89.093  
ARG 'L-peptide linking' y ARGININE                               ? 'C6 H15 N4 O2 1' 175.209 
ASN 'L-peptide linking' y ASPARAGINE                             ? 'C4 H8 N2 O3'    132.118 
ASP 'L-peptide linking' y 'ASPARTIC ACID'                        ? 'C4 H7 N O4'     133.103 
CD  non-polymer         . 'CADMIUM ION'                          ? 'Cd 2'           112.411 
CYS 'L-peptide linking' y CYSTEINE                               ? 'C3 H7 N O2 S'   121.158 
GLN 'L-peptide linking' y GLUTAMINE                              ? 'C5 H10 N2 O3'   146.144 
GLU 'L-peptide linking' y 'GLUTAMIC ACID'                        ? 'C5 H9 N O4'     147.129 
GLY 'peptide linking'   y GLYCINE                                ? 'C2 H5 N O2'     75.067  
HIS 'L-peptide linking' y HISTIDINE                              ? 'C6 H10 N3 O2 1' 156.162 
HOH non-polymer         . WATER                                  ? 'H2 O'           18.015  
ILE 'L-peptide linking' y ISOLEUCINE                             ? 'C6 H13 N O2'    131.173 
LEU 'L-peptide linking' y LEUCINE                                ? 'C6 H13 N O2'    131.173 
LYS 'L-peptide linking' y LYSINE                                 ? 'C6 H15 N2 O2 1' 147.195 
MET 'L-peptide linking' y METHIONINE                             ? 'C5 H11 N O2 S'  149.211 
PHE 'L-peptide linking' y PHENYLALANINE                          ? 'C9 H11 N O2'    165.189 
PRO 'L-peptide linking' y PROLINE                                ? 'C5 H9 N O2'     115.130 
SER 'L-peptide linking' y SERINE                                 ? 'C3 H7 N O3'     105.093 
THR 'L-peptide linking' y THREONINE                              ? 'C4 H9 N O3'     119.119 
TRP 'L-peptide linking' y TRYPTOPHAN                             ? 'C11 H12 N2 O2'  204.225 
TYR 'L-peptide linking' y TYROSINE                               ? 'C9 H11 N O3'    181.189 
VAL 'L-peptide linking' y VALINE                                 ? 'C5 H11 N O2'    117.146 
# 
loop_
_pdbx_poly_seq_scheme.asym_id 
_pdbx_poly_seq_scheme.entity_id 
_pdbx_poly_seq_scheme.seq_id 
_pdbx_poly_seq_scheme.mon_id 
_pdbx_poly_seq_scheme.ndb_seq_num 
_pdbx_poly_seq_scheme.pdb_seq_num 
_pdbx_poly_seq_scheme.auth_seq_num 
_pdbx_poly_seq_scheme.pdb_mon_id 
_pdbx_poly_seq_scheme.auth_mon_id 
_pdbx_poly_seq_scheme.pdb_strand_id 
_pdbx_poly_seq_scheme.pdb_ins_code 
_pdbx_poly_seq_scheme.hetero 
A 1 1   MET 1   1   1   MET MET A . n 
A 1 2   ILE 2   2   2   ILE ILE A . n 
A 1 3   ARG 3   3   3   ARG ARG A . n 
A 1 4   ASP 4   4   4   ASP ASP A . n 
A 1 5   ILE 5   5   5   ILE ILE A . n 
A 1 6   ILE 6   6   6   ILE ILE A . n 
A 1 7   ARG 7   7   7   ARG ARG A . n 
A 1 8   MET 8   8   8   MET MET A . n 
A 1 9   GLY 9   9   9   GLY GLY A . n 
A 1 10  ASP 10  10  10  ASP ASP A . n 
A 1 11  LYS 11  11  11  LYS LYS A . n 
A 1 12  ARG 12  12  12  ARG ARG A . n 
A 1 13  LEU 13  13  13  LEU LEU A . n 
A 1 14  LEU 14  14  14  LEU LEU A . n 
A 1 15  ARG 15  15  15  ARG ARG A . n 
A 1 16  VAL 16  16  16  VAL VAL A . n 
A 1 17  ALA 17  17  17  ALA ALA A . n 
A 1 18  PRO 18  18  18  PRO PRO A . n 
A 1 19  GLN 19  19  19  GLN GLN A . n 
A 1 20  VAL 20  20  20  VAL VAL A . n 
A 1 21  THR 21  21  21  THR THR A . n 
A 1 22  ASN 22  22  22  ASN ASN A . n 
A 1 23  LEU 23  23  23  LEU LEU A . n 
A 1 24  GLY 24  24  24  GLY GLY A . n 
A 1 25  SER 25  25  25  SER SER A . n 
A 1 26  ALA 26  26  26  ALA ALA A . n 
A 1 27  GLU 27  27  27  GLU GLU A . n 
A 1 28  LEU 28  28  28  LEU LEU A . n 
A 1 29  HIS 29  29  29  HIS HIS A . n 
A 1 30  ALA 30  30  30  ALA ALA A . n 
A 1 31  LEU 31  31  31  LEU LEU A . n 
A 1 32  VAL 32  32  32  VAL VAL A . n 
A 1 33  SER 33  33  33  SER SER A . n 
A 1 34  ASP 34  34  34  ASP ASP A . n 
A 1 35  MET 35  35  35  MET MET A . n 
A 1 36  PHE 36  36  36  PHE PHE A . n 
A 1 37  GLU 37  37  37  GLU GLU A . n 
A 1 38  THR 38  38  38  THR THR A . n 
A 1 39  MET 39  39  39  MET MET A . n 
A 1 40  GLY 40  40  40  GLY GLY A . n 
A 1 41  ALA 41  41  41  ALA ALA A . n 
A 1 42  ALA 42  42  42  ALA ALA A . n 
A 1 43  HIS 43  43  43  HIS HIS A . n 
A 1 44  GLY 44  44  44  GLY GLY A . n 
A 1 45  VAL 45  45  45  VAL VAL A . n 
A 1 46  GLY 46  46  46  GLY GLY A . n 
A 1 47  LEU 47  47  47  LEU LEU A . n 
A 1 48  ALA 48  48  48  ALA ALA A . n 
A 1 49  ALA 49  49  49  ALA ALA A . n 
A 1 50  PRO 50  50  50  PRO PRO A . n 
A 1 51  GLN 51  51  51  GLN GLN A . n 
A 1 52  ILE 52  52  52  ILE ILE A . n 
A 1 53  ALA 53  53  53  ALA ALA A . n 
A 1 54  VAL 54  54  54  VAL VAL A . n 
A 1 55  ASP 55  55  55  ASP ASP A . n 
A 1 56  LEU 56  56  56  LEU LEU A . n 
A 1 57  GLN 57  57  57  GLN GLN A . n 
A 1 58  LEU 58  58  58  LEU LEU A . n 
A 1 59  MET 59  59  59  MET MET A . n 
A 1 60  VAL 60  60  60  VAL VAL A . n 
A 1 61  PHE 61  61  61  PHE PHE A . n 
A 1 62  GLY 62  62  62  GLY GLY A . n 
A 1 63  PHE 63  63  63  PHE PHE A . n 
A 1 64  GLU 64  64  ?   ?   ?   A . n 
A 1 65  ALA 65  65  ?   ?   ?   A . n 
A 1 66  SER 66  66  ?   ?   ?   A . n 
A 1 67  GLU 67  67  ?   ?   ?   A . n 
A 1 68  ARG 68  68  ?   ?   ?   A . n 
A 1 69  TYR 69  69  ?   ?   ?   A . n 
A 1 70  PRO 70  70  ?   ?   ?   A . n 
A 1 71  GLU 71  71  ?   ?   ?   A . n 
A 1 72  ALA 72  72  ?   ?   ?   A . n 
A 1 73  PRO 73  73  73  PRO PRO A . n 
A 1 74  ALA 74  74  74  ALA ALA A . n 
A 1 75  VAL 75  75  75  VAL VAL A . n 
A 1 76  PRO 76  76  76  PRO PRO A . n 
A 1 77  LEU 77  77  77  LEU LEU A . n 
A 1 78  THR 78  78  78  THR THR A . n 
A 1 79  ALA 79  79  79  ALA ALA A . n 
A 1 80  LEU 80  80  80  LEU LEU A . n 
A 1 81  ALA 81  81  81  ALA ALA A . n 
A 1 82  ASN 82  82  82  ASN ASN A . n 
A 1 83  ALA 83  83  83  ALA ALA A . n 
A 1 84  GLN 84  84  84  GLN GLN A . n 
A 1 85  ILE 85  85  85  ILE ILE A . n 
A 1 86  GLU 86  86  86  GLU GLU A . n 
A 1 87  PRO 87  87  87  PRO PRO A . n 
A 1 88  LEU 88  88  88  LEU LEU A . n 
A 1 89  SER 89  89  89  SER SER A . n 
A 1 90  ASP 90  90  90  ASP ASP A . n 
A 1 91  GLU 91  91  91  GLU GLU A . n 
A 1 92  MET 92  92  92  MET MET A . n 
A 1 93  GLU 93  93  93  GLU GLU A . n 
A 1 94  ASN 94  94  94  ASN ASN A . n 
A 1 95  GLY 95  95  95  GLY GLY A . n 
A 1 96  TRP 96  96  96  TRP TRP A . n 
A 1 97  GLU 97  97  97  GLU GLU A . n 
A 1 98  GLY 98  98  98  GLY GLY A . n 
A 1 99  CYS 99  99  99  CYS CYS A . n 
A 1 100 LEU 100 100 100 LEU LEU A . n 
A 1 101 SER 101 101 101 SER SER A . n 
A 1 102 ILE 102 102 102 ILE ILE A . n 
A 1 103 PRO 103 103 103 PRO PRO A . n 
A 1 104 GLY 104 104 104 GLY GLY A . n 
A 1 105 LEU 105 105 105 LEU LEU A . n 
A 1 106 ARG 106 106 106 ARG ARG A . n 
A 1 107 ALA 107 107 107 ALA ALA A . n 
A 1 108 VAL 108 108 108 VAL VAL A . n 
A 1 109 ILE 109 109 109 ILE ILE A . n 
A 1 110 PRO 110 110 110 PRO PRO A . n 
A 1 111 ARG 111 111 111 ARG ARG A . n 
A 1 112 TYR 112 112 112 TYR TYR A . n 
A 1 113 ARG 113 113 113 ARG ARG A . n 
A 1 114 TYR 114 114 114 TYR TYR A . n 
A 1 115 ILE 115 115 115 ILE ILE A . n 
A 1 116 ARG 116 116 116 ARG ARG A . n 
A 1 117 TYR 117 117 117 TYR TYR A . n 
A 1 118 ARG 118 118 118 ARG ARG A . n 
A 1 119 GLY 119 119 119 GLY GLY A . n 
A 1 120 PHE 120 120 120 PHE PHE A . n 
A 1 121 ALA 121 121 121 ALA ALA A . n 
A 1 122 PRO 122 122 122 PRO PRO A . n 
A 1 123 ASP 123 123 123 ASP ASP A . n 
A 1 124 GLY 124 124 124 GLY GLY A . n 
A 1 125 SER 125 125 125 SER SER A . n 
A 1 126 PRO 126 126 126 PRO PRO A . n 
A 1 127 ILE 127 127 127 ILE ILE A . n 
A 1 128 GLU 128 128 128 GLU GLU A . n 
A 1 129 ARG 129 129 129 ARG ARG A . n 
A 1 130 GLU 130 130 130 GLU GLU A . n 
A 1 131 ALA 131 131 131 ALA ALA A . n 
A 1 132 GLU 132 132 132 GLU GLU A . n 
A 1 133 GLY 133 133 133 GLY GLY A . n 
A 1 134 PHE 134 134 134 PHE PHE A . n 
A 1 135 HIS 135 135 135 HIS HIS A . n 
A 1 136 ALA 136 136 136 ALA ALA A . n 
A 1 137 ARG 137 137 137 ARG ARG A . n 
A 1 138 VAL 138 138 138 VAL VAL A . n 
A 1 139 VAL 139 139 139 VAL VAL A . n 
A 1 140 GLN 140 140 140 GLN GLN A . n 
A 1 141 HIS 141 141 141 HIS HIS A . n 
A 1 142 GLU 142 142 142 GLU GLU A . n 
A 1 143 TYR 143 143 143 TYR TYR A . n 
A 1 144 ASP 144 144 144 ASP ASP A . n 
A 1 145 HIS 145 145 145 HIS HIS A . n 
A 1 146 LEU 146 146 146 LEU LEU A . n 
A 1 147 VAL 147 147 147 VAL VAL A . n 
A 1 148 GLY 148 148 148 GLY GLY A . n 
A 1 149 ARG 149 149 149 ARG ARG A . n 
A 1 150 LEU 150 150 150 LEU LEU A . n 
A 1 151 TYR 151 151 151 TYR TYR A . n 
A 1 152 PRO 152 152 152 PRO PRO A . n 
A 1 153 SER 153 153 153 SER SER A . n 
A 1 154 ARG 154 154 154 ARG ARG A . n 
A 1 155 ILE 155 155 155 ILE ILE A . n 
A 1 156 GLU 156 156 156 GLU GLU A . n 
A 1 157 ASN 157 157 157 ASN ASN A . n 
A 1 158 PHE 158 158 158 PHE PHE A . n 
A 1 159 ASP 159 159 159 ASP ASP A . n 
A 1 160 THR 160 160 160 THR THR A . n 
A 1 161 PHE 161 161 161 PHE PHE A . n 
A 1 162 GLY 162 162 162 GLY GLY A . n 
A 1 163 PHE 163 163 163 PHE PHE A . n 
A 1 164 ASP 164 164 164 ASP ASP A . n 
A 1 165 ASP 165 165 165 ASP ASP A . n 
A 1 166 VAL 166 166 166 VAL VAL A . n 
A 1 167 LEU 167 167 167 LEU LEU A . n 
A 1 168 SER 168 168 168 SER SER A . n 
A 1 169 TYR 169 169 169 TYR TYR A . n 
A 1 170 ASP 170 170 170 ASP ASP A . n 
A 1 171 LEU 171 171 ?   ?   ?   A . n 
# 
loop_
_pdbx_nonpoly_scheme.asym_id 
_pdbx_nonpoly_scheme.entity_id 
_pdbx_nonpoly_scheme.mon_id 
_pdbx_nonpoly_scheme.ndb_seq_num 
_pdbx_nonpoly_scheme.pdb_seq_num 
_pdbx_nonpoly_scheme.auth_seq_num 
_pdbx_nonpoly_scheme.pdb_mon_id 
_pdbx_nonpoly_scheme.auth_mon_id 
_pdbx_nonpoly_scheme.pdb_strand_id 
_pdbx_nonpoly_scheme.pdb_ins_code 
B 2 CD  1  201 1  CD  CD  A . 
C 2 CD  1  202 1  CD  CD  A . 
D 2 CD  1  203 1  CD  CD  A . 
E 3 ACT 1  204 1  ACT ACT A . 
F 4 56K 1  205 1  56K 134 A . 
G 5 HOH 1  301 20 HOH HOH A . 
G 5 HOH 2  302 50 HOH HOH A . 
G 5 HOH 3  303 39 HOH HOH A . 
G 5 HOH 4  304 27 HOH HOH A . 
G 5 HOH 5  305 24 HOH HOH A . 
G 5 HOH 6  306 71 HOH HOH A . 
G 5 HOH 7  307 3  HOH HOH A . 
G 5 HOH 8  308 70 HOH HOH A . 
G 5 HOH 9  309 77 HOH HOH A . 
G 5 HOH 10 310 21 HOH HOH A . 
G 5 HOH 11 311 88 HOH HOH A . 
G 5 HOH 12 312 56 HOH HOH A . 
G 5 HOH 13 313 15 HOH HOH A . 
G 5 HOH 14 314 32 HOH HOH A . 
G 5 HOH 15 315 57 HOH HOH A . 
G 5 HOH 16 316 12 HOH HOH A . 
G 5 HOH 17 317 34 HOH HOH A . 
G 5 HOH 18 318 13 HOH HOH A . 
G 5 HOH 19 319 49 HOH HOH A . 
G 5 HOH 20 320 59 HOH HOH A . 
G 5 HOH 21 321 75 HOH HOH A . 
G 5 HOH 22 322 37 HOH HOH A . 
G 5 HOH 23 323 7  HOH HOH A . 
G 5 HOH 24 324 51 HOH HOH A . 
G 5 HOH 25 325 35 HOH HOH A . 
G 5 HOH 26 326 2  HOH HOH A . 
G 5 HOH 27 327 42 HOH HOH A . 
G 5 HOH 28 328 11 HOH HOH A . 
G 5 HOH 29 329 14 HOH HOH A . 
G 5 HOH 30 330 2  HOH HOH A . 
G 5 HOH 31 331 54 HOH HOH A . 
G 5 HOH 32 332 40 HOH HOH A . 
G 5 HOH 33 333 73 HOH HOH A . 
G 5 HOH 34 334 36 HOH HOH A . 
G 5 HOH 35 335 4  HOH HOH A . 
G 5 HOH 36 336 64 HOH HOH A . 
G 5 HOH 37 337 16 HOH HOH A . 
G 5 HOH 38 338 52 HOH HOH A . 
G 5 HOH 39 339 1  HOH HOH A . 
G 5 HOH 40 340 79 HOH HOH A . 
G 5 HOH 41 341 1  HOH HOH A . 
G 5 HOH 42 342 10 HOH HOH A . 
G 5 HOH 43 343 65 HOH HOH A . 
G 5 HOH 44 344 58 HOH HOH A . 
G 5 HOH 45 345 78 HOH HOH A . 
G 5 HOH 46 346 74 HOH HOH A . 
G 5 HOH 47 347 25 HOH HOH A . 
G 5 HOH 48 348 1  HOH HOH A . 
G 5 HOH 49 349 4  HOH HOH A . 
G 5 HOH 50 350 60 HOH HOH A . 
G 5 HOH 51 351 18 HOH HOH A . 
G 5 HOH 52 352 5  HOH HOH A . 
G 5 HOH 53 353 47 HOH HOH A . 
G 5 HOH 54 354 41 HOH HOH A . 
G 5 HOH 55 355 2  HOH HOH A . 
G 5 HOH 56 356 17 HOH HOH A . 
G 5 HOH 57 357 23 HOH HOH A . 
G 5 HOH 58 358 38 HOH HOH A . 
G 5 HOH 59 359 55 HOH HOH A . 
G 5 HOH 60 360 48 HOH HOH A . 
G 5 HOH 61 361 26 HOH HOH A . 
G 5 HOH 62 362 6  HOH HOH A . 
G 5 HOH 63 363 28 HOH HOH A . 
G 5 HOH 64 364 61 HOH HOH A . 
G 5 HOH 65 365 84 HOH HOH A . 
G 5 HOH 66 366 46 HOH HOH A . 
G 5 HOH 67 367 22 HOH HOH A . 
G 5 HOH 68 368 9  HOH HOH A . 
G 5 HOH 69 369 3  HOH HOH A . 
G 5 HOH 70 370 53 HOH HOH A . 
G 5 HOH 71 371 62 HOH HOH A . 
G 5 HOH 72 372 66 HOH HOH A . 
G 5 HOH 73 373 19 HOH HOH A . 
G 5 HOH 74 374 82 HOH HOH A . 
# 
loop_
_software.citation_id 
_software.classification 
_software.compiler_name 
_software.compiler_version 
_software.contact_author 
_software.contact_author_email 
_software.date 
_software.description 
_software.dependencies 
_software.hardware 
_software.language 
_software.location 
_software.mods 
_software.name 
_software.os 
_software.os_version 
_software.type 
_software.version 
_software.pdbx_ordinal 
? refinement       ? ? ? ? ? ? ? ? ? ? ? REFMAC   ? ? ? 5.7.0032 1 
? 'data reduction' ? ? ? ? ? ? ? ? ? ? ? HKL-2000 ? ? ? .        2 
? 'data scaling'   ? ? ? ? ? ? ? ? ? ? ? HKL-2000 ? ? ? .        3 
? phasing          ? ? ? ? ? ? ? ? ? ? ? HKL-2000 ? ? ? .        4 
# 
_cell.angle_alpha                  90.00 
_cell.angle_alpha_esd              ? 
_cell.angle_beta                   90.00 
_cell.angle_beta_esd               ? 
_cell.angle_gamma                  120.00 
_cell.angle_gamma_esd              ? 
_cell.entry_id                     5CWX 
_cell.details                      ? 
_cell.formula_units_Z              ? 
_cell.length_a                     58.528 
_cell.length_a_esd                 ? 
_cell.length_b                     58.528 
_cell.length_b_esd                 ? 
_cell.length_c                     264.214 
_cell.length_c_esd                 ? 
_cell.volume                       ? 
_cell.volume_esd                   ? 
_cell.Z_PDB                        12 
_cell.reciprocal_angle_alpha       ? 
_cell.reciprocal_angle_beta        ? 
_cell.reciprocal_angle_gamma       ? 
_cell.reciprocal_angle_alpha_esd   ? 
_cell.reciprocal_angle_beta_esd    ? 
_cell.reciprocal_angle_gamma_esd   ? 
_cell.reciprocal_length_a          ? 
_cell.reciprocal_length_b          ? 
_cell.reciprocal_length_c          ? 
_cell.reciprocal_length_a_esd      ? 
_cell.reciprocal_length_b_esd      ? 
_cell.reciprocal_length_c_esd      ? 
_cell.pdbx_unique_axis             ? 
# 
_symmetry.entry_id                         5CWX 
_symmetry.cell_setting                     ? 
_symmetry.Int_Tables_number                178 
_symmetry.space_group_name_Hall            ? 
_symmetry.space_group_name_H-M             'P 61 2 2' 
_symmetry.pdbx_full_space_group_name_H-M   ? 
# 
_exptl.absorpt_coefficient_mu     ? 
_exptl.absorpt_correction_T_max   ? 
_exptl.absorpt_correction_T_min   ? 
_exptl.absorpt_correction_type    ? 
_exptl.absorpt_process_details    ? 
_exptl.entry_id                   5CWX 
_exptl.crystals_number            1 
_exptl.details                    ? 
_exptl.method                     'X-RAY DIFFRACTION' 
_exptl.method_details             ? 
# 
_exptl_crystal.colour                      ? 
_exptl_crystal.density_diffrn              ? 
_exptl_crystal.density_Matthews            3.42 
_exptl_crystal.density_method              ? 
_exptl_crystal.density_percent_sol         64.04 
_exptl_crystal.description                 ? 
_exptl_crystal.F_000                       ? 
_exptl_crystal.id                          1 
_exptl_crystal.preparation                 ? 
_exptl_crystal.size_max                    ? 
_exptl_crystal.size_mid                    ? 
_exptl_crystal.size_min                    ? 
_exptl_crystal.size_rad                    ? 
_exptl_crystal.colour_lustre               ? 
_exptl_crystal.colour_modifier             ? 
_exptl_crystal.colour_primary              ? 
_exptl_crystal.density_meas                ? 
_exptl_crystal.density_meas_esd            ? 
_exptl_crystal.density_meas_gt             ? 
_exptl_crystal.density_meas_lt             ? 
_exptl_crystal.density_meas_temp           ? 
_exptl_crystal.density_meas_temp_esd       ? 
_exptl_crystal.density_meas_temp_gt        ? 
_exptl_crystal.density_meas_temp_lt        ? 
_exptl_crystal.pdbx_crystal_image_url      ? 
_exptl_crystal.pdbx_crystal_image_format   ? 
_exptl_crystal.pdbx_mosaicity              ? 
_exptl_crystal.pdbx_mosaicity_esd          ? 
# 
_exptl_crystal_grow.apparatus       ? 
_exptl_crystal_grow.atmosphere      ? 
_exptl_crystal_grow.crystal_id      1 
_exptl_crystal_grow.details         ? 
_exptl_crystal_grow.method          'VAPOR DIFFUSION, HANGING DROP' 
_exptl_crystal_grow.method_ref      ? 
_exptl_crystal_grow.pH              7.5 
_exptl_crystal_grow.pressure        ? 
_exptl_crystal_grow.pressure_esd    ? 
_exptl_crystal_grow.seeding         ? 
_exptl_crystal_grow.seeding_ref     ? 
_exptl_crystal_grow.temp            287 
_exptl_crystal_grow.temp_details    ? 
_exptl_crystal_grow.temp_esd        ? 
_exptl_crystal_grow.time            ? 
_exptl_crystal_grow.pdbx_details    '0.05M Cadmium sulfate, 0.1M HEPES, 2.0M Sodium acetate trihydrate, pH 7.5' 
_exptl_crystal_grow.pdbx_pH_range   7.0-8.0 
# 
_diffrn.ambient_environment    ? 
_diffrn.ambient_temp           100 
_diffrn.ambient_temp_details   ? 
_diffrn.ambient_temp_esd       ? 
_diffrn.crystal_id             1 
_diffrn.crystal_support        ? 
_diffrn.crystal_treatment      ? 
_diffrn.details                ? 
_diffrn.id                     1 
_diffrn.ambient_pressure       ? 
_diffrn.ambient_pressure_esd   ? 
_diffrn.ambient_pressure_gt    ? 
_diffrn.ambient_pressure_lt    ? 
_diffrn.ambient_temp_gt        ? 
_diffrn.ambient_temp_lt        ? 
# 
_diffrn_detector.details                      ? 
_diffrn_detector.detector                     CCD 
_diffrn_detector.diffrn_id                    1 
_diffrn_detector.type                         'ADSC QUANTUM 210' 
_diffrn_detector.area_resol_mean              ? 
_diffrn_detector.dtime                        ? 
_diffrn_detector.pdbx_frames_total            ? 
_diffrn_detector.pdbx_collection_time_total   ? 
_diffrn_detector.pdbx_collection_date         2010-04-20 
# 
_diffrn_radiation.collimation                      ? 
_diffrn_radiation.diffrn_id                        1 
_diffrn_radiation.filter_edge                      ? 
_diffrn_radiation.inhomogeneity                    ? 
_diffrn_radiation.monochromator                    ? 
_diffrn_radiation.polarisn_norm                    ? 
_diffrn_radiation.polarisn_ratio                   ? 
_diffrn_radiation.probe                            ? 
_diffrn_radiation.type                             ? 
_diffrn_radiation.xray_symbol                      ? 
_diffrn_radiation.wavelength_id                    1 
_diffrn_radiation.pdbx_monochromatic_or_laue_m_l   M 
_diffrn_radiation.pdbx_wavelength_list             ? 
_diffrn_radiation.pdbx_wavelength                  ? 
_diffrn_radiation.pdbx_diffrn_protocol             'SINGLE WAVELENGTH' 
_diffrn_radiation.pdbx_analyzer                    ? 
_diffrn_radiation.pdbx_scattering_type             x-ray 
# 
_diffrn_radiation_wavelength.id           1 
_diffrn_radiation_wavelength.wavelength   0.99 
_diffrn_radiation_wavelength.wt           1.0 
# 
_diffrn_source.current                     ? 
_diffrn_source.details                     ? 
_diffrn_source.diffrn_id                   1 
_diffrn_source.power                       ? 
_diffrn_source.size                        ? 
_diffrn_source.source                      SYNCHROTRON 
_diffrn_source.target                      ? 
_diffrn_source.type                        'PAL/PLS BEAMLINE 4A' 
_diffrn_source.voltage                     ? 
_diffrn_source.take-off_angle              ? 
_diffrn_source.pdbx_wavelength_list        0.99 
_diffrn_source.pdbx_wavelength             ? 
_diffrn_source.pdbx_synchrotron_beamline   4A 
_diffrn_source.pdbx_synchrotron_site       PAL/PLS 
# 
_reflns.B_iso_Wilson_estimate            ? 
_reflns.entry_id                         5CWX 
_reflns.data_reduction_details           ? 
_reflns.data_reduction_method            ? 
_reflns.d_resolution_high                2.2 
_reflns.d_resolution_low                 50.0 
_reflns.details                          ? 
_reflns.limit_h_max                      ? 
_reflns.limit_h_min                      ? 
_reflns.limit_k_max                      ? 
_reflns.limit_k_min                      ? 
_reflns.limit_l_max                      ? 
_reflns.limit_l_min                      ? 
_reflns.number_all                       ? 
_reflns.number_obs                       14538 
_reflns.observed_criterion               ? 
_reflns.observed_criterion_F_max         ? 
_reflns.observed_criterion_F_min         ? 
_reflns.observed_criterion_I_max         ? 
_reflns.observed_criterion_I_min         ? 
_reflns.observed_criterion_sigma_F       ? 
_reflns.observed_criterion_sigma_I       ? 
_reflns.percent_possible_obs             99 
_reflns.R_free_details                   ? 
_reflns.Rmerge_F_all                     ? 
_reflns.Rmerge_F_obs                     ? 
_reflns.Friedel_coverage                 ? 
_reflns.number_gt                        ? 
_reflns.threshold_expression             ? 
_reflns.pdbx_redundancy                  4.9 
_reflns.pdbx_Rmerge_I_obs                ? 
_reflns.pdbx_Rmerge_I_all                ? 
_reflns.pdbx_Rsym_value                  ? 
_reflns.pdbx_netI_over_av_sigmaI         ? 
_reflns.pdbx_netI_over_sigmaI            16.8 
_reflns.pdbx_res_netI_over_av_sigmaI_2   ? 
_reflns.pdbx_res_netI_over_sigmaI_2      ? 
_reflns.pdbx_chi_squared                 ? 
_reflns.pdbx_scaling_rejects             ? 
_reflns.pdbx_d_res_high_opt              ? 
_reflns.pdbx_d_res_low_opt               ? 
_reflns.pdbx_d_res_opt_method            ? 
_reflns.phase_calculation_details        ? 
_reflns.pdbx_Rrim_I_all                  ? 
_reflns.pdbx_Rpim_I_all                  ? 
_reflns.pdbx_d_opt                       ? 
_reflns.pdbx_number_measured_all         ? 
_reflns.pdbx_diffrn_id                   1 
_reflns.pdbx_ordinal                     1 
_reflns.pdbx_CC_half                     ? 
_reflns.pdbx_R_split                     ? 
# 
_refine.aniso_B[1][1]                            -0.02 
_refine.aniso_B[1][2]                            -0.02 
_refine.aniso_B[1][3]                            -0.00 
_refine.aniso_B[2][2]                            -0.02 
_refine.aniso_B[2][3]                            -0.00 
_refine.aniso_B[3][3]                            0.07 
_refine.B_iso_max                                ? 
_refine.B_iso_mean                               35.594 
_refine.B_iso_min                                ? 
_refine.correlation_coeff_Fo_to_Fc               0.943 
_refine.correlation_coeff_Fo_to_Fc_free          0.922 
_refine.details                                  'HYDROGENS HAVE BEEN USED IF PRESENT IN THE INPUT' 
_refine.diff_density_max                         ? 
_refine.diff_density_max_esd                     ? 
_refine.diff_density_min                         ? 
_refine.diff_density_min_esd                     ? 
_refine.diff_density_rms                         ? 
_refine.diff_density_rms_esd                     ? 
_refine.entry_id                                 5CWX 
_refine.pdbx_refine_id                           'X-RAY DIFFRACTION' 
_refine.ls_abs_structure_details                 ? 
_refine.ls_abs_structure_Flack                   ? 
_refine.ls_abs_structure_Flack_esd               ? 
_refine.ls_abs_structure_Rogers                  ? 
_refine.ls_abs_structure_Rogers_esd              ? 
_refine.ls_d_res_high                            2.20 
_refine.ls_d_res_low                             30.40 
_refine.ls_extinction_coef                       ? 
_refine.ls_extinction_coef_esd                   ? 
_refine.ls_extinction_expression                 ? 
_refine.ls_extinction_method                     ? 
_refine.ls_goodness_of_fit_all                   ? 
_refine.ls_goodness_of_fit_all_esd               ? 
_refine.ls_goodness_of_fit_obs                   ? 
_refine.ls_goodness_of_fit_obs_esd               ? 
_refine.ls_hydrogen_treatment                    ? 
_refine.ls_matrix_type                           ? 
_refine.ls_number_constraints                    ? 
_refine.ls_number_parameters                     ? 
_refine.ls_number_reflns_all                     ? 
_refine.ls_number_reflns_obs                     13777 
_refine.ls_number_reflns_R_free                  729 
_refine.ls_number_reflns_R_work                  ? 
_refine.ls_number_restraints                     ? 
_refine.ls_percent_reflns_obs                    99.44 
_refine.ls_percent_reflns_R_free                 5.0 
_refine.ls_R_factor_all                          ? 
_refine.ls_R_factor_obs                          0.20953 
_refine.ls_R_factor_R_free                       0.25945 
_refine.ls_R_factor_R_free_error                 ? 
_refine.ls_R_factor_R_free_error_details         ? 
_refine.ls_R_factor_R_work                       0.20696 
_refine.ls_R_Fsqd_factor_obs                     ? 
_refine.ls_R_I_factor_obs                        ? 
_refine.ls_redundancy_reflns_all                 ? 
_refine.ls_redundancy_reflns_obs                 ? 
_refine.ls_restrained_S_all                      ? 
_refine.ls_restrained_S_obs                      ? 
_refine.ls_shift_over_esd_max                    ? 
_refine.ls_shift_over_esd_mean                   ? 
_refine.ls_structure_factor_coef                 ? 
_refine.ls_weighting_details                     ? 
_refine.ls_weighting_scheme                      ? 
_refine.ls_wR_factor_all                         ? 
_refine.ls_wR_factor_obs                         ? 
_refine.ls_wR_factor_R_free                      ? 
_refine.ls_wR_factor_R_work                      ? 
_refine.occupancy_max                            ? 
_refine.occupancy_min                            ? 
_refine.solvent_model_details                    MASK 
_refine.solvent_model_param_bsol                 ? 
_refine.solvent_model_param_ksol                 ? 
_refine.ls_R_factor_gt                           ? 
_refine.ls_goodness_of_fit_gt                    ? 
_refine.ls_goodness_of_fit_ref                   ? 
_refine.ls_shift_over_su_max                     ? 
_refine.ls_shift_over_su_max_lt                  ? 
_refine.ls_shift_over_su_mean                    ? 
_refine.ls_shift_over_su_mean_lt                 ? 
_refine.pdbx_ls_sigma_I                          ? 
_refine.pdbx_ls_sigma_F                          ? 
_refine.pdbx_ls_sigma_Fsqd                       ? 
_refine.pdbx_data_cutoff_high_absF               ? 
_refine.pdbx_data_cutoff_high_rms_absF           ? 
_refine.pdbx_data_cutoff_low_absF                ? 
_refine.pdbx_isotropic_thermal_model             ? 
_refine.pdbx_ls_cross_valid_method               THROUGHOUT 
_refine.pdbx_method_to_determine_struct          ? 
_refine.pdbx_starting_model                      ? 
_refine.pdbx_stereochemistry_target_values       'MAXIMUM LIKELIHOOD' 
_refine.pdbx_R_Free_selection_details            RANDOM 
_refine.pdbx_stereochem_target_val_spec_case     ? 
_refine.pdbx_overall_ESU_R                       0.187 
_refine.pdbx_overall_ESU_R_Free                  0.183 
_refine.pdbx_solvent_vdw_probe_radii             1.20 
_refine.pdbx_solvent_ion_probe_radii             0.80 
_refine.pdbx_solvent_shrinkage_radii             0.80 
_refine.pdbx_real_space_R                        ? 
_refine.pdbx_density_correlation                 ? 
_refine.pdbx_pd_number_of_powder_patterns        ? 
_refine.pdbx_pd_number_of_points                 ? 
_refine.pdbx_pd_meas_number_of_points            ? 
_refine.pdbx_pd_proc_ls_prof_R_factor            ? 
_refine.pdbx_pd_proc_ls_prof_wR_factor           ? 
_refine.pdbx_pd_Marquardt_correlation_coeff      ? 
_refine.pdbx_pd_Fsqrd_R_factor                   ? 
_refine.pdbx_pd_ls_matrix_band_width             ? 
_refine.pdbx_overall_phase_error                 ? 
_refine.pdbx_overall_SU_R_free_Cruickshank_DPI   ? 
_refine.pdbx_overall_SU_R_free_Blow_DPI          ? 
_refine.pdbx_overall_SU_R_Blow_DPI               ? 
_refine.pdbx_TLS_residual_ADP_flag               ? 
_refine.pdbx_diffrn_id                           1 
_refine.overall_SU_B                             5.356 
_refine.overall_SU_ML                            0.133 
_refine.overall_SU_R_Cruickshank_DPI             ? 
_refine.overall_SU_R_free                        ? 
_refine.overall_FOM_free_R_set                   ? 
_refine.overall_FOM_work_R_set                   ? 
_refine.pdbx_average_fsc_overall                 ? 
_refine.pdbx_average_fsc_work                    ? 
_refine.pdbx_average_fsc_free                    ? 
# 
_refine_hist.pdbx_refine_id                   'X-RAY DIFFRACTION' 
_refine_hist.cycle_id                         1 
_refine_hist.pdbx_number_atoms_protein        1262 
_refine_hist.pdbx_number_atoms_nucleic_acid   0 
_refine_hist.pdbx_number_atoms_ligand         20 
_refine_hist.number_atoms_solvent             74 
_refine_hist.number_atoms_total               1356 
_refine_hist.d_res_high                       2.20 
_refine_hist.d_res_low                        30.40 
# 
loop_
_refine_ls_restr.pdbx_refine_id 
_refine_ls_restr.criterion 
_refine_ls_restr.dev_ideal 
_refine_ls_restr.dev_ideal_target 
_refine_ls_restr.number 
_refine_ls_restr.rejects 
_refine_ls_restr.type 
_refine_ls_restr.weight 
_refine_ls_restr.pdbx_restraint_function 
'X-RAY DIFFRACTION' ? 0.019  0.019  1308 ? r_bond_refined_d             ? ? 
'X-RAY DIFFRACTION' ? ?      ?      ?    ? r_bond_other_d               ? ? 
'X-RAY DIFFRACTION' ? 2.146  1.975  1771 ? r_angle_refined_deg          ? ? 
'X-RAY DIFFRACTION' ? ?      ?      ?    ? r_angle_other_deg            ? ? 
'X-RAY DIFFRACTION' ? 7.368  5.000  159  ? r_dihedral_angle_1_deg       ? ? 
'X-RAY DIFFRACTION' ? 34.374 22.813 64   ? r_dihedral_angle_2_deg       ? ? 
'X-RAY DIFFRACTION' ? 15.352 15.000 204  ? r_dihedral_angle_3_deg       ? ? 
'X-RAY DIFFRACTION' ? 15.928 15.000 13   ? r_dihedral_angle_4_deg       ? ? 
'X-RAY DIFFRACTION' ? 0.145  0.200  189  ? r_chiral_restr               ? ? 
'X-RAY DIFFRACTION' ? 0.010  0.021  1024 ? r_gen_planes_refined         ? ? 
'X-RAY DIFFRACTION' ? ?      ?      ?    ? r_gen_planes_other           ? ? 
'X-RAY DIFFRACTION' ? ?      ?      ?    ? r_nbd_refined                ? ? 
'X-RAY DIFFRACTION' ? ?      ?      ?    ? r_nbd_other                  ? ? 
'X-RAY DIFFRACTION' ? ?      ?      ?    ? r_nbtor_refined              ? ? 
'X-RAY DIFFRACTION' ? ?      ?      ?    ? r_nbtor_other                ? ? 
'X-RAY DIFFRACTION' ? ?      ?      ?    ? r_xyhbond_nbd_refined        ? ? 
'X-RAY DIFFRACTION' ? ?      ?      ?    ? r_xyhbond_nbd_other          ? ? 
'X-RAY DIFFRACTION' ? ?      ?      ?    ? r_metal_ion_refined          ? ? 
'X-RAY DIFFRACTION' ? ?      ?      ?    ? r_metal_ion_other            ? ? 
'X-RAY DIFFRACTION' ? ?      ?      ?    ? r_symmetry_vdw_refined       ? ? 
'X-RAY DIFFRACTION' ? ?      ?      ?    ? r_symmetry_vdw_other         ? ? 
'X-RAY DIFFRACTION' ? ?      ?      ?    ? r_symmetry_hbond_refined     ? ? 
'X-RAY DIFFRACTION' ? ?      ?      ?    ? r_symmetry_hbond_other       ? ? 
'X-RAY DIFFRACTION' ? ?      ?      ?    ? r_symmetry_metal_ion_refined ? ? 
'X-RAY DIFFRACTION' ? ?      ?      ?    ? r_symmetry_metal_ion_other   ? ? 
'X-RAY DIFFRACTION' ? 2.935  3.333  642  ? r_mcbond_it                  ? ? 
'X-RAY DIFFRACTION' ? ?      ?      ?    ? r_mcbond_other               ? ? 
'X-RAY DIFFRACTION' ? 4.117  4.968  799  ? r_mcangle_it                 ? ? 
'X-RAY DIFFRACTION' ? ?      ?      ?    ? r_mcangle_other              ? ? 
'X-RAY DIFFRACTION' ? 4.526  3.681  665  ? r_scbond_it                  ? ? 
'X-RAY DIFFRACTION' ? ?      ?      ?    ? r_scbond_other               ? ? 
'X-RAY DIFFRACTION' ? ?      ?      ?    ? r_scangle_it                 ? ? 
'X-RAY DIFFRACTION' ? ?      ?      ?    ? r_scangle_other              ? ? 
'X-RAY DIFFRACTION' ? 7.333  28.975 2026 ? r_long_range_B_refined       ? ? 
'X-RAY DIFFRACTION' ? ?      ?      ?    ? r_long_range_B_other         ? ? 
'X-RAY DIFFRACTION' ? ?      ?      ?    ? r_rigid_bond_restr           ? ? 
'X-RAY DIFFRACTION' ? ?      ?      ?    ? r_sphericity_free            ? ? 
'X-RAY DIFFRACTION' ? ?      ?      ?    ? r_sphericity_bonded          ? ? 
# 
_refine_ls_shell.pdbx_refine_id                   'X-RAY DIFFRACTION' 
_refine_ls_shell.d_res_high                       2.201 
_refine_ls_shell.d_res_low                        2.258 
_refine_ls_shell.number_reflns_all                ? 
_refine_ls_shell.number_reflns_obs                ? 
_refine_ls_shell.number_reflns_R_free             54 
_refine_ls_shell.number_reflns_R_work             981 
_refine_ls_shell.percent_reflns_obs               98.95 
_refine_ls_shell.percent_reflns_R_free            ? 
_refine_ls_shell.R_factor_all                     ? 
_refine_ls_shell.R_factor_obs                     ? 
_refine_ls_shell.R_factor_R_free                  0.327 
_refine_ls_shell.R_factor_R_free_error            ? 
_refine_ls_shell.R_factor_R_work                  0.301 
_refine_ls_shell.redundancy_reflns_all            ? 
_refine_ls_shell.redundancy_reflns_obs            ? 
_refine_ls_shell.wR_factor_all                    ? 
_refine_ls_shell.wR_factor_obs                    ? 
_refine_ls_shell.wR_factor_R_free                 ? 
_refine_ls_shell.wR_factor_R_work                 ? 
_refine_ls_shell.pdbx_total_number_of_bins_used   20 
_refine_ls_shell.pdbx_phase_error                 ? 
_refine_ls_shell.pdbx_fsc_work                    ? 
_refine_ls_shell.pdbx_fsc_free                    ? 
# 
_struct.entry_id                     5CWX 
_struct.title                        
'Structure of Xoo1075, a peptide deformylase from Xanthomonas oryzae pv oryzae, in complex with fragment 134' 
_struct.pdbx_model_details           ? 
_struct.pdbx_formula_weight          ? 
_struct.pdbx_formula_weight_method   ? 
_struct.pdbx_model_type_details      ? 
_struct.pdbx_CASP_flag               ? 
# 
_struct_keywords.entry_id        5CWX 
_struct_keywords.text            'peptide deformylase, Xanthomonas, fragment, metallopeptidase, HYDROLASE' 
_struct_keywords.pdbx_keywords   HYDROLASE 
# 
loop_
_struct_asym.id 
_struct_asym.pdbx_blank_PDB_chainid_flag 
_struct_asym.pdbx_modified 
_struct_asym.entity_id 
_struct_asym.details 
A N N 1 ? 
B N N 2 ? 
C N N 2 ? 
D N N 2 ? 
E N N 3 ? 
F N N 4 ? 
G N N 5 ? 
# 
_struct_ref.id                         1 
_struct_ref.db_name                    UNP 
_struct_ref.db_code                    Q5H3Z2_XANOR 
_struct_ref.pdbx_db_accession          Q5H3Z2 
_struct_ref.pdbx_db_isoform            ? 
_struct_ref.entity_id                  1 
_struct_ref.pdbx_seq_one_letter_code   
;MIRDIIRMGDKRLLRVAPQVTNLGSAELHALVSDMFETMGAAHGVGLAAPQIAVDLQLMVFGFEASERYPEAPAVPLTAL
ANAQIEPLSDEMENGWEGCLSIPGLRAVIPRYRYIRYRGFAPDGSPIEREAEGFHARVVQHEYDHLVGRLYPSRIENFDT
FGFDDVLSYDL
;
_struct_ref.pdbx_align_begin           42 
# 
_struct_ref_seq.align_id                      1 
_struct_ref_seq.ref_id                        1 
_struct_ref_seq.pdbx_PDB_id_code              5CWX 
_struct_ref_seq.pdbx_strand_id                A 
_struct_ref_seq.seq_align_beg                 1 
_struct_ref_seq.pdbx_seq_align_beg_ins_code   ? 
_struct_ref_seq.seq_align_end                 171 
_struct_ref_seq.pdbx_seq_align_end_ins_code   ? 
_struct_ref_seq.pdbx_db_accession             Q5H3Z2 
_struct_ref_seq.db_align_beg                  42 
_struct_ref_seq.pdbx_db_align_beg_ins_code    ? 
_struct_ref_seq.db_align_end                  212 
_struct_ref_seq.pdbx_db_align_end_ins_code    ? 
_struct_ref_seq.pdbx_auth_seq_align_beg       1 
_struct_ref_seq.pdbx_auth_seq_align_end       171 
# 
_pdbx_struct_assembly.id                   1 
_pdbx_struct_assembly.details              author_and_software_defined_assembly 
_pdbx_struct_assembly.method_details       PISA 
_pdbx_struct_assembly.oligomeric_details   dimeric 
_pdbx_struct_assembly.oligomeric_count     2 
# 
loop_
_pdbx_struct_assembly_prop.biol_id 
_pdbx_struct_assembly_prop.type 
_pdbx_struct_assembly_prop.value 
_pdbx_struct_assembly_prop.details 
1 'ABSA (A^2)' 3080  ? 
1 MORE         -56   ? 
1 'SSA (A^2)'  14330 ? 
# 
_pdbx_struct_assembly_gen.assembly_id       1 
_pdbx_struct_assembly_gen.oper_expression   1,2 
_pdbx_struct_assembly_gen.asym_id_list      A,B,C,D,E,F,G 
# 
loop_
_pdbx_struct_oper_list.id 
_pdbx_struct_oper_list.type 
_pdbx_struct_oper_list.name 
_pdbx_struct_oper_list.symmetry_operation 
_pdbx_struct_oper_list.matrix[1][1] 
_pdbx_struct_oper_list.matrix[1][2] 
_pdbx_struct_oper_list.matrix[1][3] 
_pdbx_struct_oper_list.vector[1] 
_pdbx_struct_oper_list.matrix[2][1] 
_pdbx_struct_oper_list.matrix[2][2] 
_pdbx_struct_oper_list.matrix[2][3] 
_pdbx_struct_oper_list.vector[2] 
_pdbx_struct_oper_list.matrix[3][1] 
_pdbx_struct_oper_list.matrix[3][2] 
_pdbx_struct_oper_list.matrix[3][3] 
_pdbx_struct_oper_list.vector[3] 
1 'identity operation'         1_555 x,y,z     1.0000000000  0.0000000000  0.0000000000 0.0000000000  0.0000000000  1.0000000000  0.0000000000  0.0000000000  0.0000000000 0.0000000000  1.0000000000  0.0000000000   
2 'crystal symmetry operation' 8_555 x-y,-y,-z -0.3037454797 -0.7609477065 0.5733212638 18.6964877955 -0.7609477065 -0.1683480751 -0.6265919834 -5.0908365267 0.5733212638 -0.6265919834 -0.5279064451 -29.4623199686 
# 
loop_
_struct_conf.conf_type_id 
_struct_conf.id 
_struct_conf.pdbx_PDB_helix_id 
_struct_conf.beg_label_comp_id 
_struct_conf.beg_label_asym_id 
_struct_conf.beg_label_seq_id 
_struct_conf.pdbx_beg_PDB_ins_code 
_struct_conf.end_label_comp_id 
_struct_conf.end_label_asym_id 
_struct_conf.end_label_seq_id 
_struct_conf.pdbx_end_PDB_ins_code 
_struct_conf.beg_auth_comp_id 
_struct_conf.beg_auth_asym_id 
_struct_conf.beg_auth_seq_id 
_struct_conf.end_auth_comp_id 
_struct_conf.end_auth_asym_id 
_struct_conf.end_auth_seq_id 
_struct_conf.pdbx_PDB_helix_class 
_struct_conf.details 
_struct_conf.pdbx_PDB_helix_length 
HELX_P HELX_P1 AA1 ASP A 10  ? LEU A 14  ? ASP A 10  LEU A 14  5 ? 5  
HELX_P HELX_P2 AA2 SER A 25  ? ALA A 42  ? SER A 25  ALA A 42  1 ? 18 
HELX_P HELX_P3 AA3 PRO A 50  ? ALA A 53  ? PRO A 50  ALA A 53  5 ? 4  
HELX_P HELX_P4 AA4 GLY A 133 ? VAL A 147 ? GLY A 133 VAL A 147 1 ? 15 
HELX_P HELX_P5 AA5 LEU A 150 ? ILE A 155 ? LEU A 150 ILE A 155 5 ? 6  
HELX_P HELX_P6 AA6 ASN A 157 ? PHE A 161 ? ASN A 157 PHE A 161 5 ? 5  
# 
_struct_conf_type.id          HELX_P 
_struct_conf_type.criteria    ? 
_struct_conf_type.reference   ? 
# 
loop_
_struct_conn.id 
_struct_conn.conn_type_id 
_struct_conn.pdbx_leaving_atom_flag 
_struct_conn.pdbx_PDB_id 
_struct_conn.ptnr1_label_asym_id 
_struct_conn.ptnr1_label_comp_id 
_struct_conn.ptnr1_label_seq_id 
_struct_conn.ptnr1_label_atom_id 
_struct_conn.pdbx_ptnr1_label_alt_id 
_struct_conn.pdbx_ptnr1_PDB_ins_code 
_struct_conn.pdbx_ptnr1_standard_comp_id 
_struct_conn.ptnr1_symmetry 
_struct_conn.ptnr2_label_asym_id 
_struct_conn.ptnr2_label_comp_id 
_struct_conn.ptnr2_label_seq_id 
_struct_conn.ptnr2_label_atom_id 
_struct_conn.pdbx_ptnr2_label_alt_id 
_struct_conn.pdbx_ptnr2_PDB_ins_code 
_struct_conn.ptnr1_auth_asym_id 
_struct_conn.ptnr1_auth_comp_id 
_struct_conn.ptnr1_auth_seq_id 
_struct_conn.ptnr2_auth_asym_id 
_struct_conn.ptnr2_auth_comp_id 
_struct_conn.ptnr2_auth_seq_id 
_struct_conn.ptnr2_symmetry 
_struct_conn.pdbx_ptnr3_label_atom_id 
_struct_conn.pdbx_ptnr3_label_seq_id 
_struct_conn.pdbx_ptnr3_label_comp_id 
_struct_conn.pdbx_ptnr3_label_asym_id 
_struct_conn.pdbx_ptnr3_label_alt_id 
_struct_conn.pdbx_ptnr3_PDB_ins_code 
_struct_conn.details 
_struct_conn.pdbx_dist_value 
_struct_conn.pdbx_value_order 
_struct_conn.pdbx_role 
metalc1  metalc ? ? A GLU 37  OE2 ? ? ? 1_555 D CD  . CD ? ? A GLU 37  A CD  203 1_555 ? ? ? ? ? ? ? 2.556 ? ? 
metalc2  metalc ? ? A HIS 43  NE2 ? ? ? 1_555 C CD  . CD ? ? A HIS 43  A CD  202 8_445 ? ? ? ? ? ? ? 2.167 ? ? 
metalc3  metalc ? ? A GLN 51  OE1 ? ? ? 1_555 B CD  . CD B ? A GLN 51  A CD  201 1_555 ? ? ? ? ? ? ? 2.401 ? ? 
metalc4  metalc ? ? A CYS 99  SG  ? ? ? 1_555 B CD  . CD A ? A CYS 99  A CD  201 1_555 ? ? ? ? ? ? ? 2.018 ? ? 
metalc5  metalc ? ? A GLU 128 OE1 ? ? ? 1_555 C CD  . CD ? ? A GLU 128 A CD  202 1_555 ? ? ? ? ? ? ? 2.263 ? ? 
metalc6  metalc ? ? A GLU 130 OE1 ? ? ? 1_555 C CD  . CD ? ? A GLU 130 A CD  202 1_555 ? ? ? ? ? ? ? 2.566 ? ? 
metalc7  metalc ? ? A GLU 130 OE2 ? ? ? 1_555 C CD  . CD ? ? A GLU 130 A CD  202 1_555 ? ? ? ? ? ? ? 2.496 ? ? 
metalc8  metalc ? ? A GLU 132 OE1 ? ? ? 1_555 D CD  . CD ? ? A GLU 132 A CD  203 8_545 ? ? ? ? ? ? ? 2.458 ? ? 
metalc9  metalc ? ? A HIS 141 NE2 ? ? ? 1_555 B CD  . CD A ? A HIS 141 A CD  201 1_555 ? ? ? ? ? ? ? 2.225 ? ? 
metalc10 metalc ? ? A GLU 142 OE2 ? ? ? 1_555 B CD  . CD B ? A GLU 142 A CD  201 1_555 ? ? ? ? ? ? ? 2.471 ? ? 
metalc11 metalc ? ? A HIS 145 NE2 ? ? ? 1_555 B CD  . CD A ? A HIS 145 A CD  201 1_555 ? ? ? ? ? ? ? 2.418 ? ? 
metalc12 metalc ? ? A HIS 145 NE2 ? ? ? 1_555 B CD  . CD B ? A HIS 145 A CD  201 1_555 ? ? ? ? ? ? ? 2.607 ? ? 
metalc13 metalc ? ? B CD  .   CD  B ? ? 1_555 G HOH . O  ? ? A CD  201 A HOH 348 1_555 ? ? ? ? ? ? ? 2.500 ? ? 
# 
_struct_conn_type.id          metalc 
_struct_conn_type.criteria    ? 
_struct_conn_type.reference   ? 
# 
loop_
_pdbx_struct_conn_angle.id 
_pdbx_struct_conn_angle.ptnr1_label_atom_id 
_pdbx_struct_conn_angle.ptnr1_label_alt_id 
_pdbx_struct_conn_angle.ptnr1_label_asym_id 
_pdbx_struct_conn_angle.ptnr1_label_comp_id 
_pdbx_struct_conn_angle.ptnr1_label_seq_id 
_pdbx_struct_conn_angle.ptnr1_auth_atom_id 
_pdbx_struct_conn_angle.ptnr1_auth_asym_id 
_pdbx_struct_conn_angle.ptnr1_auth_comp_id 
_pdbx_struct_conn_angle.ptnr1_auth_seq_id 
_pdbx_struct_conn_angle.ptnr1_PDB_ins_code 
_pdbx_struct_conn_angle.ptnr1_symmetry 
_pdbx_struct_conn_angle.ptnr2_label_atom_id 
_pdbx_struct_conn_angle.ptnr2_label_alt_id 
_pdbx_struct_conn_angle.ptnr2_label_asym_id 
_pdbx_struct_conn_angle.ptnr2_label_comp_id 
_pdbx_struct_conn_angle.ptnr2_label_seq_id 
_pdbx_struct_conn_angle.ptnr2_auth_atom_id 
_pdbx_struct_conn_angle.ptnr2_auth_asym_id 
_pdbx_struct_conn_angle.ptnr2_auth_comp_id 
_pdbx_struct_conn_angle.ptnr2_auth_seq_id 
_pdbx_struct_conn_angle.ptnr2_PDB_ins_code 
_pdbx_struct_conn_angle.ptnr2_symmetry 
_pdbx_struct_conn_angle.ptnr3_label_atom_id 
_pdbx_struct_conn_angle.ptnr3_label_alt_id 
_pdbx_struct_conn_angle.ptnr3_label_asym_id 
_pdbx_struct_conn_angle.ptnr3_label_comp_id 
_pdbx_struct_conn_angle.ptnr3_label_seq_id 
_pdbx_struct_conn_angle.ptnr3_auth_atom_id 
_pdbx_struct_conn_angle.ptnr3_auth_asym_id 
_pdbx_struct_conn_angle.ptnr3_auth_comp_id 
_pdbx_struct_conn_angle.ptnr3_auth_seq_id 
_pdbx_struct_conn_angle.ptnr3_PDB_ins_code 
_pdbx_struct_conn_angle.ptnr3_symmetry 
_pdbx_struct_conn_angle.value 
_pdbx_struct_conn_angle.value_esd 
1  OE2 ? A GLU 37  ? A GLU 37  ? 1_555 CD ? D CD . ? A CD 203 ? 1_555 OE1 ? A GLU 132 ? A GLU 132 ? 1_555 20.0  ? 
2  NE2 ? A HIS 43  ? A HIS 43  ? 1_555 CD ? C CD . ? A CD 202 ? 8_445 OE1 ? A GLU 128 ? A GLU 128 ? 1_555 55.2  ? 
3  NE2 ? A HIS 43  ? A HIS 43  ? 1_555 CD ? C CD . ? A CD 202 ? 8_445 OE1 ? A GLU 130 ? A GLU 130 ? 1_555 50.7  ? 
4  OE1 ? A GLU 128 ? A GLU 128 ? 1_555 CD ? C CD . ? A CD 202 ? 8_445 OE1 ? A GLU 130 ? A GLU 130 ? 1_555 5.5   ? 
5  NE2 ? A HIS 43  ? A HIS 43  ? 1_555 CD ? C CD . ? A CD 202 ? 8_445 OE2 ? A GLU 130 ? A GLU 130 ? 1_555 52.5  ? 
6  OE1 ? A GLU 128 ? A GLU 128 ? 1_555 CD ? C CD . ? A CD 202 ? 8_445 OE2 ? A GLU 130 ? A GLU 130 ? 1_555 7.3   ? 
7  OE1 ? A GLU 130 ? A GLU 130 ? 1_555 CD ? C CD . ? A CD 202 ? 8_445 OE2 ? A GLU 130 ? A GLU 130 ? 1_555 3.8   ? 
8  OE1 ? A GLN 51  ? A GLN 51  ? 1_555 CD B B CD . ? A CD 201 ? 1_555 OE2 ? A GLU 142 ? A GLU 142 ? 1_555 118.6 ? 
9  OE1 ? A GLN 51  ? A GLN 51  ? 1_555 CD B B CD . ? A CD 201 ? 1_555 NE2 ? A HIS 145 ? A HIS 145 ? 1_555 76.4  ? 
10 OE2 ? A GLU 142 ? A GLU 142 ? 1_555 CD B B CD . ? A CD 201 ? 1_555 NE2 ? A HIS 145 ? A HIS 145 ? 1_555 122.5 ? 
11 OE1 ? A GLN 51  ? A GLN 51  ? 1_555 CD B B CD . ? A CD 201 ? 1_555 O   ? G HOH .   ? A HOH 348 ? 1_555 85.1  ? 
12 OE2 ? A GLU 142 ? A GLU 142 ? 1_555 CD B B CD . ? A CD 201 ? 1_555 O   ? G HOH .   ? A HOH 348 ? 1_555 100.5 ? 
13 NE2 ? A HIS 145 ? A HIS 145 ? 1_555 CD B B CD . ? A CD 201 ? 1_555 O   ? G HOH .   ? A HOH 348 ? 1_555 137.0 ? 
14 SG  ? A CYS 99  ? A CYS 99  ? 1_555 CD A B CD . ? A CD 201 ? 1_555 NE2 ? A HIS 141 ? A HIS 141 ? 1_555 123.2 ? 
15 SG  ? A CYS 99  ? A CYS 99  ? 1_555 CD A B CD . ? A CD 201 ? 1_555 NE2 ? A HIS 145 ? A HIS 145 ? 1_555 107.8 ? 
16 NE2 ? A HIS 141 ? A HIS 141 ? 1_555 CD A B CD . ? A CD 201 ? 1_555 NE2 ? A HIS 145 ? A HIS 145 ? 1_555 107.2 ? 
# 
loop_
_struct_sheet.id 
_struct_sheet.type 
_struct_sheet.number_strands 
_struct_sheet.details 
AA1 ? 5 ? 
AA2 ? 3 ? 
# 
loop_
_struct_sheet_order.sheet_id 
_struct_sheet_order.range_id_1 
_struct_sheet_order.range_id_2 
_struct_sheet_order.offset 
_struct_sheet_order.sense 
AA1 1 2 ? anti-parallel 
AA1 2 3 ? anti-parallel 
AA1 3 4 ? anti-parallel 
AA1 4 5 ? anti-parallel 
AA2 1 2 ? anti-parallel 
AA2 2 3 ? anti-parallel 
# 
loop_
_struct_sheet_range.sheet_id 
_struct_sheet_range.id 
_struct_sheet_range.beg_label_comp_id 
_struct_sheet_range.beg_label_asym_id 
_struct_sheet_range.beg_label_seq_id 
_struct_sheet_range.pdbx_beg_PDB_ins_code 
_struct_sheet_range.end_label_comp_id 
_struct_sheet_range.end_label_asym_id 
_struct_sheet_range.end_label_seq_id 
_struct_sheet_range.pdbx_end_PDB_ins_code 
_struct_sheet_range.beg_auth_comp_id 
_struct_sheet_range.beg_auth_asym_id 
_struct_sheet_range.beg_auth_seq_id 
_struct_sheet_range.end_auth_comp_id 
_struct_sheet_range.end_auth_asym_id 
_struct_sheet_range.end_auth_seq_id 
AA1 1 GLY A 46  ? ALA A 48  ? GLY A 46  ALA A 48  
AA1 2 LEU A 58  ? PHE A 63  ? LEU A 58  PHE A 63  
AA1 3 VAL A 75  ? PRO A 87  ? VAL A 75  PRO A 87  
AA1 4 TYR A 114 ? PHE A 120 ? TYR A 114 PHE A 120 
AA1 5 PRO A 126 ? GLU A 132 ? PRO A 126 GLU A 132 
AA2 1 MET A 92  ? GLU A 97  ? MET A 92  GLU A 97  
AA2 2 LEU A 105 ? TYR A 112 ? LEU A 105 TYR A 112 
AA2 3 GLY A 162 ? PHE A 163 ? GLY A 162 PHE A 163 
# 
loop_
_pdbx_struct_sheet_hbond.sheet_id 
_pdbx_struct_sheet_hbond.range_id_1 
_pdbx_struct_sheet_hbond.range_id_2 
_pdbx_struct_sheet_hbond.range_1_label_atom_id 
_pdbx_struct_sheet_hbond.range_1_label_comp_id 
_pdbx_struct_sheet_hbond.range_1_label_asym_id 
_pdbx_struct_sheet_hbond.range_1_label_seq_id 
_pdbx_struct_sheet_hbond.range_1_PDB_ins_code 
_pdbx_struct_sheet_hbond.range_1_auth_atom_id 
_pdbx_struct_sheet_hbond.range_1_auth_comp_id 
_pdbx_struct_sheet_hbond.range_1_auth_asym_id 
_pdbx_struct_sheet_hbond.range_1_auth_seq_id 
_pdbx_struct_sheet_hbond.range_2_label_atom_id 
_pdbx_struct_sheet_hbond.range_2_label_comp_id 
_pdbx_struct_sheet_hbond.range_2_label_asym_id 
_pdbx_struct_sheet_hbond.range_2_label_seq_id 
_pdbx_struct_sheet_hbond.range_2_PDB_ins_code 
_pdbx_struct_sheet_hbond.range_2_auth_atom_id 
_pdbx_struct_sheet_hbond.range_2_auth_comp_id 
_pdbx_struct_sheet_hbond.range_2_auth_asym_id 
_pdbx_struct_sheet_hbond.range_2_auth_seq_id 
AA1 1 2 N LEU A 47  ? N LEU A 47  O VAL A 60  ? O VAL A 60  
AA1 2 3 N PHE A 61  ? N PHE A 61  O THR A 78  ? O THR A 78  
AA1 3 4 N ALA A 81  ? N ALA A 81  O PHE A 120 ? O PHE A 120 
AA1 4 5 N GLY A 119 ? N GLY A 119 O ILE A 127 ? O ILE A 127 
AA2 1 2 N GLY A 95  ? N GLY A 95  O ILE A 109 ? O ILE A 109 
AA2 2 3 N ARG A 106 ? N ARG A 106 O GLY A 162 ? O GLY A 162 
# 
loop_
_struct_site.id 
_struct_site.pdbx_evidence_code 
_struct_site.pdbx_auth_asym_id 
_struct_site.pdbx_auth_comp_id 
_struct_site.pdbx_auth_seq_id 
_struct_site.pdbx_auth_ins_code 
_struct_site.pdbx_num_residues 
_struct_site.details 
AC1 Software A CD  201 ? 6 'binding site for residue CD A 201'  
AC2 Software A CD  202 ? 3 'binding site for residue CD A 202'  
AC3 Software A CD  203 ? 3 'binding site for residue CD A 203'  
AC4 Software A ACT 204 ? 7 'binding site for residue ACT A 204' 
AC5 Software A 56K 205 ? 6 'binding site for residue 56K A 205' 
# 
loop_
_struct_site_gen.id 
_struct_site_gen.site_id 
_struct_site_gen.pdbx_num_res 
_struct_site_gen.label_comp_id 
_struct_site_gen.label_asym_id 
_struct_site_gen.label_seq_id 
_struct_site_gen.pdbx_auth_ins_code 
_struct_site_gen.auth_comp_id 
_struct_site_gen.auth_asym_id 
_struct_site_gen.auth_seq_id 
_struct_site_gen.label_atom_id 
_struct_site_gen.label_alt_id 
_struct_site_gen.symmetry 
_struct_site_gen.details 
1  AC1 6 GLN A 51  ? GLN A 51  . ? 1_555 ? 
2  AC1 6 CYS A 99  ? CYS A 99  . ? 1_555 ? 
3  AC1 6 HIS A 141 ? HIS A 141 . ? 1_555 ? 
4  AC1 6 GLU A 142 ? GLU A 142 . ? 1_555 ? 
5  AC1 6 HIS A 145 ? HIS A 145 . ? 1_555 ? 
6  AC1 6 HOH G .   ? HOH A 348 . ? 1_555 ? 
7  AC2 3 HIS A 43  ? HIS A 43  . ? 8_545 ? 
8  AC2 3 GLU A 128 ? GLU A 128 . ? 1_555 ? 
9  AC2 3 GLU A 130 ? GLU A 130 . ? 1_555 ? 
10 AC3 3 GLU A 37  ? GLU A 37  . ? 1_555 ? 
11 AC3 3 GLU A 132 ? GLU A 132 . ? 8_445 ? 
12 AC3 3 HOH G .   ? HOH A 369 . ? 1_555 ? 
13 AC4 7 LEU A 14  ? LEU A 14  . ? 1_555 ? 
14 AC4 7 ARG A 149 ? ARG A 149 . ? 1_555 ? 
15 AC4 7 LEU A 150 ? LEU A 150 . ? 1_555 ? 
16 AC4 7 SER A 153 ? SER A 153 . ? 1_555 ? 
17 AC4 7 ASP A 159 ? ASP A 159 . ? 8_555 ? 
18 AC4 7 HOH G .   ? HOH A 306 . ? 1_555 ? 
19 AC4 7 HOH G .   ? HOH A 349 . ? 1_555 ? 
20 AC5 6 TRP A 96  ? TRP A 96  . ? 1_555 ? 
21 AC5 6 GLU A 97  ? GLU A 97  . ? 1_555 ? 
22 AC5 6 GLY A 98  ? GLY A 98  . ? 1_555 ? 
23 AC5 6 PHE A 134 ? PHE A 134 . ? 1_555 ? 
24 AC5 6 HIS A 141 ? HIS A 141 . ? 1_555 ? 
25 AC5 6 GLU A 142 ? GLU A 142 . ? 1_555 ? 
# 
_pdbx_validate_close_contact.id               1 
_pdbx_validate_close_contact.PDB_model_num    1 
_pdbx_validate_close_contact.auth_atom_id_1   OD2 
_pdbx_validate_close_contact.auth_asym_id_1   A 
_pdbx_validate_close_contact.auth_comp_id_1   ASP 
_pdbx_validate_close_contact.auth_seq_id_1    55 
_pdbx_validate_close_contact.PDB_ins_code_1   ? 
_pdbx_validate_close_contact.label_alt_id_1   ? 
_pdbx_validate_close_contact.auth_atom_id_2   O 
_pdbx_validate_close_contact.auth_asym_id_2   A 
_pdbx_validate_close_contact.auth_comp_id_2   HOH 
_pdbx_validate_close_contact.auth_seq_id_2    301 
_pdbx_validate_close_contact.PDB_ins_code_2   ? 
_pdbx_validate_close_contact.label_alt_id_2   ? 
_pdbx_validate_close_contact.dist             2.19 
# 
_pdbx_validate_rmsd_bond.id                        1 
_pdbx_validate_rmsd_bond.PDB_model_num             1 
_pdbx_validate_rmsd_bond.auth_atom_id_1            CD 
_pdbx_validate_rmsd_bond.auth_asym_id_1            A 
_pdbx_validate_rmsd_bond.auth_comp_id_1            GLU 
_pdbx_validate_rmsd_bond.auth_seq_id_1             91 
_pdbx_validate_rmsd_bond.PDB_ins_code_1            ? 
_pdbx_validate_rmsd_bond.label_alt_id_1            ? 
_pdbx_validate_rmsd_bond.auth_atom_id_2            OE1 
_pdbx_validate_rmsd_bond.auth_asym_id_2            A 
_pdbx_validate_rmsd_bond.auth_comp_id_2            GLU 
_pdbx_validate_rmsd_bond.auth_seq_id_2             91 
_pdbx_validate_rmsd_bond.PDB_ins_code_2            ? 
_pdbx_validate_rmsd_bond.label_alt_id_2            ? 
_pdbx_validate_rmsd_bond.bond_value                1.345 
_pdbx_validate_rmsd_bond.bond_target_value         1.252 
_pdbx_validate_rmsd_bond.bond_deviation            0.093 
_pdbx_validate_rmsd_bond.bond_standard_deviation   0.011 
_pdbx_validate_rmsd_bond.linker_flag               N 
# 
loop_
_pdbx_validate_rmsd_angle.id 
_pdbx_validate_rmsd_angle.PDB_model_num 
_pdbx_validate_rmsd_angle.auth_atom_id_1 
_pdbx_validate_rmsd_angle.auth_asym_id_1 
_pdbx_validate_rmsd_angle.auth_comp_id_1 
_pdbx_validate_rmsd_angle.auth_seq_id_1 
_pdbx_validate_rmsd_angle.PDB_ins_code_1 
_pdbx_validate_rmsd_angle.label_alt_id_1 
_pdbx_validate_rmsd_angle.auth_atom_id_2 
_pdbx_validate_rmsd_angle.auth_asym_id_2 
_pdbx_validate_rmsd_angle.auth_comp_id_2 
_pdbx_validate_rmsd_angle.auth_seq_id_2 
_pdbx_validate_rmsd_angle.PDB_ins_code_2 
_pdbx_validate_rmsd_angle.label_alt_id_2 
_pdbx_validate_rmsd_angle.auth_atom_id_3 
_pdbx_validate_rmsd_angle.auth_asym_id_3 
_pdbx_validate_rmsd_angle.auth_comp_id_3 
_pdbx_validate_rmsd_angle.auth_seq_id_3 
_pdbx_validate_rmsd_angle.PDB_ins_code_3 
_pdbx_validate_rmsd_angle.label_alt_id_3 
_pdbx_validate_rmsd_angle.angle_value 
_pdbx_validate_rmsd_angle.angle_target_value 
_pdbx_validate_rmsd_angle.angle_deviation 
_pdbx_validate_rmsd_angle.angle_standard_deviation 
_pdbx_validate_rmsd_angle.linker_flag 
1 1 NE A ARG 7   ? ? CZ A ARG 7   ? ? NH1 A ARG 7   ? ? 123.35 120.30 3.05   0.50 N 
2 1 NE A ARG 7   ? ? CZ A ARG 7   ? ? NH2 A ARG 7   ? ? 116.92 120.30 -3.38  0.50 N 
3 1 CB A LEU 47  ? ? CG A LEU 47  ? ? CD2 A LEU 47  ? ? 100.11 111.00 -10.89 1.70 N 
4 1 C  A ALA 49  ? ? N  A PRO 50  ? ? CA  A PRO 50  ? ? 109.98 119.30 -9.32  1.50 Y 
5 1 NE A ARG 113 ? ? CZ A ARG 113 ? ? NH1 A ARG 113 ? ? 124.34 120.30 4.04   0.50 N 
6 1 NE A ARG 113 ? ? CZ A ARG 113 ? ? NH2 A ARG 113 ? ? 116.67 120.30 -3.63  0.50 N 
7 1 NE A ARG 118 ? ? CZ A ARG 118 ? ? NH1 A ARG 118 ? ? 116.71 120.30 -3.59  0.50 N 
8 1 NE A ARG 118 ? ? CZ A ARG 118 ? ? NH2 A ARG 118 ? ? 124.31 120.30 4.01   0.50 N 
9 1 NE A ARG 129 ? ? CZ A ARG 129 ? ? NH1 A ARG 129 ? ? 123.69 120.30 3.39   0.50 N 
# 
_pdbx_validate_torsion.id              1 
_pdbx_validate_torsion.PDB_model_num   1 
_pdbx_validate_torsion.auth_comp_id    SER 
_pdbx_validate_torsion.auth_asym_id    A 
_pdbx_validate_torsion.auth_seq_id     168 
_pdbx_validate_torsion.PDB_ins_code    ? 
_pdbx_validate_torsion.label_alt_id    ? 
_pdbx_validate_torsion.phi             -148.86 
_pdbx_validate_torsion.psi             38.52 
# 
loop_
_pdbx_unobs_or_zero_occ_residues.id 
_pdbx_unobs_or_zero_occ_residues.PDB_model_num 
_pdbx_unobs_or_zero_occ_residues.polymer_flag 
_pdbx_unobs_or_zero_occ_residues.occupancy_flag 
_pdbx_unobs_or_zero_occ_residues.auth_asym_id 
_pdbx_unobs_or_zero_occ_residues.auth_comp_id 
_pdbx_unobs_or_zero_occ_residues.auth_seq_id 
_pdbx_unobs_or_zero_occ_residues.PDB_ins_code 
_pdbx_unobs_or_zero_occ_residues.label_asym_id 
_pdbx_unobs_or_zero_occ_residues.label_comp_id 
_pdbx_unobs_or_zero_occ_residues.label_seq_id 
1  1 Y 1 A GLU 64  ? A GLU 64  
2  1 Y 1 A ALA 65  ? A ALA 65  
3  1 Y 1 A SER 66  ? A SER 66  
4  1 Y 1 A GLU 67  ? A GLU 67  
5  1 Y 1 A ARG 68  ? A ARG 68  
6  1 Y 1 A TYR 69  ? A TYR 69  
7  1 Y 1 A PRO 70  ? A PRO 70  
8  1 Y 1 A GLU 71  ? A GLU 71  
9  1 Y 1 A ALA 72  ? A ALA 72  
10 1 Y 1 A LEU 171 ? A LEU 171 
# 
loop_
_chem_comp_atom.comp_id 
_chem_comp_atom.atom_id 
_chem_comp_atom.type_symbol 
_chem_comp_atom.pdbx_aromatic_flag 
_chem_comp_atom.pdbx_stereo_config 
_chem_comp_atom.pdbx_ordinal 
56K C1   C  Y N 1   
56K C2   C  Y N 2   
56K C3   C  Y N 3   
56K C4   C  Y N 4   
56K C5   C  Y N 5   
56K C6   C  Y N 6   
56K C8   C  Y N 7   
56K N7   N  N N 8   
56K C12  C  Y N 9   
56K S11  S  Y N 10  
56K C10  C  Y N 11  
56K N9   N  Y N 12  
56K C13  C  N N 13  
56K H1   H  N N 14  
56K H2   H  N N 15  
56K H3   H  N N 16  
56K H4   H  N N 17  
56K H5   H  N N 18  
56K H6   H  N N 19  
56K H7   H  N N 20  
56K H8   H  N N 21  
56K H9   H  N N 22  
56K H10  H  N N 23  
ACT C    C  N N 24  
ACT O    O  N N 25  
ACT OXT  O  N N 26  
ACT CH3  C  N N 27  
ACT H1   H  N N 28  
ACT H2   H  N N 29  
ACT H3   H  N N 30  
ALA N    N  N N 31  
ALA CA   C  N S 32  
ALA C    C  N N 33  
ALA O    O  N N 34  
ALA CB   C  N N 35  
ALA OXT  O  N N 36  
ALA H    H  N N 37  
ALA H2   H  N N 38  
ALA HA   H  N N 39  
ALA HB1  H  N N 40  
ALA HB2  H  N N 41  
ALA HB3  H  N N 42  
ALA HXT  H  N N 43  
ARG N    N  N N 44  
ARG CA   C  N S 45  
ARG C    C  N N 46  
ARG O    O  N N 47  
ARG CB   C  N N 48  
ARG CG   C  N N 49  
ARG CD   C  N N 50  
ARG NE   N  N N 51  
ARG CZ   C  N N 52  
ARG NH1  N  N N 53  
ARG NH2  N  N N 54  
ARG OXT  O  N N 55  
ARG H    H  N N 56  
ARG H2   H  N N 57  
ARG HA   H  N N 58  
ARG HB2  H  N N 59  
ARG HB3  H  N N 60  
ARG HG2  H  N N 61  
ARG HG3  H  N N 62  
ARG HD2  H  N N 63  
ARG HD3  H  N N 64  
ARG HE   H  N N 65  
ARG HH11 H  N N 66  
ARG HH12 H  N N 67  
ARG HH21 H  N N 68  
ARG HH22 H  N N 69  
ARG HXT  H  N N 70  
ASN N    N  N N 71  
ASN CA   C  N S 72  
ASN C    C  N N 73  
ASN O    O  N N 74  
ASN CB   C  N N 75  
ASN CG   C  N N 76  
ASN OD1  O  N N 77  
ASN ND2  N  N N 78  
ASN OXT  O  N N 79  
ASN H    H  N N 80  
ASN H2   H  N N 81  
ASN HA   H  N N 82  
ASN HB2  H  N N 83  
ASN HB3  H  N N 84  
ASN HD21 H  N N 85  
ASN HD22 H  N N 86  
ASN HXT  H  N N 87  
ASP N    N  N N 88  
ASP CA   C  N S 89  
ASP C    C  N N 90  
ASP O    O  N N 91  
ASP CB   C  N N 92  
ASP CG   C  N N 93  
ASP OD1  O  N N 94  
ASP OD2  O  N N 95  
ASP OXT  O  N N 96  
ASP H    H  N N 97  
ASP H2   H  N N 98  
ASP HA   H  N N 99  
ASP HB2  H  N N 100 
ASP HB3  H  N N 101 
ASP HD2  H  N N 102 
ASP HXT  H  N N 103 
CD  CD   CD N N 104 
CYS N    N  N N 105 
CYS CA   C  N R 106 
CYS C    C  N N 107 
CYS O    O  N N 108 
CYS CB   C  N N 109 
CYS SG   S  N N 110 
CYS OXT  O  N N 111 
CYS H    H  N N 112 
CYS H2   H  N N 113 
CYS HA   H  N N 114 
CYS HB2  H  N N 115 
CYS HB3  H  N N 116 
CYS HG   H  N N 117 
CYS HXT  H  N N 118 
GLN N    N  N N 119 
GLN CA   C  N S 120 
GLN C    C  N N 121 
GLN O    O  N N 122 
GLN CB   C  N N 123 
GLN CG   C  N N 124 
GLN CD   C  N N 125 
GLN OE1  O  N N 126 
GLN NE2  N  N N 127 
GLN OXT  O  N N 128 
GLN H    H  N N 129 
GLN H2   H  N N 130 
GLN HA   H  N N 131 
GLN HB2  H  N N 132 
GLN HB3  H  N N 133 
GLN HG2  H  N N 134 
GLN HG3  H  N N 135 
GLN HE21 H  N N 136 
GLN HE22 H  N N 137 
GLN HXT  H  N N 138 
GLU N    N  N N 139 
GLU CA   C  N S 140 
GLU C    C  N N 141 
GLU O    O  N N 142 
GLU CB   C  N N 143 
GLU CG   C  N N 144 
GLU CD   C  N N 145 
GLU OE1  O  N N 146 
GLU OE2  O  N N 147 
GLU OXT  O  N N 148 
GLU H    H  N N 149 
GLU H2   H  N N 150 
GLU HA   H  N N 151 
GLU HB2  H  N N 152 
GLU HB3  H  N N 153 
GLU HG2  H  N N 154 
GLU HG3  H  N N 155 
GLU HE2  H  N N 156 
GLU HXT  H  N N 157 
GLY N    N  N N 158 
GLY CA   C  N N 159 
GLY C    C  N N 160 
GLY O    O  N N 161 
GLY OXT  O  N N 162 
GLY H    H  N N 163 
GLY H2   H  N N 164 
GLY HA2  H  N N 165 
GLY HA3  H  N N 166 
GLY HXT  H  N N 167 
HIS N    N  N N 168 
HIS CA   C  N S 169 
HIS C    C  N N 170 
HIS O    O  N N 171 
HIS CB   C  N N 172 
HIS CG   C  Y N 173 
HIS ND1  N  Y N 174 
HIS CD2  C  Y N 175 
HIS CE1  C  Y N 176 
HIS NE2  N  Y N 177 
HIS OXT  O  N N 178 
HIS H    H  N N 179 
HIS H2   H  N N 180 
HIS HA   H  N N 181 
HIS HB2  H  N N 182 
HIS HB3  H  N N 183 
HIS HD1  H  N N 184 
HIS HD2  H  N N 185 
HIS HE1  H  N N 186 
HIS HE2  H  N N 187 
HIS HXT  H  N N 188 
HOH O    O  N N 189 
HOH H1   H  N N 190 
HOH H2   H  N N 191 
ILE N    N  N N 192 
ILE CA   C  N S 193 
ILE C    C  N N 194 
ILE O    O  N N 195 
ILE CB   C  N S 196 
ILE CG1  C  N N 197 
ILE CG2  C  N N 198 
ILE CD1  C  N N 199 
ILE OXT  O  N N 200 
ILE H    H  N N 201 
ILE H2   H  N N 202 
ILE HA   H  N N 203 
ILE HB   H  N N 204 
ILE HG12 H  N N 205 
ILE HG13 H  N N 206 
ILE HG21 H  N N 207 
ILE HG22 H  N N 208 
ILE HG23 H  N N 209 
ILE HD11 H  N N 210 
ILE HD12 H  N N 211 
ILE HD13 H  N N 212 
ILE HXT  H  N N 213 
LEU N    N  N N 214 
LEU CA   C  N S 215 
LEU C    C  N N 216 
LEU O    O  N N 217 
LEU CB   C  N N 218 
LEU CG   C  N N 219 
LEU CD1  C  N N 220 
LEU CD2  C  N N 221 
LEU OXT  O  N N 222 
LEU H    H  N N 223 
LEU H2   H  N N 224 
LEU HA   H  N N 225 
LEU HB2  H  N N 226 
LEU HB3  H  N N 227 
LEU HG   H  N N 228 
LEU HD11 H  N N 229 
LEU HD12 H  N N 230 
LEU HD13 H  N N 231 
LEU HD21 H  N N 232 
LEU HD22 H  N N 233 
LEU HD23 H  N N 234 
LEU HXT  H  N N 235 
LYS N    N  N N 236 
LYS CA   C  N S 237 
LYS C    C  N N 238 
LYS O    O  N N 239 
LYS CB   C  N N 240 
LYS CG   C  N N 241 
LYS CD   C  N N 242 
LYS CE   C  N N 243 
LYS NZ   N  N N 244 
LYS OXT  O  N N 245 
LYS H    H  N N 246 
LYS H2   H  N N 247 
LYS HA   H  N N 248 
LYS HB2  H  N N 249 
LYS HB3  H  N N 250 
LYS HG2  H  N N 251 
LYS HG3  H  N N 252 
LYS HD2  H  N N 253 
LYS HD3  H  N N 254 
LYS HE2  H  N N 255 
LYS HE3  H  N N 256 
LYS HZ1  H  N N 257 
LYS HZ2  H  N N 258 
LYS HZ3  H  N N 259 
LYS HXT  H  N N 260 
MET N    N  N N 261 
MET CA   C  N S 262 
MET C    C  N N 263 
MET O    O  N N 264 
MET CB   C  N N 265 
MET CG   C  N N 266 
MET SD   S  N N 267 
MET CE   C  N N 268 
MET OXT  O  N N 269 
MET H    H  N N 270 
MET H2   H  N N 271 
MET HA   H  N N 272 
MET HB2  H  N N 273 
MET HB3  H  N N 274 
MET HG2  H  N N 275 
MET HG3  H  N N 276 
MET HE1  H  N N 277 
MET HE2  H  N N 278 
MET HE3  H  N N 279 
MET HXT  H  N N 280 
PHE N    N  N N 281 
PHE CA   C  N S 282 
PHE C    C  N N 283 
PHE O    O  N N 284 
PHE CB   C  N N 285 
PHE CG   C  Y N 286 
PHE CD1  C  Y N 287 
PHE CD2  C  Y N 288 
PHE CE1  C  Y N 289 
PHE CE2  C  Y N 290 
PHE CZ   C  Y N 291 
PHE OXT  O  N N 292 
PHE H    H  N N 293 
PHE H2   H  N N 294 
PHE HA   H  N N 295 
PHE HB2  H  N N 296 
PHE HB3  H  N N 297 
PHE HD1  H  N N 298 
PHE HD2  H  N N 299 
PHE HE1  H  N N 300 
PHE HE2  H  N N 301 
PHE HZ   H  N N 302 
PHE HXT  H  N N 303 
PRO N    N  N N 304 
PRO CA   C  N S 305 
PRO C    C  N N 306 
PRO O    O  N N 307 
PRO CB   C  N N 308 
PRO CG   C  N N 309 
PRO CD   C  N N 310 
PRO OXT  O  N N 311 
PRO H    H  N N 312 
PRO HA   H  N N 313 
PRO HB2  H  N N 314 
PRO HB3  H  N N 315 
PRO HG2  H  N N 316 
PRO HG3  H  N N 317 
PRO HD2  H  N N 318 
PRO HD3  H  N N 319 
PRO HXT  H  N N 320 
SER N    N  N N 321 
SER CA   C  N S 322 
SER C    C  N N 323 
SER O    O  N N 324 
SER CB   C  N N 325 
SER OG   O  N N 326 
SER OXT  O  N N 327 
SER H    H  N N 328 
SER H2   H  N N 329 
SER HA   H  N N 330 
SER HB2  H  N N 331 
SER HB3  H  N N 332 
SER HG   H  N N 333 
SER HXT  H  N N 334 
THR N    N  N N 335 
THR CA   C  N S 336 
THR C    C  N N 337 
THR O    O  N N 338 
THR CB   C  N R 339 
THR OG1  O  N N 340 
THR CG2  C  N N 341 
THR OXT  O  N N 342 
THR H    H  N N 343 
THR H2   H  N N 344 
THR HA   H  N N 345 
THR HB   H  N N 346 
THR HG1  H  N N 347 
THR HG21 H  N N 348 
THR HG22 H  N N 349 
THR HG23 H  N N 350 
THR HXT  H  N N 351 
TRP N    N  N N 352 
TRP CA   C  N S 353 
TRP C    C  N N 354 
TRP O    O  N N 355 
TRP CB   C  N N 356 
TRP CG   C  Y N 357 
TRP CD1  C  Y N 358 
TRP CD2  C  Y N 359 
TRP NE1  N  Y N 360 
TRP CE2  C  Y N 361 
TRP CE3  C  Y N 362 
TRP CZ2  C  Y N 363 
TRP CZ3  C  Y N 364 
TRP CH2  C  Y N 365 
TRP OXT  O  N N 366 
TRP H    H  N N 367 
TRP H2   H  N N 368 
TRP HA   H  N N 369 
TRP HB2  H  N N 370 
TRP HB3  H  N N 371 
TRP HD1  H  N N 372 
TRP HE1  H  N N 373 
TRP HE3  H  N N 374 
TRP HZ2  H  N N 375 
TRP HZ3  H  N N 376 
TRP HH2  H  N N 377 
TRP HXT  H  N N 378 
TYR N    N  N N 379 
TYR CA   C  N S 380 
TYR C    C  N N 381 
TYR O    O  N N 382 
TYR CB   C  N N 383 
TYR CG   C  Y N 384 
TYR CD1  C  Y N 385 
TYR CD2  C  Y N 386 
TYR CE1  C  Y N 387 
TYR CE2  C  Y N 388 
TYR CZ   C  Y N 389 
TYR OH   O  N N 390 
TYR OXT  O  N N 391 
TYR H    H  N N 392 
TYR H2   H  N N 393 
TYR HA   H  N N 394 
TYR HB2  H  N N 395 
TYR HB3  H  N N 396 
TYR HD1  H  N N 397 
TYR HD2  H  N N 398 
TYR HE1  H  N N 399 
TYR HE2  H  N N 400 
TYR HH   H  N N 401 
TYR HXT  H  N N 402 
VAL N    N  N N 403 
VAL CA   C  N S 404 
VAL C    C  N N 405 
VAL O    O  N N 406 
VAL CB   C  N N 407 
VAL CG1  C  N N 408 
VAL CG2  C  N N 409 
VAL OXT  O  N N 410 
VAL H    H  N N 411 
VAL H2   H  N N 412 
VAL HA   H  N N 413 
VAL HB   H  N N 414 
VAL HG11 H  N N 415 
VAL HG12 H  N N 416 
VAL HG13 H  N N 417 
VAL HG21 H  N N 418 
VAL HG22 H  N N 419 
VAL HG23 H  N N 420 
VAL HXT  H  N N 421 
# 
loop_
_chem_comp_bond.comp_id 
_chem_comp_bond.atom_id_1 
_chem_comp_bond.atom_id_2 
_chem_comp_bond.value_order 
_chem_comp_bond.pdbx_aromatic_flag 
_chem_comp_bond.pdbx_stereo_config 
_chem_comp_bond.pdbx_ordinal 
56K C13 C10  sing N N 1   
56K C10 S11  sing Y N 2   
56K C10 N9   doub Y N 3   
56K S11 C12  sing Y N 4   
56K N9  C8   sing Y N 5   
56K C12 C8   doub Y N 6   
56K C8  C3   sing N N 7   
56K C2  C3   doub Y N 8   
56K C2  C1   sing Y N 9   
56K C3  C4   sing Y N 10  
56K C1  C6   doub Y N 11  
56K C4  C5   doub Y N 12  
56K C6  C5   sing Y N 13  
56K C5  N7   sing N N 14  
56K C1  H1   sing N N 15  
56K C2  H2   sing N N 16  
56K C4  H3   sing N N 17  
56K C6  H4   sing N N 18  
56K N7  H5   sing N N 19  
56K N7  H6   sing N N 20  
56K C12 H7   sing N N 21  
56K C13 H8   sing N N 22  
56K C13 H9   sing N N 23  
56K C13 H10  sing N N 24  
ACT C   O    doub N N 25  
ACT C   OXT  sing N N 26  
ACT C   CH3  sing N N 27  
ACT CH3 H1   sing N N 28  
ACT CH3 H2   sing N N 29  
ACT CH3 H3   sing N N 30  
ALA N   CA   sing N N 31  
ALA N   H    sing N N 32  
ALA N   H2   sing N N 33  
ALA CA  C    sing N N 34  
ALA CA  CB   sing N N 35  
ALA CA  HA   sing N N 36  
ALA C   O    doub N N 37  
ALA C   OXT  sing N N 38  
ALA CB  HB1  sing N N 39  
ALA CB  HB2  sing N N 40  
ALA CB  HB3  sing N N 41  
ALA OXT HXT  sing N N 42  
ARG N   CA   sing N N 43  
ARG N   H    sing N N 44  
ARG N   H2   sing N N 45  
ARG CA  C    sing N N 46  
ARG CA  CB   sing N N 47  
ARG CA  HA   sing N N 48  
ARG C   O    doub N N 49  
ARG C   OXT  sing N N 50  
ARG CB  CG   sing N N 51  
ARG CB  HB2  sing N N 52  
ARG CB  HB3  sing N N 53  
ARG CG  CD   sing N N 54  
ARG CG  HG2  sing N N 55  
ARG CG  HG3  sing N N 56  
ARG CD  NE   sing N N 57  
ARG CD  HD2  sing N N 58  
ARG CD  HD3  sing N N 59  
ARG NE  CZ   sing N N 60  
ARG NE  HE   sing N N 61  
ARG CZ  NH1  sing N N 62  
ARG CZ  NH2  doub N N 63  
ARG NH1 HH11 sing N N 64  
ARG NH1 HH12 sing N N 65  
ARG NH2 HH21 sing N N 66  
ARG NH2 HH22 sing N N 67  
ARG OXT HXT  sing N N 68  
ASN N   CA   sing N N 69  
ASN N   H    sing N N 70  
ASN N   H2   sing N N 71  
ASN CA  C    sing N N 72  
ASN CA  CB   sing N N 73  
ASN CA  HA   sing N N 74  
ASN C   O    doub N N 75  
ASN C   OXT  sing N N 76  
ASN CB  CG   sing N N 77  
ASN CB  HB2  sing N N 78  
ASN CB  HB3  sing N N 79  
ASN CG  OD1  doub N N 80  
ASN CG  ND2  sing N N 81  
ASN ND2 HD21 sing N N 82  
ASN ND2 HD22 sing N N 83  
ASN OXT HXT  sing N N 84  
ASP N   CA   sing N N 85  
ASP N   H    sing N N 86  
ASP N   H2   sing N N 87  
ASP CA  C    sing N N 88  
ASP CA  CB   sing N N 89  
ASP CA  HA   sing N N 90  
ASP C   O    doub N N 91  
ASP C   OXT  sing N N 92  
ASP CB  CG   sing N N 93  
ASP CB  HB2  sing N N 94  
ASP CB  HB3  sing N N 95  
ASP CG  OD1  doub N N 96  
ASP CG  OD2  sing N N 97  
ASP OD2 HD2  sing N N 98  
ASP OXT HXT  sing N N 99  
CYS N   CA   sing N N 100 
CYS N   H    sing N N 101 
CYS N   H2   sing N N 102 
CYS CA  C    sing N N 103 
CYS CA  CB   sing N N 104 
CYS CA  HA   sing N N 105 
CYS C   O    doub N N 106 
CYS C   OXT  sing N N 107 
CYS CB  SG   sing N N 108 
CYS CB  HB2  sing N N 109 
CYS CB  HB3  sing N N 110 
CYS SG  HG   sing N N 111 
CYS OXT HXT  sing N N 112 
GLN N   CA   sing N N 113 
GLN N   H    sing N N 114 
GLN N   H2   sing N N 115 
GLN CA  C    sing N N 116 
GLN CA  CB   sing N N 117 
GLN CA  HA   sing N N 118 
GLN C   O    doub N N 119 
GLN C   OXT  sing N N 120 
GLN CB  CG   sing N N 121 
GLN CB  HB2  sing N N 122 
GLN CB  HB3  sing N N 123 
GLN CG  CD   sing N N 124 
GLN CG  HG2  sing N N 125 
GLN CG  HG3  sing N N 126 
GLN CD  OE1  doub N N 127 
GLN CD  NE2  sing N N 128 
GLN NE2 HE21 sing N N 129 
GLN NE2 HE22 sing N N 130 
GLN OXT HXT  sing N N 131 
GLU N   CA   sing N N 132 
GLU N   H    sing N N 133 
GLU N   H2   sing N N 134 
GLU CA  C    sing N N 135 
GLU CA  CB   sing N N 136 
GLU CA  HA   sing N N 137 
GLU C   O    doub N N 138 
GLU C   OXT  sing N N 139 
GLU CB  CG   sing N N 140 
GLU CB  HB2  sing N N 141 
GLU CB  HB3  sing N N 142 
GLU CG  CD   sing N N 143 
GLU CG  HG2  sing N N 144 
GLU CG  HG3  sing N N 145 
GLU CD  OE1  doub N N 146 
GLU CD  OE2  sing N N 147 
GLU OE2 HE2  sing N N 148 
GLU OXT HXT  sing N N 149 
GLY N   CA   sing N N 150 
GLY N   H    sing N N 151 
GLY N   H2   sing N N 152 
GLY CA  C    sing N N 153 
GLY CA  HA2  sing N N 154 
GLY CA  HA3  sing N N 155 
GLY C   O    doub N N 156 
GLY C   OXT  sing N N 157 
GLY OXT HXT  sing N N 158 
HIS N   CA   sing N N 159 
HIS N   H    sing N N 160 
HIS N   H2   sing N N 161 
HIS CA  C    sing N N 162 
HIS CA  CB   sing N N 163 
HIS CA  HA   sing N N 164 
HIS C   O    doub N N 165 
HIS C   OXT  sing N N 166 
HIS CB  CG   sing N N 167 
HIS CB  HB2  sing N N 168 
HIS CB  HB3  sing N N 169 
HIS CG  ND1  sing Y N 170 
HIS CG  CD2  doub Y N 171 
HIS ND1 CE1  doub Y N 172 
HIS ND1 HD1  sing N N 173 
HIS CD2 NE2  sing Y N 174 
HIS CD2 HD2  sing N N 175 
HIS CE1 NE2  sing Y N 176 
HIS CE1 HE1  sing N N 177 
HIS NE2 HE2  sing N N 178 
HIS OXT HXT  sing N N 179 
HOH O   H1   sing N N 180 
HOH O   H2   sing N N 181 
ILE N   CA   sing N N 182 
ILE N   H    sing N N 183 
ILE N   H2   sing N N 184 
ILE CA  C    sing N N 185 
ILE CA  CB   sing N N 186 
ILE CA  HA   sing N N 187 
ILE C   O    doub N N 188 
ILE C   OXT  sing N N 189 
ILE CB  CG1  sing N N 190 
ILE CB  CG2  sing N N 191 
ILE CB  HB   sing N N 192 
ILE CG1 CD1  sing N N 193 
ILE CG1 HG12 sing N N 194 
ILE CG1 HG13 sing N N 195 
ILE CG2 HG21 sing N N 196 
ILE CG2 HG22 sing N N 197 
ILE CG2 HG23 sing N N 198 
ILE CD1 HD11 sing N N 199 
ILE CD1 HD12 sing N N 200 
ILE CD1 HD13 sing N N 201 
ILE OXT HXT  sing N N 202 
LEU N   CA   sing N N 203 
LEU N   H    sing N N 204 
LEU N   H2   sing N N 205 
LEU CA  C    sing N N 206 
LEU CA  CB   sing N N 207 
LEU CA  HA   sing N N 208 
LEU C   O    doub N N 209 
LEU C   OXT  sing N N 210 
LEU CB  CG   sing N N 211 
LEU CB  HB2  sing N N 212 
LEU CB  HB3  sing N N 213 
LEU CG  CD1  sing N N 214 
LEU CG  CD2  sing N N 215 
LEU CG  HG   sing N N 216 
LEU CD1 HD11 sing N N 217 
LEU CD1 HD12 sing N N 218 
LEU CD1 HD13 sing N N 219 
LEU CD2 HD21 sing N N 220 
LEU CD2 HD22 sing N N 221 
LEU CD2 HD23 sing N N 222 
LEU OXT HXT  sing N N 223 
LYS N   CA   sing N N 224 
LYS N   H    sing N N 225 
LYS N   H2   sing N N 226 
LYS CA  C    sing N N 227 
LYS CA  CB   sing N N 228 
LYS CA  HA   sing N N 229 
LYS C   O    doub N N 230 
LYS C   OXT  sing N N 231 
LYS CB  CG   sing N N 232 
LYS CB  HB2  sing N N 233 
LYS CB  HB3  sing N N 234 
LYS CG  CD   sing N N 235 
LYS CG  HG2  sing N N 236 
LYS CG  HG3  sing N N 237 
LYS CD  CE   sing N N 238 
LYS CD  HD2  sing N N 239 
LYS CD  HD3  sing N N 240 
LYS CE  NZ   sing N N 241 
LYS CE  HE2  sing N N 242 
LYS CE  HE3  sing N N 243 
LYS NZ  HZ1  sing N N 244 
LYS NZ  HZ2  sing N N 245 
LYS NZ  HZ3  sing N N 246 
LYS OXT HXT  sing N N 247 
MET N   CA   sing N N 248 
MET N   H    sing N N 249 
MET N   H2   sing N N 250 
MET CA  C    sing N N 251 
MET CA  CB   sing N N 252 
MET CA  HA   sing N N 253 
MET C   O    doub N N 254 
MET C   OXT  sing N N 255 
MET CB  CG   sing N N 256 
MET CB  HB2  sing N N 257 
MET CB  HB3  sing N N 258 
MET CG  SD   sing N N 259 
MET CG  HG2  sing N N 260 
MET CG  HG3  sing N N 261 
MET SD  CE   sing N N 262 
MET CE  HE1  sing N N 263 
MET CE  HE2  sing N N 264 
MET CE  HE3  sing N N 265 
MET OXT HXT  sing N N 266 
PHE N   CA   sing N N 267 
PHE N   H    sing N N 268 
PHE N   H2   sing N N 269 
PHE CA  C    sing N N 270 
PHE CA  CB   sing N N 271 
PHE CA  HA   sing N N 272 
PHE C   O    doub N N 273 
PHE C   OXT  sing N N 274 
PHE CB  CG   sing N N 275 
PHE CB  HB2  sing N N 276 
PHE CB  HB3  sing N N 277 
PHE CG  CD1  doub Y N 278 
PHE CG  CD2  sing Y N 279 
PHE CD1 CE1  sing Y N 280 
PHE CD1 HD1  sing N N 281 
PHE CD2 CE2  doub Y N 282 
PHE CD2 HD2  sing N N 283 
PHE CE1 CZ   doub Y N 284 
PHE CE1 HE1  sing N N 285 
PHE CE2 CZ   sing Y N 286 
PHE CE2 HE2  sing N N 287 
PHE CZ  HZ   sing N N 288 
PHE OXT HXT  sing N N 289 
PRO N   CA   sing N N 290 
PRO N   CD   sing N N 291 
PRO N   H    sing N N 292 
PRO CA  C    sing N N 293 
PRO CA  CB   sing N N 294 
PRO CA  HA   sing N N 295 
PRO C   O    doub N N 296 
PRO C   OXT  sing N N 297 
PRO CB  CG   sing N N 298 
PRO CB  HB2  sing N N 299 
PRO CB  HB3  sing N N 300 
PRO CG  CD   sing N N 301 
PRO CG  HG2  sing N N 302 
PRO CG  HG3  sing N N 303 
PRO CD  HD2  sing N N 304 
PRO CD  HD3  sing N N 305 
PRO OXT HXT  sing N N 306 
SER N   CA   sing N N 307 
SER N   H    sing N N 308 
SER N   H2   sing N N 309 
SER CA  C    sing N N 310 
SER CA  CB   sing N N 311 
SER CA  HA   sing N N 312 
SER C   O    doub N N 313 
SER C   OXT  sing N N 314 
SER CB  OG   sing N N 315 
SER CB  HB2  sing N N 316 
SER CB  HB3  sing N N 317 
SER OG  HG   sing N N 318 
SER OXT HXT  sing N N 319 
THR N   CA   sing N N 320 
THR N   H    sing N N 321 
THR N   H2   sing N N 322 
THR CA  C    sing N N 323 
THR CA  CB   sing N N 324 
THR CA  HA   sing N N 325 
THR C   O    doub N N 326 
THR C   OXT  sing N N 327 
THR CB  OG1  sing N N 328 
THR CB  CG2  sing N N 329 
THR CB  HB   sing N N 330 
THR OG1 HG1  sing N N 331 
THR CG2 HG21 sing N N 332 
THR CG2 HG22 sing N N 333 
THR CG2 HG23 sing N N 334 
THR OXT HXT  sing N N 335 
TRP N   CA   sing N N 336 
TRP N   H    sing N N 337 
TRP N   H2   sing N N 338 
TRP CA  C    sing N N 339 
TRP CA  CB   sing N N 340 
TRP CA  HA   sing N N 341 
TRP C   O    doub N N 342 
TRP C   OXT  sing N N 343 
TRP CB  CG   sing N N 344 
TRP CB  HB2  sing N N 345 
TRP CB  HB3  sing N N 346 
TRP CG  CD1  doub Y N 347 
TRP CG  CD2  sing Y N 348 
TRP CD1 NE1  sing Y N 349 
TRP CD1 HD1  sing N N 350 
TRP CD2 CE2  doub Y N 351 
TRP CD2 CE3  sing Y N 352 
TRP NE1 CE2  sing Y N 353 
TRP NE1 HE1  sing N N 354 
TRP CE2 CZ2  sing Y N 355 
TRP CE3 CZ3  doub Y N 356 
TRP CE3 HE3  sing N N 357 
TRP CZ2 CH2  doub Y N 358 
TRP CZ2 HZ2  sing N N 359 
TRP CZ3 CH2  sing Y N 360 
TRP CZ3 HZ3  sing N N 361 
TRP CH2 HH2  sing N N 362 
TRP OXT HXT  sing N N 363 
TYR N   CA   sing N N 364 
TYR N   H    sing N N 365 
TYR N   H2   sing N N 366 
TYR CA  C    sing N N 367 
TYR CA  CB   sing N N 368 
TYR CA  HA   sing N N 369 
TYR C   O    doub N N 370 
TYR C   OXT  sing N N 371 
TYR CB  CG   sing N N 372 
TYR CB  HB2  sing N N 373 
TYR CB  HB3  sing N N 374 
TYR CG  CD1  doub Y N 375 
TYR CG  CD2  sing Y N 376 
TYR CD1 CE1  sing Y N 377 
TYR CD1 HD1  sing N N 378 
TYR CD2 CE2  doub Y N 379 
TYR CD2 HD2  sing N N 380 
TYR CE1 CZ   doub Y N 381 
TYR CE1 HE1  sing N N 382 
TYR CE2 CZ   sing Y N 383 
TYR CE2 HE2  sing N N 384 
TYR CZ  OH   sing N N 385 
TYR OH  HH   sing N N 386 
TYR OXT HXT  sing N N 387 
VAL N   CA   sing N N 388 
VAL N   H    sing N N 389 
VAL N   H2   sing N N 390 
VAL CA  C    sing N N 391 
VAL CA  CB   sing N N 392 
VAL CA  HA   sing N N 393 
VAL C   O    doub N N 394 
VAL C   OXT  sing N N 395 
VAL CB  CG1  sing N N 396 
VAL CB  CG2  sing N N 397 
VAL CB  HB   sing N N 398 
VAL CG1 HG11 sing N N 399 
VAL CG1 HG12 sing N N 400 
VAL CG1 HG13 sing N N 401 
VAL CG2 HG21 sing N N 402 
VAL CG2 HG22 sing N N 403 
VAL CG2 HG23 sing N N 404 
VAL OXT HXT  sing N N 405 
# 
_atom_sites.entry_id                    5CWX 
_atom_sites.fract_transf_matrix[1][1]   0.01664634 
_atom_sites.fract_transf_matrix[1][2]   -0.01054707 
_atom_sites.fract_transf_matrix[1][3]   0.00095307 
_atom_sites.fract_transf_matrix[2][1]   0.01312975 
_atom_sites.fract_transf_matrix[2][2]   0.00094149 
_atom_sites.fract_transf_matrix[2][3]   -0.01469547 
_atom_sites.fract_transf_matrix[3][1]   0.00173027 
_atom_sites.fract_transf_matrix[3][2]   0.00288728 
_atom_sites.fract_transf_matrix[3][3]   0.00173090 
_atom_sites.fract_transf_vector[1]      -0.039018 
_atom_sites.fract_transf_vector[2]      -0.336825 
_atom_sites.fract_transf_vector[3]      0.016672 
# 
loop_
_atom_type.symbol 
C  
CD 
N  
O  
S  
# 
loop_
_atom_site.group_PDB 
_atom_site.id 
_atom_site.type_symbol 
_atom_site.label_atom_id 
_atom_site.label_alt_id 
_atom_site.label_comp_id 
_atom_site.label_asym_id 
_atom_site.label_entity_id 
_atom_site.label_seq_id 
_atom_site.pdbx_PDB_ins_code 
_atom_site.Cartn_x 
_atom_site.Cartn_y 
_atom_site.Cartn_z 
_atom_site.occupancy 
_atom_site.B_iso_or_equiv 
_atom_site.pdbx_formal_charge 
_atom_site.auth_seq_id 
_atom_site.auth_comp_id 
_atom_site.auth_asym_id 
_atom_site.auth_atom_id 
_atom_site.pdbx_PDB_model_num 
ATOM   1    N  N   . MET A 1 1   ? -9.126  17.186  -1.134  1.00 34.45  ? 1   MET A N   1 
ATOM   2    C  CA  . MET A 1 1   ? -8.434  17.720  -2.329  1.00 37.73  ? 1   MET A CA  1 
ATOM   3    C  C   . MET A 1 1   ? -7.619  16.574  -2.963  1.00 42.34  ? 1   MET A C   1 
ATOM   4    O  O   . MET A 1 1   ? -6.932  15.822  -2.251  1.00 44.60  ? 1   MET A O   1 
ATOM   5    C  CB  . MET A 1 1   ? -7.528  18.867  -1.889  1.00 41.82  ? 1   MET A CB  1 
ATOM   6    C  CG  . MET A 1 1   ? -6.448  19.212  -2.882  1.00 52.59  ? 1   MET A CG  1 
ATOM   7    S  SD  . MET A 1 1   ? -5.367  20.474  -2.179  1.00 79.02  ? 1   MET A SD  1 
ATOM   8    C  CE  . MET A 1 1   ? -3.910  19.629  -1.522  1.00 57.17  ? 1   MET A CE  1 
ATOM   9    N  N   . ILE A 1 2   ? -7.718  16.397  -4.280  1.00 42.70  ? 2   ILE A N   1 
ATOM   10   C  CA  . ILE A 1 2   ? -6.988  15.345  -4.948  1.00 35.80  ? 2   ILE A CA  1 
ATOM   11   C  C   . ILE A 1 2   ? -5.530  15.760  -5.049  1.00 34.49  ? 2   ILE A C   1 
ATOM   12   O  O   . ILE A 1 2   ? -5.245  16.843  -5.505  1.00 40.40  ? 2   ILE A O   1 
ATOM   13   C  CB  . ILE A 1 2   ? -7.603  14.961  -6.335  1.00 40.67  ? 2   ILE A CB  1 
ATOM   14   C  CG1 . ILE A 1 2   ? -8.903  14.152  -6.124  1.00 40.20  ? 2   ILE A CG1 1 
ATOM   15   C  CG2 . ILE A 1 2   ? -6.602  14.131  -7.187  1.00 30.84  ? 2   ILE A CG2 1 
ATOM   16   C  CD1 . ILE A 1 2   ? -9.842  14.110  -7.332  1.00 38.62  ? 2   ILE A CD1 1 
ATOM   17   N  N   . ARG A 1 3   ? -4.610  14.917  -4.580  1.00 34.33  ? 3   ARG A N   1 
ATOM   18   C  CA  . ARG A 1 3   ? -3.143  15.127  -4.763  1.00 33.54  ? 3   ARG A CA  1 
ATOM   19   C  C   . ARG A 1 3   ? -2.512  14.392  -5.959  1.00 33.61  ? 3   ARG A C   1 
ATOM   20   O  O   . ARG A 1 3   ? -2.971  13.333  -6.377  1.00 36.82  ? 3   ARG A O   1 
ATOM   21   C  CB  . ARG A 1 3   ? -2.408  14.624  -3.535  1.00 38.15  ? 3   ARG A CB  1 
ATOM   22   C  CG  . ARG A 1 3   ? -3.073  15.002  -2.244  1.00 41.28  ? 3   ARG A CG  1 
ATOM   23   C  CD  . ARG A 1 3   ? -2.715  16.442  -1.896  1.00 45.12  ? 3   ARG A CD  1 
ATOM   24   N  NE  . ARG A 1 3   ? -2.982  16.598  -0.479  1.00 52.39  ? 3   ARG A NE  1 
ATOM   25   C  CZ  . ARG A 1 3   ? -2.067  16.669  0.486   1.00 47.49  ? 3   ARG A CZ  1 
ATOM   26   N  NH1 . ARG A 1 3   ? -0.763  16.672  0.225   1.00 46.20  ? 3   ARG A NH1 1 
ATOM   27   N  NH2 . ARG A 1 3   ? -2.493  16.799  1.726   1.00 50.90  ? 3   ARG A NH2 1 
ATOM   28   N  N   . ASP A 1 4   ? -1.409  14.937  -6.438  1.00 36.82  ? 4   ASP A N   1 
ATOM   29   C  CA  . ASP A 1 4   ? -0.614  14.364  -7.507  1.00 36.84  ? 4   ASP A CA  1 
ATOM   30   C  C   . ASP A 1 4   ? 0.050   13.141  -7.003  1.00 35.11  ? 4   ASP A C   1 
ATOM   31   O  O   . ASP A 1 4   ? 0.649   13.151  -5.927  1.00 28.90  ? 4   ASP A O   1 
ATOM   32   C  CB  . ASP A 1 4   ? 0.489   15.349  -7.905  1.00 41.14  ? 4   ASP A CB  1 
ATOM   33   C  CG  . ASP A 1 4   ? -0.018  16.463  -8.797  1.00 46.20  ? 4   ASP A CG  1 
ATOM   34   O  OD1 . ASP A 1 4   ? -1.142  16.410  -9.350  1.00 47.19  ? 4   ASP A OD1 1 
ATOM   35   O  OD2 . ASP A 1 4   ? 0.751   17.396  -8.986  1.00 57.26  ? 4   ASP A OD2 1 
ATOM   36   N  N   . ILE A 1 5   ? -0.048  12.069  -7.768  1.00 31.69  ? 5   ILE A N   1 
ATOM   37   C  CA  . ILE A 1 5   ? 0.691   10.880  -7.418  1.00 32.70  ? 5   ILE A CA  1 
ATOM   38   C  C   . ILE A 1 5   ? 2.026   10.885  -8.122  1.00 32.58  ? 5   ILE A C   1 
ATOM   39   O  O   . ILE A 1 5   ? 2.077   11.034  -9.361  1.00 34.32  ? 5   ILE A O   1 
ATOM   40   C  CB  . ILE A 1 5   ? -0.108  9.623   -7.768  1.00 33.20  ? 5   ILE A CB  1 
ATOM   41   C  CG1 . ILE A 1 5   ? -1.386  9.622   -6.919  1.00 30.88  ? 5   ILE A CG1 1 
ATOM   42   C  CG2 . ILE A 1 5   ? 0.754   8.399   -7.536  1.00 31.86  ? 5   ILE A CG2 1 
ATOM   43   C  CD1 . ILE A 1 5   ? -2.490  8.702   -7.414  1.00 29.23  ? 5   ILE A CD1 1 
ATOM   44   N  N   . ILE A 1 6   ? 3.107   10.737  -7.355  1.00 31.02  ? 6   ILE A N   1 
ATOM   45   C  CA  . ILE A 1 6   ? 4.436   10.646  -7.961  1.00 30.04  ? 6   ILE A CA  1 
ATOM   46   C  C   . ILE A 1 6   ? 4.751   9.235   -8.469  1.00 30.73  ? 6   ILE A C   1 
ATOM   47   O  O   . ILE A 1 6   ? 4.316   8.245   -7.875  1.00 31.42  ? 6   ILE A O   1 
ATOM   48   C  CB  . ILE A 1 6   ? 5.553   11.250  -7.046  1.00 27.76  ? 6   ILE A CB  1 
ATOM   49   C  CG1 . ILE A 1 6   ? 5.691   10.423  -5.770  1.00 26.49  ? 6   ILE A CG1 1 
ATOM   50   C  CG2 . ILE A 1 6   ? 5.171   12.726  -6.753  1.00 30.58  ? 6   ILE A CG2 1 
ATOM   51   C  CD1 . ILE A 1 6   ? 6.842   10.779  -4.870  1.00 26.25  ? 6   ILE A CD1 1 
ATOM   52   N  N   . ARG A 1 7   ? 5.549   9.170   -9.541  1.00 30.66  ? 7   ARG A N   1 
ATOM   53   C  CA  . ARG A 1 7   ? 5.825   7.928   -10.242 1.00 31.03  ? 7   ARG A CA  1 
ATOM   54   C  C   . ARG A 1 7   ? 7.233   7.408   -9.995  1.00 31.07  ? 7   ARG A C   1 
ATOM   55   O  O   . ARG A 1 7   ? 8.187   8.196   -9.641  1.00 28.17  ? 7   ARG A O   1 
ATOM   56   C  CB  . ARG A 1 7   ? 5.544   8.089   -11.751 1.00 34.72  ? 7   ARG A CB  1 
ATOM   57   C  CG  . ARG A 1 7   ? 4.049   8.054   -12.105 1.00 34.10  ? 7   ARG A CG  1 
ATOM   58   C  CD  . ARG A 1 7   ? 3.851   8.390   -13.578 1.00 39.41  ? 7   ARG A CD  1 
ATOM   59   N  NE  . ARG A 1 7   ? 4.316   9.745   -13.810 1.00 40.79  ? 7   ARG A NE  1 
ATOM   60   C  CZ  . ARG A 1 7   ? 5.216   10.130  -14.703 1.00 43.04  ? 7   ARG A CZ  1 
ATOM   61   N  NH1 . ARG A 1 7   ? 5.819   9.290   -15.547 1.00 40.93  ? 7   ARG A NH1 1 
ATOM   62   N  NH2 . ARG A 1 7   ? 5.522   11.411  -14.726 1.00 45.75  ? 7   ARG A NH2 1 
ATOM   63   N  N   . MET A 1 8   ? 7.339   6.078   -10.150 1.00 28.98  ? 8   MET A N   1 
ATOM   64   C  CA  . MET A 1 8   ? 8.603   5.338   -9.990  1.00 30.18  ? 8   MET A CA  1 
ATOM   65   C  C   . MET A 1 8   ? 9.671   6.045   -10.724 1.00 28.48  ? 8   MET A C   1 
ATOM   66   O  O   . MET A 1 8   ? 9.461   6.541   -11.841 1.00 29.88  ? 8   MET A O   1 
ATOM   67   C  CB  . MET A 1 8   ? 8.519   3.900   -10.469 1.00 32.04  ? 8   MET A CB  1 
ATOM   68   C  CG  . MET A 1 8   ? 9.757   3.079   -10.081 1.00 31.26  ? 8   MET A CG  1 
ATOM   69   S  SD  . MET A 1 8   ? 9.494   1.296   -10.487 1.00 29.97  ? 8   MET A SD  1 
ATOM   70   C  CE  . MET A 1 8   ? 9.485   1.446   -12.294 1.00 24.71  ? 8   MET A CE  1 
ATOM   71   N  N   . GLY A 1 9   ? 10.805  6.175   -10.056 1.00 32.55  ? 9   GLY A N   1 
ATOM   72   C  CA  . GLY A 1 9   ? 11.822  7.084   -10.554 1.00 35.14  ? 9   GLY A CA  1 
ATOM   73   C  C   . GLY A 1 9   ? 12.013  8.268   -9.622  1.00 35.48  ? 9   GLY A C   1 
ATOM   74   O  O   . GLY A 1 9   ? 13.120  8.739   -9.473  1.00 35.36  ? 9   GLY A O   1 
ATOM   75   N  N   . ASP A 1 10  ? 10.936  8.739   -8.997  1.00 35.82  ? 10  ASP A N   1 
ATOM   76   C  CA  . ASP A 1 10  ? 11.015  9.829   -8.004  1.00 32.72  ? 10  ASP A CA  1 
ATOM   77   C  C   . ASP A 1 10  ? 11.707  9.306   -6.727  1.00 32.80  ? 10  ASP A C   1 
ATOM   78   O  O   . ASP A 1 10  ? 11.354  8.243   -6.206  1.00 33.39  ? 10  ASP A O   1 
ATOM   79   C  CB  . ASP A 1 10  ? 9.581   10.427  -7.737  1.00 28.60  ? 10  ASP A CB  1 
ATOM   80   C  CG  . ASP A 1 10  ? 9.627   11.722  -6.905  1.00 28.06  ? 10  ASP A CG  1 
ATOM   81   O  OD1 . ASP A 1 10  ? 10.365  11.770  -5.904  1.00 25.13  ? 10  ASP A OD1 1 
ATOM   82   O  OD2 . ASP A 1 10  ? 8.948   12.687  -7.246  1.00 27.35  ? 10  ASP A OD2 1 
ATOM   83   N  N   . LYS A 1 11  ? 12.735  10.010  -6.254  1.00 35.09  ? 11  LYS A N   1 
ATOM   84   C  CA  . LYS A 1 11  ? 13.470  9.556   -5.058  1.00 34.01  ? 11  LYS A CA  1 
ATOM   85   C  C   . LYS A 1 11  ? 12.588  9.515   -3.813  1.00 30.70  ? 11  LYS A C   1 
ATOM   86   O  O   . LYS A 1 11  ? 12.873  8.802   -2.856  1.00 28.89  ? 11  LYS A O   1 
ATOM   87   C  CB  . LYS A 1 11  ? 14.703  10.435  -4.771  1.00 34.96  ? 11  LYS A CB  1 
ATOM   88   C  CG  . LYS A 1 11  ? 15.920  10.122  -5.602  1.00 41.71  ? 11  LYS A CG  1 
ATOM   89   C  CD  . LYS A 1 11  ? 16.976  11.204  -5.383  1.00 50.64  ? 11  LYS A CD  1 
ATOM   90   C  CE  . LYS A 1 11  ? 17.888  11.356  -6.596  1.00 56.60  ? 11  LYS A CE  1 
ATOM   91   N  NZ  . LYS A 1 11  ? 19.077  10.460  -6.511  1.00 51.40  ? 11  LYS A NZ  1 
ATOM   92   N  N   . ARG A 1 12  ? 11.500  10.260  -3.826  1.00 30.09  ? 12  ARG A N   1 
ATOM   93   C  CA  . ARG A 1 12  ? 10.675  10.305  -2.635  1.00 32.10  ? 12  ARG A CA  1 
ATOM   94   C  C   . ARG A 1 12  ? 9.958   8.993   -2.369  1.00 34.61  ? 12  ARG A C   1 
ATOM   95   O  O   . ARG A 1 12  ? 9.509   8.767   -1.254  1.00 34.04  ? 12  ARG A O   1 
ATOM   96   C  CB  . ARG A 1 12  ? 9.763   11.519  -2.680  1.00 31.33  ? 12  ARG A CB  1 
ATOM   97   C  CG  . ARG A 1 12  ? 10.664  12.772  -2.720  1.00 30.62  ? 12  ARG A CG  1 
ATOM   98   C  CD  . ARG A 1 12  ? 9.904   14.035  -2.997  1.00 35.02  ? 12  ARG A CD  1 
ATOM   99   N  NE  . ARG A 1 12  ? 9.357   14.058  -4.348  1.00 35.47  ? 12  ARG A NE  1 
ATOM   100  C  CZ  . ARG A 1 12  ? 8.521   14.993  -4.789  1.00 36.49  ? 12  ARG A CZ  1 
ATOM   101  N  NH1 . ARG A 1 12  ? 8.138   15.967  -3.971  1.00 36.64  ? 12  ARG A NH1 1 
ATOM   102  N  NH2 . ARG A 1 12  ? 8.045   14.953  -6.039  1.00 36.38  ? 12  ARG A NH2 1 
ATOM   103  N  N   . LEU A 1 13  ? 9.867   8.136   -3.386  1.00 32.05  ? 13  LEU A N   1 
ATOM   104  C  CA  . LEU A 1 13  ? 9.375   6.783   -3.175  1.00 33.03  ? 13  LEU A CA  1 
ATOM   105  C  C   . LEU A 1 13  ? 10.416  5.852   -2.519  1.00 34.67  ? 13  LEU A C   1 
ATOM   106  O  O   . LEU A 1 13  ? 10.084  4.786   -2.041  1.00 33.01  ? 13  LEU A O   1 
ATOM   107  C  CB  . LEU A 1 13  ? 8.913   6.202   -4.500  1.00 30.40  ? 13  LEU A CB  1 
ATOM   108  C  CG  . LEU A 1 13  ? 7.711   6.947   -5.000  1.00 30.96  ? 13  LEU A CG  1 
ATOM   109  C  CD1 . LEU A 1 13  ? 7.422   6.650   -6.459  1.00 34.90  ? 13  LEU A CD1 1 
ATOM   110  C  CD2 . LEU A 1 13  ? 6.517   6.619   -4.136  1.00 32.72  ? 13  LEU A CD2 1 
ATOM   111  N  N   . LEU A 1 14  ? 11.678  6.279   -2.449  1.00 37.95  ? 14  LEU A N   1 
ATOM   112  C  CA  . LEU A 1 14  ? 12.733  5.370   -2.047  1.00 39.56  ? 14  LEU A CA  1 
ATOM   113  C  C   . LEU A 1 14  ? 13.185  5.581   -0.596  1.00 37.89  ? 14  LEU A C   1 
ATOM   114  O  O   . LEU A 1 14  ? 14.070  4.877   -0.124  1.00 36.33  ? 14  LEU A O   1 
ATOM   115  C  CB  . LEU A 1 14  ? 13.918  5.477   -3.032  1.00 36.96  ? 14  LEU A CB  1 
ATOM   116  C  CG  . LEU A 1 14  ? 13.605  5.326   -4.518  1.00 38.58  ? 14  LEU A CG  1 
ATOM   117  C  CD1 . LEU A 1 14  ? 14.845  5.741   -5.306  1.00 31.77  ? 14  LEU A CD1 1 
ATOM   118  C  CD2 . LEU A 1 14  ? 13.113  3.906   -4.855  1.00 32.88  ? 14  LEU A CD2 1 
ATOM   119  N  N   . ARG A 1 15  ? 12.514  6.494   0.102   1.00 36.51  ? 15  ARG A N   1 
ATOM   120  C  CA  . ARG A 1 15  ? 12.857  6.899   1.497   1.00 36.62  ? 15  ARG A CA  1 
ATOM   121  C  C   . ARG A 1 15  ? 12.280  5.956   2.528   1.00 34.14  ? 15  ARG A C   1 
ATOM   122  O  O   . ARG A 1 15  ? 11.286  5.276   2.231   1.00 32.09  ? 15  ARG A O   1 
ATOM   123  C  CB  . ARG A 1 15  ? 12.247  8.265   1.819   1.00 36.28  ? 15  ARG A CB  1 
ATOM   124  C  CG  . ARG A 1 15  ? 12.738  9.404   0.979   1.00 40.60  ? 15  ARG A CG  1 
ATOM   125  C  CD  . ARG A 1 15  ? 12.246  10.739  1.541   1.00 41.05  ? 15  ARG A CD  1 
ATOM   126  N  NE  . ARG A 1 15  ? 10.867  11.016  1.143   1.00 36.48  ? 15  ARG A NE  1 
ATOM   127  C  CZ  . ARG A 1 15  ? 10.397  12.245  1.050   1.00 42.67  ? 15  ARG A CZ  1 
ATOM   128  N  NH1 . ARG A 1 15  ? 11.233  13.243  1.320   1.00 40.24  ? 15  ARG A NH1 1 
ATOM   129  N  NH2 . ARG A 1 15  ? 9.127   12.489  0.692   1.00 38.29  ? 15  ARG A NH2 1 
ATOM   130  N  N   . VAL A 1 16  ? 12.889  5.877   3.726   1.00 31.51  ? 16  VAL A N   1 
ATOM   131  C  CA  . VAL A 1 16  ? 12.172  5.242   4.844   1.00 33.49  ? 16  VAL A CA  1 
ATOM   132  C  C   . VAL A 1 16  ? 11.437  6.352   5.642   1.00 35.67  ? 16  VAL A C   1 
ATOM   133  O  O   . VAL A 1 16  ? 12.046  7.348   6.145   1.00 35.25  ? 16  VAL A O   1 
ATOM   134  C  CB  . VAL A 1 16  ? 13.020  4.201   5.632   1.00 36.89  ? 16  VAL A CB  1 
ATOM   135  C  CG1 . VAL A 1 16  ? 14.495  4.409   5.434   1.00 38.53  ? 16  VAL A CG1 1 
ATOM   136  C  CG2 . VAL A 1 16  ? 12.648  4.130   7.111   1.00 32.35  ? 16  VAL A CG2 1 
ATOM   137  N  N   . ALA A 1 17  ? 10.112  6.241   5.669   1.00 29.83  ? 17  ALA A N   1 
ATOM   138  C  CA  . ALA A 1 17  ? 9.242   7.291   6.231   1.00 30.42  ? 17  ALA A CA  1 
ATOM   139  C  C   . ALA A 1 17  ? 9.218   7.265   7.779   1.00 29.47  ? 17  ALA A C   1 
ATOM   140  O  O   . ALA A 1 17  ? 9.179   6.187   8.380   1.00 27.71  ? 17  ALA A O   1 
ATOM   141  C  CB  . ALA A 1 17  ? 7.834   7.172   5.695   1.00 27.71  ? 17  ALA A CB  1 
ATOM   142  N  N   . PRO A 1 18  ? 9.251   8.448   8.423   1.00 29.79  ? 18  PRO A N   1 
ATOM   143  C  CA  . PRO A 1 18  ? 9.138   8.448   9.907   1.00 30.17  ? 18  PRO A CA  1 
ATOM   144  C  C   . PRO A 1 18  ? 7.680   8.261   10.328  1.00 32.01  ? 18  PRO A C   1 
ATOM   145  O  O   . PRO A 1 18  ? 6.743   8.348   9.483   1.00 28.62  ? 18  PRO A O   1 
ATOM   146  C  CB  . PRO A 1 18  ? 9.638   9.849   10.283  1.00 28.10  ? 18  PRO A CB  1 
ATOM   147  C  CG  . PRO A 1 18  ? 9.183   10.711  9.138   1.00 30.84  ? 18  PRO A CG  1 
ATOM   148  C  CD  . PRO A 1 18  ? 9.297   9.830   7.889   1.00 35.32  ? 18  PRO A CD  1 
ATOM   149  N  N   . GLN A 1 19  ? 7.480   8.008   11.618  1.00 34.84  ? 19  GLN A N   1 
ATOM   150  C  CA  . GLN A 1 19  ? 6.157   7.841   12.181  1.00 34.60  ? 19  GLN A CA  1 
ATOM   151  C  C   . GLN A 1 19  ? 5.301   9.080   12.160  1.00 31.20  ? 19  GLN A C   1 
ATOM   152  O  O   . GLN A 1 19  ? 5.781   10.217  12.105  1.00 32.63  ? 19  GLN A O   1 
ATOM   153  C  CB  . GLN A 1 19  ? 6.270   7.450   13.618  1.00 35.92  ? 19  GLN A CB  1 
ATOM   154  C  CG  . GLN A 1 19  ? 6.923   6.134   13.784  1.00 43.43  ? 19  GLN A CG  1 
ATOM   155  C  CD  . GLN A 1 19  ? 6.797   5.678   15.221  1.00 54.98  ? 19  GLN A CD  1 
ATOM   156  O  OE1 . GLN A 1 19  ? 6.930   6.490   16.146  1.00 53.08  ? 19  GLN A OE1 1 
ATOM   157  N  NE2 . GLN A 1 19  ? 6.500   4.388   15.422  1.00 52.23  ? 19  GLN A NE2 1 
ATOM   158  N  N   . VAL A 1 20  ? 4.017   8.835   12.260  1.00 30.36  ? 20  VAL A N   1 
ATOM   159  C  CA  . VAL A 1 20  ? 3.027   9.863   12.459  1.00 28.61  ? 20  VAL A CA  1 
ATOM   160  C  C   . VAL A 1 20  ? 2.972   10.191  13.991  1.00 29.99  ? 20  VAL A C   1 
ATOM   161  O  O   . VAL A 1 20  ? 2.897   9.281   14.900  1.00 28.53  ? 20  VAL A O   1 
ATOM   162  C  CB  . VAL A 1 20  ? 1.656   9.328   11.948  1.00 28.91  ? 20  VAL A CB  1 
ATOM   163  C  CG1 . VAL A 1 20  ? 0.512   10.207  12.377  1.00 28.11  ? 20  VAL A CG1 1 
ATOM   164  C  CG2 . VAL A 1 20  ? 1.641   9.187   10.424  1.00 32.54  ? 20  VAL A CG2 1 
ATOM   165  N  N   . THR A 1 21  ? 2.933   11.471  14.297  1.00 29.90  ? 21  THR A N   1 
ATOM   166  C  CA  . THR A 1 21  ? 2.971   11.906  15.711  1.00 32.43  ? 21  THR A CA  1 
ATOM   167  C  C   . THR A 1 21  ? 1.800   12.833  15.996  1.00 33.23  ? 21  THR A C   1 
ATOM   168  O  O   . THR A 1 21  ? 1.729   13.499  17.062  1.00 35.20  ? 21  THR A O   1 
ATOM   169  C  CB  . THR A 1 21  ? 4.286   12.635  16.075  1.00 24.75  ? 21  THR A CB  1 
ATOM   170  O  OG1 . THR A 1 21  ? 4.423   13.732  15.183  1.00 30.49  ? 21  THR A OG1 1 
ATOM   171  C  CG2 . THR A 1 21  ? 5.447   11.758  15.884  1.00 31.45  ? 21  THR A CG2 1 
ATOM   172  N  N   . ASN A 1 22  ? 0.859   12.838  15.072  1.00 30.96  ? 22  ASN A N   1 
ATOM   173  C  CA  . ASN A 1 22  ? -0.275  13.709  15.158  1.00 28.47  ? 22  ASN A CA  1 
ATOM   174  C  C   . ASN A 1 22  ? -1.611  13.066  15.022  1.00 28.01  ? 22  ASN A C   1 
ATOM   175  O  O   . ASN A 1 22  ? -2.539  13.672  14.459  1.00 29.74  ? 22  ASN A O   1 
ATOM   176  C  CB  . ASN A 1 22  ? -0.120  14.941  14.245  1.00 29.93  ? 22  ASN A CB  1 
ATOM   177  C  CG  . ASN A 1 22  ? -0.148  14.647  12.728  1.00 33.25  ? 22  ASN A CG  1 
ATOM   178  O  OD1 . ASN A 1 22  ? -0.030  15.601  11.966  1.00 38.53  ? 22  ASN A OD1 1 
ATOM   179  N  ND2 . ASN A 1 22  ? -0.407  13.425  12.290  1.00 31.69  ? 22  ASN A ND2 1 
ATOM   180  N  N   . LEU A 1 23  ? -1.731  11.870  15.581  1.00 28.41  ? 23  LEU A N   1 
ATOM   181  C  CA  . LEU A 1 23  ? -3.013  11.187  15.672  1.00 27.21  ? 23  LEU A CA  1 
ATOM   182  C  C   . LEU A 1 23  ? -4.050  12.108  16.356  1.00 31.60  ? 23  LEU A C   1 
ATOM   183  O  O   . LEU A 1 23  ? -3.745  12.757  17.381  1.00 33.33  ? 23  LEU A O   1 
ATOM   184  C  CB  . LEU A 1 23  ? -2.895  9.862   16.441  1.00 24.66  ? 23  LEU A CB  1 
ATOM   185  C  CG  . LEU A 1 23  ? -1.777  8.952   15.859  1.00 28.08  ? 23  LEU A CG  1 
ATOM   186  C  CD1 . LEU A 1 23  ? -1.356  7.906   16.888  1.00 25.46  ? 23  LEU A CD1 1 
ATOM   187  C  CD2 . LEU A 1 23  ? -2.129  8.289   14.536  1.00 28.27  ? 23  LEU A CD2 1 
ATOM   188  N  N   . GLY A 1 24  ? -5.244  12.187  15.757  1.00 29.97  ? 24  GLY A N   1 
ATOM   189  C  CA  . GLY A 1 24  ? -6.412  12.810  16.374  1.00 27.50  ? 24  GLY A CA  1 
ATOM   190  C  C   . GLY A 1 24  ? -6.420  14.285  16.019  1.00 29.32  ? 24  GLY A C   1 
ATOM   191  O  O   . GLY A 1 24  ? -7.279  15.009  16.453  1.00 31.07  ? 24  GLY A O   1 
ATOM   192  N  N   . SER A 1 25  ? -5.466  14.720  15.212  1.00 30.48  ? 25  SER A N   1 
ATOM   193  C  CA  . SER A 1 25  ? -5.367  16.097  14.834  1.00 31.78  ? 25  SER A CA  1 
ATOM   194  C  C   . SER A 1 25  ? -6.184  16.392  13.588  1.00 36.49  ? 25  SER A C   1 
ATOM   195  O  O   . SER A 1 25  ? -6.539  15.462  12.839  1.00 31.31  ? 25  SER A O   1 
ATOM   196  C  CB  . SER A 1 25  ? -3.879  16.463  14.633  1.00 33.07  ? 25  SER A CB  1 
ATOM   197  O  OG  . SER A 1 25  ? -3.333  16.098  13.379  1.00 32.68  ? 25  SER A OG  1 
ATOM   198  N  N   . ALA A 1 26  ? -6.468  17.678  13.356  1.00 32.65  ? 26  ALA A N   1 
ATOM   199  C  CA  . ALA A 1 26  ? -7.255  18.065  12.202  1.00 33.39  ? 26  ALA A CA  1 
ATOM   200  C  C   . ALA A 1 26  ? -6.359  17.980  10.965  1.00 35.60  ? 26  ALA A C   1 
ATOM   201  O  O   . ALA A 1 26  ? -6.847  17.641  9.907   1.00 34.02  ? 26  ALA A O   1 
ATOM   202  C  CB  . ALA A 1 26  ? -7.857  19.472  12.353  1.00 29.09  ? 26  ALA A CB  1 
ATOM   203  N  N   . GLU A 1 27  ? -5.058  18.297  11.097  1.00 36.46  ? 27  GLU A N   1 
ATOM   204  C  CA  . GLU A 1 27  ? -4.094  18.181  9.995   1.00 34.67  ? 27  GLU A CA  1 
ATOM   205  C  C   . GLU A 1 27  ? -4.010  16.709  9.480   1.00 34.11  ? 27  GLU A C   1 
ATOM   206  O  O   . GLU A 1 27  ? -3.989  16.465  8.277   1.00 35.72  ? 27  GLU A O   1 
ATOM   207  C  CB  . GLU A 1 27  ? -2.694  18.626  10.409  1.00 37.90  ? 27  GLU A CB  1 
ATOM   208  C  CG  . GLU A 1 27  ? -2.500  20.098  10.813  1.00 48.13  ? 27  GLU A CG  1 
ATOM   209  C  CD  . GLU A 1 27  ? -3.254  20.595  12.097  1.00 50.56  ? 27  GLU A CD  1 
ATOM   210  O  OE1 . GLU A 1 27  ? -3.723  19.852  13.010  1.00 41.38  ? 27  GLU A OE1 1 
ATOM   211  O  OE2 . GLU A 1 27  ? -3.404  21.826  12.187  1.00 61.77  ? 27  GLU A OE2 1 
ATOM   212  N  N   . LEU A 1 28  ? -3.948  15.737  10.367  1.00 28.48  ? 28  LEU A N   1 
ATOM   213  C  CA  . LEU A 1 28  ? -3.948  14.349  9.894   1.00 31.79  ? 28  LEU A CA  1 
ATOM   214  C  C   . LEU A 1 28  ? -5.251  14.011  9.209   1.00 31.47  ? 28  LEU A C   1 
ATOM   215  O  O   . LEU A 1 28  ? -5.234  13.353  8.182   1.00 32.04  ? 28  LEU A O   1 
ATOM   216  C  CB  . LEU A 1 28  ? -3.704  13.349  11.032  1.00 31.10  ? 28  LEU A CB  1 
ATOM   217  C  CG  . LEU A 1 28  ? -3.554  11.869  10.701  1.00 30.10  ? 28  LEU A CG  1 
ATOM   218  C  CD1 . LEU A 1 28  ? -2.348  11.632  9.796   1.00 30.62  ? 28  LEU A CD1 1 
ATOM   219  C  CD2 . LEU A 1 28  ? -3.414  11.077  11.972  1.00 31.15  ? 28  LEU A CD2 1 
ATOM   220  N  N   . HIS A 1 29  ? -6.375  14.442  9.784   1.00 34.58  ? 29  HIS A N   1 
ATOM   221  C  CA  . HIS A 1 29  ? -7.704  14.007  9.304   1.00 33.83  ? 29  HIS A CA  1 
ATOM   222  C  C   . HIS A 1 29  ? -7.847  14.495  7.872   1.00 32.85  ? 29  HIS A C   1 
ATOM   223  O  O   . HIS A 1 29  ? -8.262  13.728  7.019   1.00 31.12  ? 29  HIS A O   1 
ATOM   224  C  CB  . HIS A 1 29  ? -8.892  14.414  10.227  1.00 38.21  ? 29  HIS A CB  1 
ATOM   225  C  CG  . HIS A 1 29  ? -9.128  13.448  11.370  1.00 51.25  ? 29  HIS A CG  1 
ATOM   226  N  ND1 . HIS A 1 29  ? -9.589  12.155  11.185  1.00 58.94  ? 29  HIS A ND1 1 
ATOM   227  C  CD2 . HIS A 1 29  ? -8.946  13.578  12.711  1.00 52.48  ? 29  HIS A CD2 1 
ATOM   228  C  CE1 . HIS A 1 29  ? -9.703  11.547  12.358  1.00 48.61  ? 29  HIS A CE1 1 
ATOM   229  N  NE2 . HIS A 1 29  ? -9.312  12.386  13.298  1.00 49.75  ? 29  HIS A NE2 1 
ATOM   230  N  N   . ALA A 1 30  ? -7.395  15.717  7.599   1.00 26.20  ? 30  ALA A N   1 
ATOM   231  C  CA  . ALA A 1 30  ? -7.420  16.279  6.277   1.00 29.98  ? 30  ALA A CA  1 
ATOM   232  C  C   . ALA A 1 30  ? -6.535  15.510  5.309   1.00 33.31  ? 30  ALA A C   1 
ATOM   233  O  O   . ALA A 1 30  ? -6.879  15.373  4.164   1.00 33.63  ? 30  ALA A O   1 
ATOM   234  C  CB  . ALA A 1 30  ? -6.984  17.732  6.294   1.00 26.93  ? 30  ALA A CB  1 
ATOM   235  N  N   . LEU A 1 31  ? -5.339  15.114  5.754   1.00 33.65  ? 31  LEU A N   1 
ATOM   236  C  CA  . LEU A 1 31  ? -4.407  14.426  4.892   1.00 30.62  ? 31  LEU A CA  1 
ATOM   237  C  C   . LEU A 1 31  ? -5.009  13.042  4.511   1.00 29.53  ? 31  LEU A C   1 
ATOM   238  O  O   . LEU A 1 31  ? -4.905  12.641  3.357   1.00 29.89  ? 31  LEU A O   1 
ATOM   239  C  CB  . LEU A 1 31  ? -3.087  14.255  5.581   1.00 28.93  ? 31  LEU A CB  1 
ATOM   240  C  CG  . LEU A 1 31  ? -2.120  13.286  4.900   1.00 31.26  ? 31  LEU A CG  1 
ATOM   241  C  CD1 . LEU A 1 31  ? -1.755  13.751  3.485   1.00 25.44  ? 31  LEU A CD1 1 
ATOM   242  C  CD2 . LEU A 1 31  ? -0.889  13.116  5.779   1.00 24.63  ? 31  LEU A CD2 1 
ATOM   243  N  N   . VAL A 1 32  ? -5.613  12.363  5.488   1.00 28.09  ? 32  VAL A N   1 
ATOM   244  C  CA  . VAL A 1 32  ? -6.235  11.045  5.318   1.00 32.43  ? 32  VAL A CA  1 
ATOM   245  C  C   . VAL A 1 32  ? -7.364  11.178  4.315   1.00 31.02  ? 32  VAL A C   1 
ATOM   246  O  O   . VAL A 1 32  ? -7.506  10.343  3.439   1.00 30.43  ? 32  VAL A O   1 
ATOM   247  C  CB  . VAL A 1 32  ? -6.719  10.444  6.665   1.00 28.95  ? 32  VAL A CB  1 
ATOM   248  C  CG1 . VAL A 1 32  ? -7.763  9.321   6.472   1.00 27.92  ? 32  VAL A CG1 1 
ATOM   249  C  CG2 . VAL A 1 32  ? -5.530  9.895   7.378   1.00 28.63  ? 32  VAL A CG2 1 
ATOM   250  N  N   . SER A 1 33  ? -8.095  12.283  4.428   1.00 28.72  ? 33  SER A N   1 
ATOM   251  C  CA  . SER A 1 33  ? -9.222  12.618  3.596   1.00 31.88  ? 33  SER A CA  1 
ATOM   252  C  C   . SER A 1 33  ? -8.862  12.762  2.118   1.00 34.87  ? 33  SER A C   1 
ATOM   253  O  O   . SER A 1 33  ? -9.546  12.170  1.206   1.00 26.34  ? 33  SER A O   1 
ATOM   254  C  CB  . SER A 1 33  ? -9.815  13.928  4.069   1.00 37.55  ? 33  SER A CB  1 
ATOM   255  O  OG  . SER A 1 33  ? -11.166 13.967  3.666   1.00 41.23  ? 33  SER A OG  1 
ATOM   256  N  N   . ASP A 1 34  ? -7.838  13.590  1.910   1.00 27.48  ? 34  ASP A N   1 
ATOM   257  C  CA  . ASP A 1 34  ? -7.174  13.758  0.653   1.00 26.83  ? 34  ASP A CA  1 
ATOM   258  C  C   . ASP A 1 34  ? -6.641  12.431  0.062   1.00 28.72  ? 34  ASP A C   1 
ATOM   259  O  O   . ASP A 1 34  ? -6.719  12.225  -1.159  1.00 30.15  ? 34  ASP A O   1 
ATOM   260  C  CB  . ASP A 1 34  ? -5.945  14.627  0.835   1.00 28.34  ? 34  ASP A CB  1 
ATOM   261  C  CG  . ASP A 1 34  ? -6.281  16.100  1.073   1.00 33.32  ? 34  ASP A CG  1 
ATOM   262  O  OD1 . ASP A 1 34  ? -7.466  16.452  1.187   1.00 29.54  ? 34  ASP A OD1 1 
ATOM   263  O  OD2 . ASP A 1 34  ? -5.317  16.894  1.088   1.00 33.82  ? 34  ASP A OD2 1 
ATOM   264  N  N   . MET A 1 35  ? -6.028  11.585  0.892   1.00 25.43  ? 35  MET A N   1 
ATOM   265  C  CA  . MET A 1 35  ? -5.526  10.272  0.440   1.00 25.59  ? 35  MET A CA  1 
ATOM   266  C  C   . MET A 1 35  ? -6.662  9.333   -0.020  1.00 26.16  ? 35  MET A C   1 
ATOM   267  O  O   . MET A 1 35  ? -6.527  8.638   -1.009  1.00 32.35  ? 35  MET A O   1 
ATOM   268  C  CB  . MET A 1 35  ? -4.745  9.594   1.554   1.00 22.20  ? 35  MET A CB  1 
ATOM   269  C  CG  . MET A 1 35  ? -3.434  10.297  1.878   1.00 23.02  ? 35  MET A CG  1 
ATOM   270  S  SD  . MET A 1 35  ? -2.443  9.329   3.032   1.00 27.53  ? 35  MET A SD  1 
ATOM   271  C  CE  . MET A 1 35  ? -2.160  7.725   2.213   1.00 27.44  ? 35  MET A CE  1 
ATOM   272  N  N   . PHE A 1 36  ? -7.755  9.274   0.714   1.00 26.76  ? 36  PHE A N   1 
ATOM   273  C  CA  . PHE A 1 36  ? -8.905  8.459   0.269   1.00 29.29  ? 36  PHE A CA  1 
ATOM   274  C  C   . PHE A 1 36  ? -9.466  9.018   -1.051  1.00 33.60  ? 36  PHE A C   1 
ATOM   275  O  O   . PHE A 1 36  ? -9.859  8.268   -1.964  1.00 30.61  ? 36  PHE A O   1 
ATOM   276  C  CB  . PHE A 1 36  ? -10.021 8.513   1.310   1.00 26.70  ? 36  PHE A CB  1 
ATOM   277  C  CG  . PHE A 1 36  ? -9.869  7.480   2.393   1.00 29.30  ? 36  PHE A CG  1 
ATOM   278  C  CD1 . PHE A 1 36  ? -9.848  6.108   2.077   1.00 24.56  ? 36  PHE A CD1 1 
ATOM   279  C  CD2 . PHE A 1 36  ? -9.742  7.872   3.752   1.00 24.62  ? 36  PHE A CD2 1 
ATOM   280  C  CE1 . PHE A 1 36  ? -9.693  5.151   3.098   1.00 24.47  ? 36  PHE A CE1 1 
ATOM   281  C  CE2 . PHE A 1 36  ? -9.634  6.948   4.744   1.00 21.64  ? 36  PHE A CE2 1 
ATOM   282  C  CZ  . PHE A 1 36  ? -9.582  5.577   4.424   1.00 26.05  ? 36  PHE A CZ  1 
ATOM   283  N  N   . GLU A 1 37  ? -9.526  10.348  -1.120  1.00 29.76  ? 37  GLU A N   1 
ATOM   284  C  CA  . GLU A 1 37  ? -9.990  10.989  -2.294  1.00 31.23  ? 37  GLU A CA  1 
ATOM   285  C  C   . GLU A 1 37  ? -9.034  10.782  -3.474  1.00 33.79  ? 37  GLU A C   1 
ATOM   286  O  O   . GLU A 1 37  ? -9.468  10.604  -4.619  1.00 32.51  ? 37  GLU A O   1 
ATOM   287  C  CB  . GLU A 1 37  ? -10.157 12.465  -2.045  1.00 30.46  ? 37  GLU A CB  1 
ATOM   288  C  CG  . GLU A 1 37  ? -10.659 13.094  -3.294  1.00 34.51  ? 37  GLU A CG  1 
ATOM   289  C  CD  . GLU A 1 37  ? -11.160 14.486  -3.072  1.00 36.77  ? 37  GLU A CD  1 
ATOM   290  O  OE1 . GLU A 1 37  ? -10.564 15.251  -2.210  1.00 28.63  ? 37  GLU A OE1 1 
ATOM   291  O  OE2 . GLU A 1 37  ? -12.133 14.783  -3.828  1.00 37.22  ? 37  GLU A OE2 1 
ATOM   292  N  N   . THR A 1 38  ? -7.734  10.825  -3.204  1.00 29.98  ? 38  THR A N   1 
ATOM   293  C  CA  . THR A 1 38  ? -6.787  10.588  -4.242  1.00 28.16  ? 38  THR A CA  1 
ATOM   294  C  C   . THR A 1 38  ? -6.845  9.127   -4.663  1.00 29.36  ? 38  THR A C   1 
ATOM   295  O  O   . THR A 1 38  ? -6.755  8.831   -5.828  1.00 27.80  ? 38  THR A O   1 
ATOM   296  C  CB  . THR A 1 38  ? -5.367  10.936  -3.815  1.00 26.41  ? 38  THR A CB  1 
ATOM   297  O  OG1 . THR A 1 38  ? -5.332  12.348  -3.494  1.00 30.81  ? 38  THR A OG1 1 
ATOM   298  C  CG2 . THR A 1 38  ? -4.413  10.694  -5.010  1.00 24.78  ? 38  THR A CG2 1 
ATOM   299  N  N   . MET A 1 39  ? -6.964  8.222   -3.702  1.00 29.49  ? 39  MET A N   1 
ATOM   300  C  CA  . MET A 1 39  ? -6.968  6.816   -4.035  1.00 31.87  ? 39  MET A CA  1 
ATOM   301  C  C   . MET A 1 39  ? -8.156  6.524   -4.965  1.00 33.59  ? 39  MET A C   1 
ATOM   302  O  O   . MET A 1 39  ? -7.972  5.865   -5.994  1.00 34.08  ? 39  MET A O   1 
ATOM   303  C  CB  . MET A 1 39  ? -7.009  5.921   -2.796  1.00 28.06  ? 39  MET A CB  1 
ATOM   304  C  CG  . MET A 1 39  ? -7.019  4.449   -3.185  1.00 26.49  ? 39  MET A CG  1 
ATOM   305  S  SD  . MET A 1 39  ? -6.998  3.381   -1.747  1.00 27.43  ? 39  MET A SD  1 
ATOM   306  C  CE  . MET A 1 39  ? -8.733  3.241   -1.281  1.00 19.53  ? 39  MET A CE  1 
ATOM   307  N  N   . GLY A 1 40  ? -9.321  7.059   -4.594  1.00 32.90  ? 40  GLY A N   1 
ATOM   308  C  CA  . GLY A 1 40  ? -10.611 6.891   -5.296  1.00 33.74  ? 40  GLY A CA  1 
ATOM   309  C  C   . GLY A 1 40  ? -10.587 7.392   -6.726  1.00 35.08  ? 40  GLY A C   1 
ATOM   310  O  O   . GLY A 1 40  ? -10.980 6.652   -7.660  1.00 31.78  ? 40  GLY A O   1 
ATOM   311  N  N   . ALA A 1 41  ? -10.106 8.625   -6.912  1.00 30.88  ? 41  ALA A N   1 
ATOM   312  C  CA  . ALA A 1 41  ? -9.961  9.209   -8.268  1.00 33.75  ? 41  ALA A CA  1 
ATOM   313  C  C   . ALA A 1 41  ? -9.051  8.396   -9.208  1.00 36.10  ? 41  ALA A C   1 
ATOM   314  O  O   . ALA A 1 41  ? -9.276  8.385   -10.419 1.00 41.12  ? 41  ALA A O   1 
ATOM   315  C  CB  . ALA A 1 41  ? -9.450  10.625  -8.204  1.00 28.70  ? 41  ALA A CB  1 
ATOM   316  N  N   . ALA A 1 42  ? -8.027  7.738   -8.655  1.00 33.79  ? 42  ALA A N   1 
ATOM   317  C  CA  . ALA A 1 42  ? -7.095  6.925   -9.453  1.00 32.80  ? 42  ALA A CA  1 
ATOM   318  C  C   . ALA A 1 42  ? -7.563  5.439   -9.547  1.00 32.07  ? 42  ALA A C   1 
ATOM   319  O  O   . ALA A 1 42  ? -6.886  4.653   -10.167 1.00 32.61  ? 42  ALA A O   1 
ATOM   320  C  CB  . ALA A 1 42  ? -5.652  7.045   -8.946  1.00 27.59  ? 42  ALA A CB  1 
ATOM   321  N  N   . HIS A 1 43  ? -8.705  5.085   -8.934  1.00 29.71  ? 43  HIS A N   1 
ATOM   322  C  CA  . HIS A 1 43  ? -9.229  3.718   -8.948  1.00 31.72  ? 43  HIS A CA  1 
ATOM   323  C  C   . HIS A 1 43  ? -8.232  2.774   -8.318  1.00 34.58  ? 43  HIS A C   1 
ATOM   324  O  O   . HIS A 1 43  ? -8.062  1.644   -8.783  1.00 33.86  ? 43  HIS A O   1 
ATOM   325  C  CB  . HIS A 1 43  ? -9.568  3.268   -10.380 1.00 34.22  ? 43  HIS A CB  1 
ATOM   326  C  CG  . HIS A 1 43  ? -10.635 4.108   -11.011 1.00 42.35  ? 43  HIS A CG  1 
ATOM   327  N  ND1 . HIS A 1 43  ? -11.755 3.566   -11.591 1.00 48.46  ? 43  HIS A ND1 1 
ATOM   328  C  CD2 . HIS A 1 43  ? -10.797 5.456   -11.070 1.00 38.61  ? 43  HIS A CD2 1 
ATOM   329  C  CE1 . HIS A 1 43  ? -12.536 4.538   -12.030 1.00 51.13  ? 43  HIS A CE1 1 
ATOM   330  N  NE2 . HIS A 1 43  ? -11.974 5.693   -11.731 1.00 41.11  ? 43  HIS A NE2 1 
ATOM   331  N  N   . GLY A 1 44  ? -7.581  3.217   -7.237  1.00 31.07  ? 44  GLY A N   1 
ATOM   332  C  CA  . GLY A 1 44  ? -6.646  2.349   -6.512  1.00 27.99  ? 44  GLY A CA  1 
ATOM   333  C  C   . GLY A 1 44  ? -7.324  1.479   -5.499  1.00 29.07  ? 44  GLY A C   1 
ATOM   334  O  O   . GLY A 1 44  ? -8.452  1.773   -5.112  1.00 30.78  ? 44  GLY A O   1 
ATOM   335  N  N   . VAL A 1 45  ? -6.663  0.401   -5.053  1.00 30.87  ? 45  VAL A N   1 
ATOM   336  C  CA  . VAL A 1 45  ? -7.130  -0.286  -3.831  1.00 29.38  ? 45  VAL A CA  1 
ATOM   337  C  C   . VAL A 1 45  ? -6.267  0.052   -2.603  1.00 26.99  ? 45  VAL A C   1 
ATOM   338  O  O   . VAL A 1 45  ? -6.586  -0.267  -1.451  1.00 27.04  ? 45  VAL A O   1 
ATOM   339  C  CB  . VAL A 1 45  ? -7.221  -1.810  -4.020  1.00 33.40  ? 45  VAL A CB  1 
ATOM   340  C  CG1 . VAL A 1 45  ? -8.063  -2.141  -5.281  1.00 38.86  ? 45  VAL A CG1 1 
ATOM   341  C  CG2 . VAL A 1 45  ? -5.826  -2.380  -4.135  1.00 27.68  ? 45  VAL A CG2 1 
ATOM   342  N  N   . GLY A 1 46  ? -5.164  0.730   -2.828  1.00 28.00  ? 46  GLY A N   1 
ATOM   343  C  CA  . GLY A 1 46  ? -4.318  1.093   -1.688  1.00 24.85  ? 46  GLY A CA  1 
ATOM   344  C  C   . GLY A 1 46  ? -3.553  2.273   -2.148  1.00 27.79  ? 46  GLY A C   1 
ATOM   345  O  O   . GLY A 1 46  ? -3.283  2.401   -3.354  1.00 27.58  ? 46  GLY A O   1 
ATOM   346  N  N   . LEU A 1 47  ? -3.189  3.143   -1.205  1.00 24.81  ? 47  LEU A N   1 
ATOM   347  C  CA  . LEU A 1 47  ? -2.255  4.232   -1.499  1.00 25.98  ? 47  LEU A CA  1 
ATOM   348  C  C   . LEU A 1 47  ? -1.513  4.640   -0.196  1.00 23.54  ? 47  LEU A C   1 
ATOM   349  O  O   . LEU A 1 47  ? -2.150  4.805   0.824   1.00 20.49  ? 47  LEU A O   1 
ATOM   350  C  CB  . LEU A 1 47  ? -3.079  5.444   -1.907  1.00 27.85  ? 47  LEU A CB  1 
ATOM   351  C  CG  . LEU A 1 47  ? -2.324  6.729   -2.214  1.00 24.48  ? 47  LEU A CG  1 
ATOM   352  C  CD1 . LEU A 1 47  ? -1.703  6.767   -3.646  1.00 25.39  ? 47  LEU A CD1 1 
ATOM   353  C  CD2 . LEU A 1 47  ? -3.442  7.730   -2.083  1.00 23.28  ? 47  LEU A CD2 1 
ATOM   354  N  N   . ALA A 1 48  ? -0.205  4.796   -0.277  1.00 22.89  ? 48  ALA A N   1 
ATOM   355  C  CA  . ALA A 1 48  ? 0.670   5.165   0.840   1.00 25.81  ? 48  ALA A CA  1 
ATOM   356  C  C   . ALA A 1 48  ? 1.079   6.592   0.722   1.00 23.73  ? 48  ALA A C   1 
ATOM   357  O  O   . ALA A 1 48  ? 1.246   7.099   -0.382  1.00 23.54  ? 48  ALA A O   1 
ATOM   358  C  CB  . ALA A 1 48  ? 1.939   4.315   0.817   1.00 23.88  ? 48  ALA A CB  1 
ATOM   359  N  N   . ALA A 1 49  ? 1.232   7.254   1.875   1.00 28.08  ? 49  ALA A N   1 
ATOM   360  C  CA  . ALA A 1 49  ? 1.590   8.694   1.885   1.00 26.22  ? 49  ALA A CA  1 
ATOM   361  C  C   . ALA A 1 49  ? 2.793   8.996   1.024   1.00 23.07  ? 49  ALA A C   1 
ATOM   362  O  O   . ALA A 1 49  ? 2.844   10.045  0.370   1.00 26.68  ? 49  ALA A O   1 
ATOM   363  C  CB  . ALA A 1 49  ? 1.821   9.198   3.343   1.00 26.75  ? 49  ALA A CB  1 
ATOM   364  N  N   . PRO A 1 50  ? 3.822   8.125   1.019   1.00 24.24  ? 50  PRO A N   1 
ATOM   365  C  CA  . PRO A 1 50  ? 4.915   8.627   0.117   1.00 24.03  ? 50  PRO A CA  1 
ATOM   366  C  C   . PRO A 1 50  ? 4.565   8.700   -1.368  1.00 27.80  ? 50  PRO A C   1 
ATOM   367  O  O   . PRO A 1 50  ? 5.276   9.388   -2.089  1.00 25.31  ? 50  PRO A O   1 
ATOM   368  C  CB  . PRO A 1 50  ? 6.050   7.611   0.328   1.00 22.34  ? 50  PRO A CB  1 
ATOM   369  C  CG  . PRO A 1 50  ? 5.801   7.044   1.710   1.00 21.75  ? 50  PRO A CG  1 
ATOM   370  C  CD  . PRO A 1 50  ? 4.282   6.955   1.811   1.00 23.36  ? 50  PRO A CD  1 
ATOM   371  N  N   . GLN A 1 51  ? 3.519   7.973   -1.826  1.00 26.80  ? 51  GLN A N   1 
ATOM   372  C  CA  . GLN A 1 51  ? 3.085   8.104   -3.212  1.00 27.43  ? 51  GLN A CA  1 
ATOM   373  C  C   . GLN A 1 51  ? 2.497   9.477   -3.487  1.00 31.57  ? 51  GLN A C   1 
ATOM   374  O  O   . GLN A 1 51  ? 2.307   9.869   -4.674  1.00 34.63  ? 51  GLN A O   1 
ATOM   375  C  CB  . GLN A 1 51  ? 2.061   7.044   -3.600  1.00 24.84  ? 51  GLN A CB  1 
ATOM   376  C  CG  . GLN A 1 51  ? 2.568   5.627   -3.499  1.00 26.17  ? 51  GLN A CG  1 
ATOM   377  C  CD  . GLN A 1 51  ? 1.491   4.624   -3.910  1.00 30.85  ? 51  GLN A CD  1 
ATOM   378  O  OE1 . GLN A 1 51  ? 0.928   3.940   -3.082  1.00 31.11  ? 51  GLN A OE1 1 
ATOM   379  N  NE2 . GLN A 1 51  ? 1.223   4.534   -5.201  1.00 28.23  ? 51  GLN A NE2 1 
ATOM   380  N  N   . ILE A 1 52  ? 2.133   10.222  -2.446  1.00 28.03  ? 52  ILE A N   1 
ATOM   381  C  CA  . ILE A 1 52  ? 1.757   11.596  -2.740  1.00 26.33  ? 52  ILE A CA  1 
ATOM   382  C  C   . ILE A 1 52  ? 2.840   12.505  -2.166  1.00 30.54  ? 52  ILE A C   1 
ATOM   383  O  O   . ILE A 1 52  ? 2.557   13.615  -1.702  1.00 31.07  ? 52  ILE A O   1 
ATOM   384  C  CB  . ILE A 1 52  ? 0.362   11.959  -2.208  1.00 27.19  ? 52  ILE A CB  1 
ATOM   385  C  CG1 . ILE A 1 52  ? 0.229   11.682  -0.687  1.00 32.32  ? 52  ILE A CG1 1 
ATOM   386  C  CG2 . ILE A 1 52  ? -0.742  11.253  -2.984  1.00 27.05  ? 52  ILE A CG2 1 
ATOM   387  C  CD1 . ILE A 1 52  ? -1.072  12.158  -0.083  1.00 28.01  ? 52  ILE A CD1 1 
ATOM   388  N  N   . ALA A 1 53  ? 4.076   12.030  -2.159  1.00 27.28  ? 53  ALA A N   1 
ATOM   389  C  CA  . ALA A 1 53  ? 5.240   12.843  -1.627  1.00 29.89  ? 53  ALA A CA  1 
ATOM   390  C  C   . ALA A 1 53  ? 5.029   13.388  -0.191  1.00 34.01  ? 53  ALA A C   1 
ATOM   391  O  O   . ALA A 1 53  ? 5.441   14.500  0.142   1.00 32.49  ? 53  ALA A O   1 
ATOM   392  C  CB  . ALA A 1 53  ? 5.601   14.004  -2.587  1.00 24.70  ? 53  ALA A CB  1 
ATOM   393  N  N   . VAL A 1 54  ? 4.372   12.615  0.657   1.00 30.25  ? 54  VAL A N   1 
ATOM   394  C  CA  . VAL A 1 54  ? 4.289   12.973  2.022   1.00 28.78  ? 54  VAL A CA  1 
ATOM   395  C  C   . VAL A 1 54  ? 4.970   11.828  2.743   1.00 31.87  ? 54  VAL A C   1 
ATOM   396  O  O   . VAL A 1 54  ? 4.565   10.628  2.633   1.00 28.74  ? 54  VAL A O   1 
ATOM   397  C  CB  . VAL A 1 54  ? 2.853   13.138  2.472   1.00 28.42  ? 54  VAL A CB  1 
ATOM   398  C  CG1 . VAL A 1 54  ? 2.747   13.181  3.999   1.00 28.20  ? 54  VAL A CG1 1 
ATOM   399  C  CG2 . VAL A 1 54  ? 2.205   14.325  1.770   1.00 25.57  ? 54  VAL A CG2 1 
ATOM   400  N  N   . ASP A 1 55  ? 6.026   12.225  3.456   1.00 27.78  ? 55  ASP A N   1 
ATOM   401  C  CA  . ASP A 1 55  ? 6.974   11.300  4.068   1.00 29.45  ? 55  ASP A CA  1 
ATOM   402  C  C   . ASP A 1 55  ? 6.516   10.840  5.475   1.00 30.93  ? 55  ASP A C   1 
ATOM   403  O  O   . ASP A 1 55  ? 7.045   11.291  6.496   1.00 30.80  ? 55  ASP A O   1 
ATOM   404  C  CB  . ASP A 1 55  ? 8.397   11.981  4.047   1.00 30.64  ? 55  ASP A CB  1 
ATOM   405  C  CG  . ASP A 1 55  ? 9.538   11.013  4.455   1.00 32.77  ? 55  ASP A CG  1 
ATOM   406  O  OD1 . ASP A 1 55  ? 9.407   9.768   4.382   1.00 34.14  ? 55  ASP A OD1 1 
ATOM   407  O  OD2 . ASP A 1 55  ? 10.591  11.491  4.885   1.00 34.35  ? 55  ASP A OD2 1 
ATOM   408  N  N   . LEU A 1 56  ? 5.526   9.940   5.532   1.00 31.00  ? 56  LEU A N   1 
ATOM   409  C  CA  . LEU A 1 56  ? 4.944   9.513   6.813   1.00 29.97  ? 56  LEU A CA  1 
ATOM   410  C  C   . LEU A 1 56  ? 4.528   8.072   6.714   1.00 28.74  ? 56  LEU A C   1 
ATOM   411  O  O   . LEU A 1 56  ? 4.125   7.595   5.640   1.00 31.91  ? 56  LEU A O   1 
ATOM   412  C  CB  . LEU A 1 56  ? 3.692   10.361  7.181   1.00 31.39  ? 56  LEU A CB  1 
ATOM   413  C  CG  . LEU A 1 56  ? 3.840   11.822  7.696   1.00 33.70  ? 56  LEU A CG  1 
ATOM   414  C  CD1 . LEU A 1 56  ? 2.467   12.491  7.887   1.00 29.93  ? 56  LEU A CD1 1 
ATOM   415  C  CD2 . LEU A 1 56  ? 4.681   11.968  8.978   1.00 26.52  ? 56  LEU A CD2 1 
ATOM   416  N  N   . GLN A 1 57  ? 4.624   7.377   7.829   1.00 27.55  ? 57  GLN A N   1 
ATOM   417  C  CA  . GLN A 1 57  ? 4.179   5.996   7.927   1.00 29.79  ? 57  GLN A CA  1 
ATOM   418  C  C   . GLN A 1 57  ? 2.659   5.986   7.996   1.00 29.44  ? 57  GLN A C   1 
ATOM   419  O  O   . GLN A 1 57  ? 2.071   5.789   9.054   1.00 26.01  ? 57  GLN A O   1 
ATOM   420  C  CB  . GLN A 1 57  ? 4.793   5.282   9.145   1.00 29.04  ? 57  GLN A CB  1 
ATOM   421  C  CG  . GLN A 1 57  ? 6.313   5.142   9.094   1.00 23.65  ? 57  GLN A CG  1 
ATOM   422  C  CD  . GLN A 1 57  ? 6.851   4.516   10.361  1.00 26.45  ? 57  GLN A CD  1 
ATOM   423  O  OE1 . GLN A 1 57  ? 6.116   3.890   11.161  1.00 25.56  ? 57  GLN A OE1 1 
ATOM   424  N  NE2 . GLN A 1 57  ? 8.132   4.687   10.572  1.00 24.20  ? 57  GLN A NE2 1 
ATOM   425  N  N   . LEU A 1 58  ? 2.038   6.188   6.836   1.00 27.68  ? 58  LEU A N   1 
ATOM   426  C  CA  . LEU A 1 58  ? 0.582   6.250   6.729   1.00 25.20  ? 58  LEU A CA  1 
ATOM   427  C  C   . LEU A 1 58  ? 0.114   5.648   5.356   1.00 22.67  ? 58  LEU A C   1 
ATOM   428  O  O   . LEU A 1 58  ? 0.731   5.894   4.324   1.00 22.29  ? 58  LEU A O   1 
ATOM   429  C  CB  . LEU A 1 58  ? 0.187   7.729   6.776   1.00 21.38  ? 58  LEU A CB  1 
ATOM   430  C  CG  . LEU A 1 58  ? -1.262  8.117   6.558   1.00 21.52  ? 58  LEU A CG  1 
ATOM   431  C  CD1 . LEU A 1 58  ? -2.131  7.551   7.680   1.00 17.41  ? 58  LEU A CD1 1 
ATOM   432  C  CD2 . LEU A 1 58  ? -1.415  9.667   6.403   1.00 21.70  ? 58  LEU A CD2 1 
ATOM   433  N  N   . MET A 1 59  ? -0.991  4.920   5.360   1.00 25.66  ? 59  MET A N   1 
ATOM   434  C  CA  . MET A 1 59  ? -1.501  4.323   4.128   1.00 25.33  ? 59  MET A CA  1 
ATOM   435  C  C   . MET A 1 59  ? -3.000  4.304   4.180   1.00 23.24  ? 59  MET A C   1 
ATOM   436  O  O   . MET A 1 59  ? -3.606  4.250   5.254   1.00 25.94  ? 59  MET A O   1 
ATOM   437  C  CB  . MET A 1 59  ? -0.978  2.899   4.006   1.00 26.63  ? 59  MET A CB  1 
ATOM   438  C  CG  . MET A 1 59  ? -1.533  2.027   5.111   1.00 26.31  ? 59  MET A CG  1 
ATOM   439  S  SD  . MET A 1 59  ? -1.081  0.300   4.904   1.00 32.78  ? 59  MET A SD  1 
ATOM   440  C  CE  . MET A 1 59  ? 0.679   0.281   5.222   1.00 31.73  ? 59  MET A CE  1 
ATOM   441  N  N   . VAL A 1 60  ? -3.649  4.376   3.038   1.00 24.41  ? 60  VAL A N   1 
ATOM   442  C  CA  . VAL A 1 60  ? -5.105  4.058   3.069   1.00 24.14  ? 60  VAL A CA  1 
ATOM   443  C  C   . VAL A 1 60  ? -5.312  2.865   2.156   1.00 25.32  ? 60  VAL A C   1 
ATOM   444  O  O   . VAL A 1 60  ? -4.524  2.620   1.232   1.00 28.74  ? 60  VAL A O   1 
ATOM   445  C  CB  . VAL A 1 60  ? -6.006  5.250   2.663   1.00 22.85  ? 60  VAL A CB  1 
ATOM   446  C  CG1 . VAL A 1 60  ? -5.897  6.443   3.654   1.00 22.74  ? 60  VAL A CG1 1 
ATOM   447  C  CG2 . VAL A 1 60  ? -5.722  5.685   1.208   1.00 19.65  ? 60  VAL A CG2 1 
ATOM   448  N  N   . PHE A 1 61  ? -6.383  2.138   2.358   1.00 27.85  ? 61  PHE A N   1 
ATOM   449  C  CA  . PHE A 1 61  ? -6.617  1.015   1.476   1.00 26.96  ? 61  PHE A CA  1 
ATOM   450  C  C   . PHE A 1 61  ? -8.050  0.514   1.616   1.00 31.23  ? 61  PHE A C   1 
ATOM   451  O  O   . PHE A 1 61  ? -8.719  0.878   2.580   1.00 32.32  ? 61  PHE A O   1 
ATOM   452  C  CB  . PHE A 1 61  ? -5.614  -0.106  1.759   1.00 25.55  ? 61  PHE A CB  1 
ATOM   453  C  CG  . PHE A 1 61  ? -5.596  -0.615  3.185   1.00 26.08  ? 61  PHE A CG  1 
ATOM   454  C  CD1 . PHE A 1 61  ? -4.641  -0.106  4.140   1.00 25.45  ? 61  PHE A CD1 1 
ATOM   455  C  CD2 . PHE A 1 61  ? -6.430  -1.690  3.570   1.00 22.24  ? 61  PHE A CD2 1 
ATOM   456  C  CE1 . PHE A 1 61  ? -4.614  -0.614  5.448   1.00 22.37  ? 61  PHE A CE1 1 
ATOM   457  C  CE2 . PHE A 1 61  ? -6.402  -2.198  4.853   1.00 21.79  ? 61  PHE A CE2 1 
ATOM   458  C  CZ  . PHE A 1 61  ? -5.505  -1.668  5.794   1.00 25.29  ? 61  PHE A CZ  1 
ATOM   459  N  N   . GLY A 1 62  ? -8.502  -0.336  0.688   1.00 31.98  ? 62  GLY A N   1 
ATOM   460  C  CA  . GLY A 1 62  ? -9.760  -1.089  0.858   1.00 39.14  ? 62  GLY A CA  1 
ATOM   461  C  C   . GLY A 1 62  ? -10.672 -0.906  -0.333  1.00 48.03  ? 62  GLY A C   1 
ATOM   462  O  O   . GLY A 1 62  ? -10.328 -0.150  -1.265  1.00 53.82  ? 62  GLY A O   1 
ATOM   463  N  N   . PHE A 1 63  ? -11.817 -1.597  -0.310  1.00 51.88  ? 63  PHE A N   1 
ATOM   464  C  CA  . PHE A 1 63  ? -12.938 -1.370  -1.267  1.00 63.48  ? 63  PHE A CA  1 
ATOM   465  C  C   . PHE A 1 63  ? -14.218 -2.134  -0.924  1.00 59.94  ? 63  PHE A C   1 
ATOM   466  O  O   . PHE A 1 63  ? -14.209 -3.372  -0.970  1.00 62.69  ? 63  PHE A O   1 
ATOM   467  C  CB  . PHE A 1 63  ? -12.517 -1.703  -2.705  1.00 63.74  ? 63  PHE A CB  1 
ATOM   468  C  CG  . PHE A 1 63  ? -12.161 -3.141  -2.921  1.00 67.90  ? 63  PHE A CG  1 
ATOM   469  C  CD1 . PHE A 1 63  ? -13.097 -4.030  -3.478  1.00 75.18  ? 63  PHE A CD1 1 
ATOM   470  C  CD2 . PHE A 1 63  ? -10.895 -3.613  -2.596  1.00 67.04  ? 63  PHE A CD2 1 
ATOM   471  C  CE1 . PHE A 1 63  ? -12.777 -5.358  -3.702  1.00 69.25  ? 63  PHE A CE1 1 
ATOM   472  C  CE2 . PHE A 1 63  ? -10.573 -4.945  -2.810  1.00 68.26  ? 63  PHE A CE2 1 
ATOM   473  C  CZ  . PHE A 1 63  ? -11.513 -5.813  -3.366  1.00 73.08  ? 63  PHE A CZ  1 
ATOM   474  N  N   . PRO A 1 73  ? -13.139 -10.216 -3.199  1.00 60.45  ? 73  PRO A N   1 
ATOM   475  C  CA  . PRO A 1 73  ? -13.433 -10.271 -1.760  1.00 63.05  ? 73  PRO A CA  1 
ATOM   476  C  C   . PRO A 1 73  ? -13.207 -8.883  -1.107  1.00 65.61  ? 73  PRO A C   1 
ATOM   477  O  O   . PRO A 1 73  ? -12.153 -8.276  -1.321  1.00 67.38  ? 73  PRO A O   1 
ATOM   478  C  CB  . PRO A 1 73  ? -12.400 -11.275 -1.253  1.00 58.33  ? 73  PRO A CB  1 
ATOM   479  C  CG  . PRO A 1 73  ? -11.225 -11.124 -2.228  1.00 58.22  ? 73  PRO A CG  1 
ATOM   480  C  CD  . PRO A 1 73  ? -11.690 -10.352 -3.445  1.00 56.75  ? 73  PRO A CD  1 
ATOM   481  N  N   . ALA A 1 74  ? -14.190 -8.385  -0.352  1.00 63.78  ? 74  ALA A N   1 
ATOM   482  C  CA  . ALA A 1 74  ? -14.165 -7.003  0.179   1.00 65.49  ? 74  ALA A CA  1 
ATOM   483  C  C   . ALA A 1 74  ? -13.016 -6.856  1.165   1.00 61.42  ? 74  ALA A C   1 
ATOM   484  O  O   . ALA A 1 74  ? -12.810 -7.714  2.005   1.00 63.70  ? 74  ALA A O   1 
ATOM   485  C  CB  . ALA A 1 74  ? -15.491 -6.617  0.841   1.00 55.26  ? 74  ALA A CB  1 
ATOM   486  N  N   . VAL A 1 75  ? -12.251 -5.787  1.006   1.00 57.46  ? 75  VAL A N   1 
ATOM   487  C  CA  . VAL A 1 75  ? -11.211 -5.383  1.958   1.00 49.88  ? 75  VAL A CA  1 
ATOM   488  C  C   . VAL A 1 75  ? -11.722 -4.096  2.653   1.00 46.47  ? 75  VAL A C   1 
ATOM   489  O  O   . VAL A 1 75  ? -12.157 -3.170  1.992   1.00 48.10  ? 75  VAL A O   1 
ATOM   490  C  CB  . VAL A 1 75  ? -9.896  -5.144  1.207   1.00 49.56  ? 75  VAL A CB  1 
ATOM   491  C  CG1 . VAL A 1 75  ? -8.820  -4.544  2.119   1.00 46.99  ? 75  VAL A CG1 1 
ATOM   492  C  CG2 . VAL A 1 75  ? -9.447  -6.446  0.567   1.00 44.72  ? 75  VAL A CG2 1 
ATOM   493  N  N   . PRO A 1 76  ? -11.723 -4.048  3.976   1.00 40.56  ? 76  PRO A N   1 
ATOM   494  C  CA  . PRO A 1 76  ? -12.395 -2.894  4.618   1.00 39.14  ? 76  PRO A CA  1 
ATOM   495  C  C   . PRO A 1 76  ? -11.673 -1.551  4.407   1.00 31.89  ? 76  PRO A C   1 
ATOM   496  O  O   . PRO A 1 76  ? -10.421 -1.515  4.390   1.00 31.66  ? 76  PRO A O   1 
ATOM   497  C  CB  . PRO A 1 76  ? -12.400 -3.256  6.109   1.00 38.52  ? 76  PRO A CB  1 
ATOM   498  C  CG  . PRO A 1 76  ? -11.837 -4.650  6.204   1.00 46.77  ? 76  PRO A CG  1 
ATOM   499  C  CD  . PRO A 1 76  ? -11.041 -4.910  4.950   1.00 43.35  ? 76  PRO A CD  1 
ATOM   500  N  N   . LEU A 1 77  ? -12.454 -0.486  4.190   1.00 30.39  ? 77  LEU A N   1 
ATOM   501  C  CA  . LEU A 1 77  ? -11.861 0.850   3.958   1.00 33.43  ? 77  LEU A CA  1 
ATOM   502  C  C   . LEU A 1 77  ? -11.103 1.228   5.198   1.00 29.84  ? 77  LEU A C   1 
ATOM   503  O  O   . LEU A 1 77  ? -11.661 1.217   6.249   1.00 29.56  ? 77  LEU A O   1 
ATOM   504  C  CB  . LEU A 1 77  ? -12.926 1.899   3.666   1.00 32.65  ? 77  LEU A CB  1 
ATOM   505  C  CG  . LEU A 1 77  ? -13.402 1.936   2.217   1.00 33.92  ? 77  LEU A CG  1 
ATOM   506  C  CD1 . LEU A 1 77  ? -14.578 2.912   2.104   1.00 33.20  ? 77  LEU A CD1 1 
ATOM   507  C  CD2 . LEU A 1 77  ? -12.263 2.312   1.284   1.00 33.03  ? 77  LEU A CD2 1 
ATOM   508  N  N   . THR A 1 78  ? -9.805  1.458   5.086   1.00 30.03  ? 78  THR A N   1 
ATOM   509  C  CA  . THR A 1 78  ? -8.978  1.567   6.290   1.00 28.25  ? 78  THR A CA  1 
ATOM   510  C  C   . THR A 1 78  ? -7.937  2.649   6.106   1.00 27.20  ? 78  THR A C   1 
ATOM   511  O  O   . THR A 1 78  ? -7.327  2.700   5.053   1.00 24.78  ? 78  THR A O   1 
ATOM   512  C  CB  . THR A 1 78  ? -8.236  0.248   6.600   1.00 27.36  ? 78  THR A CB  1 
ATOM   513  O  OG1 . THR A 1 78  ? -9.170  -0.832  6.767   1.00 23.98  ? 78  THR A OG1 1 
ATOM   514  C  CG2 . THR A 1 78  ? -7.376  0.381   7.963   1.00 24.92  ? 78  THR A CG2 1 
ATOM   515  N  N   . ALA A 1 79  ? -7.728  3.500   7.136   1.00 26.44  ? 79  ALA A N   1 
ATOM   516  C  CA  . ALA A 1 79  ? -6.587  4.414   7.183   1.00 25.58  ? 79  ALA A CA  1 
ATOM   517  C  C   . ALA A 1 79  ? -5.695  3.923   8.299   1.00 28.38  ? 79  ALA A C   1 
ATOM   518  O  O   . ALA A 1 79  ? -6.206  3.616   9.376   1.00 30.80  ? 79  ALA A O   1 
ATOM   519  C  CB  . ALA A 1 79  ? -7.058  5.825   7.462   1.00 26.72  ? 79  ALA A CB  1 
ATOM   520  N  N   . LEU A 1 80  ? -4.383  3.849   8.070   1.00 25.86  ? 80  LEU A N   1 
ATOM   521  C  CA  . LEU A 1 80  ? -3.509  3.168   9.035   1.00 25.44  ? 80  LEU A CA  1 
ATOM   522  C  C   . LEU A 1 80  ? -2.188  3.889   9.169   1.00 26.32  ? 80  LEU A C   1 
ATOM   523  O  O   . LEU A 1 80  ? -1.421  3.968   8.226   1.00 26.38  ? 80  LEU A O   1 
ATOM   524  C  CB  . LEU A 1 80  ? -3.280  1.705   8.639   1.00 26.21  ? 80  LEU A CB  1 
ATOM   525  C  CG  . LEU A 1 80  ? -2.463  0.757   9.542   1.00 28.48  ? 80  LEU A CG  1 
ATOM   526  C  CD1 . LEU A 1 80  ? -3.112  0.468   10.917  1.00 25.43  ? 80  LEU A CD1 1 
ATOM   527  C  CD2 . LEU A 1 80  ? -2.183  -0.573  8.842   1.00 26.35  ? 80  LEU A CD2 1 
ATOM   528  N  N   . ALA A 1 81  ? -1.952  4.463   10.345  1.00 29.20  ? 81  ALA A N   1 
ATOM   529  C  CA  . ALA A 1 81  ? -0.638  5.094   10.693  1.00 28.57  ? 81  ALA A CA  1 
ATOM   530  C  C   . ALA A 1 81  ? 0.283   4.137   11.483  1.00 26.31  ? 81  ALA A C   1 
ATOM   531  O  O   . ALA A 1 81  ? -0.187  3.254   12.222  1.00 23.56  ? 81  ALA A O   1 
ATOM   532  C  CB  . ALA A 1 81  ? -0.857  6.365   11.477  1.00 29.03  ? 81  ALA A CB  1 
ATOM   533  N  N   . ASN A 1 82  ? 1.596   4.315   11.288  1.00 26.58  ? 82  ASN A N   1 
ATOM   534  C  CA  . ASN A 1 82  ? 2.608   3.564   12.013  1.00 28.79  ? 82  ASN A CA  1 
ATOM   535  C  C   . ASN A 1 82  ? 2.408   2.061   11.922  1.00 30.32  ? 82  ASN A C   1 
ATOM   536  O  O   . ASN A 1 82  ? 2.480   1.336   12.913  1.00 31.07  ? 82  ASN A O   1 
ATOM   537  C  CB  . ASN A 1 82  ? 2.680   4.103   13.441  1.00 26.87  ? 82  ASN A CB  1 
ATOM   538  C  CG  . ASN A 1 82  ? 2.870   5.601   13.432  1.00 30.25  ? 82  ASN A CG  1 
ATOM   539  O  OD1 . ASN A 1 82  ? 3.403   6.176   12.457  1.00 29.32  ? 82  ASN A OD1 1 
ATOM   540  N  ND2 . ASN A 1 82  ? 2.395   6.264   14.474  1.00 28.07  ? 82  ASN A ND2 1 
ATOM   541  N  N   . ALA A 1 83  ? 2.119   1.589   10.706  1.00 32.13  ? 83  ALA A N   1 
ATOM   542  C  CA  . ALA A 1 83  ? 1.854   0.148   10.493  1.00 30.43  ? 83  ALA A CA  1 
ATOM   543  C  C   . ALA A 1 83  ? 3.050   -0.732  10.891  1.00 31.29  ? 83  ALA A C   1 
ATOM   544  O  O   . ALA A 1 83  ? 4.202   -0.412  10.629  1.00 29.29  ? 83  ALA A O   1 
ATOM   545  C  CB  . ALA A 1 83  ? 1.528   -0.101  9.044   1.00 28.26  ? 83  ALA A CB  1 
ATOM   546  N  N   . GLN A 1 84  ? 2.788   -1.864  11.499  1.00 33.33  ? 84  GLN A N   1 
ATOM   547  C  CA  . GLN A 1 84  ? 3.861   -2.831  11.648  1.00 36.92  ? 84  GLN A CA  1 
ATOM   548  C  C   . GLN A 1 84  ? 3.232   -4.183  11.322  1.00 34.00  ? 84  GLN A C   1 
ATOM   549  O  O   . GLN A 1 84  ? 2.051   -4.378  11.572  1.00 31.01  ? 84  GLN A O   1 
ATOM   550  C  CB  . GLN A 1 84  ? 4.560   -2.738  13.016  1.00 39.43  ? 84  GLN A CB  1 
ATOM   551  C  CG  . GLN A 1 84  ? 3.716   -3.093  14.219  1.00 52.41  ? 84  GLN A CG  1 
ATOM   552  C  CD  . GLN A 1 84  ? 4.450   -2.814  15.546  1.00 66.03  ? 84  GLN A CD  1 
ATOM   553  O  OE1 . GLN A 1 84  ? 4.767   -1.658  15.870  1.00 59.18  ? 84  GLN A OE1 1 
ATOM   554  N  NE2 . GLN A 1 84  ? 4.706   -3.877  16.328  1.00 53.45  ? 84  GLN A NE2 1 
ATOM   555  N  N   . ILE A 1 85  ? 3.984   -5.051  10.649  1.00 31.99  ? 85  ILE A N   1 
ATOM   556  C  CA  . ILE A 1 85  ? 3.400   -6.292  10.102  1.00 34.08  ? 85  ILE A CA  1 
ATOM   557  C  C   . ILE A 1 85  ? 4.227   -7.534  10.527  1.00 35.23  ? 85  ILE A C   1 
ATOM   558  O  O   . ILE A 1 85  ? 5.428   -7.421  10.647  1.00 31.99  ? 85  ILE A O   1 
ATOM   559  C  CB  . ILE A 1 85  ? 3.450   -6.197  8.589   1.00 33.42  ? 85  ILE A CB  1 
ATOM   560  C  CG1 . ILE A 1 85  ? 2.465   -5.131  8.142   1.00 37.21  ? 85  ILE A CG1 1 
ATOM   561  C  CG2 . ILE A 1 85  ? 3.132   -7.529  7.925   1.00 32.62  ? 85  ILE A CG2 1 
ATOM   562  C  CD1 . ILE A 1 85  ? 2.610   -4.841  6.676   1.00 37.87  ? 85  ILE A CD1 1 
ATOM   563  N  N   . GLU A 1 86  ? 3.590   -8.709  10.657  1.00 34.86  ? 86  GLU A N   1 
ATOM   564  C  CA  . GLU A 1 86  ? 4.169   -9.916  11.254  1.00 34.16  ? 86  GLU A CA  1 
ATOM   565  C  C   . GLU A 1 86  ? 3.560   -10.991 10.408  1.00 33.59  ? 86  GLU A C   1 
ATOM   566  O  O   . GLU A 1 86  ? 2.302   -11.062 10.286  1.00 28.55  ? 86  GLU A O   1 
ATOM   567  C  CB  . GLU A 1 86  ? 3.577   -10.084 12.671  1.00 43.57  ? 86  GLU A CB  1 
ATOM   568  C  CG  . GLU A 1 86  ? 4.539   -10.198 13.846  1.00 59.71  ? 86  GLU A CG  1 
ATOM   569  C  CD  . GLU A 1 86  ? 3.852   -10.367 15.224  1.00 68.04  ? 86  GLU A CD  1 
ATOM   570  O  OE1 . GLU A 1 86  ? 2.937   -9.562  15.659  1.00 65.45  ? 86  GLU A OE1 1 
ATOM   571  O  OE2 . GLU A 1 86  ? 4.285   -11.330 15.896  1.00 59.39  ? 86  GLU A OE2 1 
ATOM   572  N  N   . PRO A 1 87  ? 4.413   -11.836 9.780   1.00 32.20  ? 87  PRO A N   1 
ATOM   573  C  CA  . PRO A 1 87  ? 3.806   -12.906 8.997   1.00 35.56  ? 87  PRO A CA  1 
ATOM   574  C  C   . PRO A 1 87  ? 3.229   -13.890 9.997   1.00 32.24  ? 87  PRO A C   1 
ATOM   575  O  O   . PRO A 1 87  ? 3.743   -13.991 11.092  1.00 28.83  ? 87  PRO A O   1 
ATOM   576  C  CB  . PRO A 1 87  ? 5.022   -13.527 8.251   1.00 34.38  ? 87  PRO A CB  1 
ATOM   577  C  CG  . PRO A 1 87  ? 6.185   -13.191 9.119   1.00 39.08  ? 87  PRO A CG  1 
ATOM   578  C  CD  . PRO A 1 87  ? 5.872   -11.780 9.575   1.00 32.54  ? 87  PRO A CD  1 
ATOM   579  N  N   . LEU A 1 88  ? 2.174   -14.595 9.652   1.00 31.22  ? 88  LEU A N   1 
ATOM   580  C  CA  . LEU A 1 88  ? 1.609   -15.580 10.615  1.00 31.35  ? 88  LEU A CA  1 
ATOM   581  C  C   . LEU A 1 88  ? 1.948   -16.993 10.300  1.00 33.55  ? 88  LEU A C   1 
ATOM   582  O  O   . LEU A 1 88  ? 1.484   -17.926 10.957  1.00 37.58  ? 88  LEU A O   1 
ATOM   583  C  CB  . LEU A 1 88  ? 0.103   -15.433 10.706  1.00 31.16  ? 88  LEU A CB  1 
ATOM   584  C  CG  . LEU A 1 88  ? -0.144  -14.095 11.421  1.00 31.81  ? 88  LEU A CG  1 
ATOM   585  C  CD1 . LEU A 1 88  ? -1.622  -13.979 11.656  1.00 28.87  ? 88  LEU A CD1 1 
ATOM   586  C  CD2 . LEU A 1 88  ? 0.648   -13.947 12.723  1.00 29.08  ? 88  LEU A CD2 1 
ATOM   587  N  N   . SER A 1 89  ? 2.789   -17.149 9.290   1.00 36.56  ? 89  SER A N   1 
ATOM   588  C  CA  . SER A 1 89  ? 3.131   -18.445 8.762   1.00 35.05  ? 89  SER A CA  1 
ATOM   589  C  C   . SER A 1 89  ? 4.199   -18.188 7.720   1.00 43.36  ? 89  SER A C   1 
ATOM   590  O  O   . SER A 1 89  ? 4.529   -17.030 7.403   1.00 41.52  ? 89  SER A O   1 
ATOM   591  C  CB  . SER A 1 89  ? 1.866   -19.043 8.162   1.00 33.54  ? 89  SER A CB  1 
ATOM   592  O  OG  . SER A 1 89  ? 2.107   -19.867 7.099   1.00 29.90  ? 89  SER A OG  1 
ATOM   593  N  N   . ASP A 1 90  ? 4.746   -19.268 7.188   1.00 42.76  ? 90  ASP A N   1 
ATOM   594  C  CA  . ASP A 1 90  ? 5.607   -19.152 6.068   1.00 37.01  ? 90  ASP A CA  1 
ATOM   595  C  C   . ASP A 1 90  ? 4.932   -19.343 4.722   1.00 36.33  ? 90  ASP A C   1 
ATOM   596  O  O   . ASP A 1 90  ? 5.584   -19.045 3.759   1.00 40.24  ? 90  ASP A O   1 
ATOM   597  C  CB  . ASP A 1 90  ? 6.756   -20.124 6.206   1.00 45.31  ? 90  ASP A CB  1 
ATOM   598  C  CG  . ASP A 1 90  ? 7.919   -19.516 6.951   1.00 52.74  ? 90  ASP A CG  1 
ATOM   599  O  OD1 . ASP A 1 90  ? 7.946   -18.264 7.104   1.00 58.92  ? 90  ASP A OD1 1 
ATOM   600  O  OD2 . ASP A 1 90  ? 8.815   -20.284 7.371   1.00 60.35  ? 90  ASP A OD2 1 
ATOM   601  N  N   . GLU A 1 91  ? 3.678   -19.808 4.624   1.00 32.92  ? 91  GLU A N   1 
ATOM   602  C  CA  . GLU A 1 91  ? 3.026   -19.949 3.292   1.00 38.02  ? 91  GLU A CA  1 
ATOM   603  C  C   . GLU A 1 91  ? 3.169   -18.595 2.523   1.00 40.64  ? 91  GLU A C   1 
ATOM   604  O  O   . GLU A 1 91  ? 2.758   -17.524 3.021   1.00 46.39  ? 91  GLU A O   1 
ATOM   605  C  CB  . GLU A 1 91  ? 1.561   -20.535 3.355   1.00 38.52  ? 91  GLU A CB  1 
ATOM   606  C  CG  . GLU A 1 91  ? 1.002   -21.333 2.131   1.00 34.36  ? 91  GLU A CG  1 
ATOM   607  C  CD  . GLU A 1 91  ? -0.439  -21.852 2.382   1.00 43.83  ? 91  GLU A CD  1 
ATOM   608  O  OE1 . GLU A 1 91  ? -1.208  -22.567 1.542   1.00 36.64  ? 91  GLU A OE1 1 
ATOM   609  O  OE2 . GLU A 1 91  ? -0.808  -21.530 3.534   1.00 44.08  ? 91  GLU A OE2 1 
ATOM   610  N  N   . MET A 1 92  ? 3.874   -18.632 1.374   1.00 39.58  ? 92  MET A N   1 
ATOM   611  C  CA  . MET A 1 92  ? 3.805   -17.573 0.382   1.00 36.76  ? 92  MET A CA  1 
ATOM   612  C  C   . MET A 1 92  ? 2.665   -17.889 -0.602  1.00 40.25  ? 92  MET A C   1 
ATOM   613  O  O   . MET A 1 92  ? 2.217   -19.035 -0.752  1.00 40.74  ? 92  MET A O   1 
ATOM   614  C  CB  . MET A 1 92  ? 5.114   -17.384 -0.381  1.00 40.64  ? 92  MET A CB  1 
ATOM   615  C  CG  . MET A 1 92  ? 6.336   -17.180 0.489   1.00 43.36  ? 92  MET A CG  1 
ATOM   616  S  SD  . MET A 1 92  ? 6.200   -15.712 1.532   1.00 51.88  ? 92  MET A SD  1 
ATOM   617  C  CE  . MET A 1 92  ? 6.788   -14.451 0.408   1.00 37.39  ? 92  MET A CE  1 
ATOM   618  N  N   . GLU A 1 93  ? 2.173   -16.855 -1.253  1.00 37.28  ? 93  GLU A N   1 
ATOM   619  C  CA  . GLU A 1 93  ? 1.224   -17.050 -2.275  1.00 34.99  ? 93  GLU A CA  1 
ATOM   620  C  C   . GLU A 1 93  ? 1.473   -16.048 -3.405  1.00 35.22  ? 93  GLU A C   1 
ATOM   621  O  O   . GLU A 1 93  ? 1.824   -14.884 -3.146  1.00 34.63  ? 93  GLU A O   1 
ATOM   622  C  CB  . GLU A 1 93  ? -0.107  -16.829 -1.656  1.00 36.24  ? 93  GLU A CB  1 
ATOM   623  C  CG  . GLU A 1 93  ? -1.268  -17.038 -2.588  1.00 38.00  ? 93  GLU A CG  1 
ATOM   624  C  CD  . GLU A 1 93  ? -2.518  -17.046 -1.760  1.00 48.80  ? 93  GLU A CD  1 
ATOM   625  O  OE1 . GLU A 1 93  ? -3.045  -15.941 -1.514  1.00 49.71  ? 93  GLU A OE1 1 
ATOM   626  O  OE2 . GLU A 1 93  ? -2.893  -18.124 -1.243  1.00 48.81  ? 93  GLU A OE2 1 
ATOM   627  N  N   . ASN A 1 94  ? 1.338   -16.494 -4.659  1.00 34.50  ? 94  ASN A N   1 
ATOM   628  C  CA  . ASN A 1 94  ? 1.483   -15.551 -5.787  1.00 32.06  ? 94  ASN A CA  1 
ATOM   629  C  C   . ASN A 1 94  ? 0.177   -14.926 -6.147  1.00 29.88  ? 94  ASN A C   1 
ATOM   630  O  O   . ASN A 1 94  ? -0.879  -15.579 -6.056  1.00 33.33  ? 94  ASN A O   1 
ATOM   631  C  CB  . ASN A 1 94  ? 2.068   -16.226 -7.023  1.00 36.09  ? 94  ASN A CB  1 
ATOM   632  C  CG  . ASN A 1 94  ? 3.529   -16.565 -6.847  1.00 41.13  ? 94  ASN A CG  1 
ATOM   633  O  OD1 . ASN A 1 94  ? 4.353   -15.715 -6.485  1.00 40.29  ? 94  ASN A OD1 1 
ATOM   634  N  ND2 . ASN A 1 94  ? 3.871   -17.828 -7.107  1.00 43.21  ? 94  ASN A ND2 1 
ATOM   635  N  N   . GLY A 1 95  ? 0.244   -13.659 -6.562  1.00 29.31  ? 95  GLY A N   1 
ATOM   636  C  CA  . GLY A 1 95  ? -0.903  -12.889 -7.007  1.00 25.05  ? 95  GLY A CA  1 
ATOM   637  C  C   . GLY A 1 95  ? -0.511  -11.753 -7.908  1.00 28.38  ? 95  GLY A C   1 
ATOM   638  O  O   . GLY A 1 95  ? 0.646   -11.273 -7.868  1.00 33.58  ? 95  GLY A O   1 
ATOM   639  N  N   . TRP A 1 96  ? -1.439  -11.336 -8.777  1.00 30.29  ? 96  TRP A N   1 
ATOM   640  C  CA  . TRP A 1 96  ? -1.249  -10.100 -9.570  1.00 30.87  ? 96  TRP A CA  1 
ATOM   641  C  C   . TRP A 1 96  ? -1.154  -8.814  -8.681  1.00 34.53  ? 96  TRP A C   1 
ATOM   642  O  O   . TRP A 1 96  ? -1.966  -8.637  -7.767  1.00 34.07  ? 96  TRP A O   1 
ATOM   643  C  CB  . TRP A 1 96  ? -2.369  -9.950  -10.625 1.00 29.51  ? 96  TRP A CB  1 
ATOM   644  C  CG  . TRP A 1 96  ? -2.179  -10.974 -11.738 1.00 39.08  ? 96  TRP A CG  1 
ATOM   645  C  CD1 . TRP A 1 96  ? -2.885  -12.127 -11.934 1.00 35.26  ? 96  TRP A CD1 1 
ATOM   646  C  CD2 . TRP A 1 96  ? -1.136  -10.960 -12.752 1.00 37.03  ? 96  TRP A CD2 1 
ATOM   647  N  NE1 . TRP A 1 96  ? -2.366  -12.820 -13.031 1.00 40.99  ? 96  TRP A NE1 1 
ATOM   648  C  CE2 . TRP A 1 96  ? -1.307  -12.124 -13.547 1.00 35.33  ? 96  TRP A CE2 1 
ATOM   649  C  CE3 . TRP A 1 96  ? -0.088  -10.065 -13.066 1.00 34.64  ? 96  TRP A CE3 1 
ATOM   650  C  CZ2 . TRP A 1 96  ? -0.467  -12.428 -14.636 1.00 31.01  ? 96  TRP A CZ2 1 
ATOM   651  C  CZ3 . TRP A 1 96  ? 0.721   -10.357 -14.179 1.00 32.40  ? 96  TRP A CZ3 1 
ATOM   652  C  CH2 . TRP A 1 96  ? 0.520   -11.540 -14.930 1.00 30.26  ? 96  TRP A CH2 1 
ATOM   653  N  N   . GLU A 1 97  ? -0.181  -7.942  -8.964  1.00 33.98  ? 97  GLU A N   1 
ATOM   654  C  CA  . GLU A 1 97  ? -0.078  -6.588  -8.330  1.00 33.29  ? 97  GLU A CA  1 
ATOM   655  C  C   . GLU A 1 97  ? 0.212   -5.538  -9.389  1.00 34.45  ? 97  GLU A C   1 
ATOM   656  O  O   . GLU A 1 97  ? 0.934   -5.818  -10.364 1.00 30.23  ? 97  GLU A O   1 
ATOM   657  C  CB  . GLU A 1 97  ? 1.023   -6.521  -7.283  1.00 29.99  ? 97  GLU A CB  1 
ATOM   658  C  CG  . GLU A 1 97  ? 0.700   -7.340  -6.033  1.00 28.30  ? 97  GLU A CG  1 
ATOM   659  C  CD  . GLU A 1 97  ? 1.730   -7.264  -4.914  1.00 30.24  ? 97  GLU A CD  1 
ATOM   660  O  OE1 . GLU A 1 97  ? 2.473   -6.235  -4.769  1.00 33.00  ? 97  GLU A OE1 1 
ATOM   661  O  OE2 . GLU A 1 97  ? 1.787   -8.260  -4.120  1.00 32.14  ? 97  GLU A OE2 1 
ATOM   662  N  N   . GLY A 1 98  ? -0.378  -4.347  -9.220  1.00 32.99  ? 98  GLY A N   1 
ATOM   663  C  CA  . GLY A 1 98  ? 0.019   -3.141  -9.952  1.00 32.11  ? 98  GLY A CA  1 
ATOM   664  C  C   . GLY A 1 98  ? 0.195   -2.033  -8.934  1.00 36.29  ? 98  GLY A C   1 
ATOM   665  O  O   . GLY A 1 98  ? 0.073   -2.260  -7.748  1.00 38.96  ? 98  GLY A O   1 
ATOM   666  N  N   . CYS A 1 99  ? 0.506   -0.830  -9.394  1.00 36.66  ? 99  CYS A N   1 
ATOM   667  C  CA  . CYS A 1 99  ? 0.763   0.248   -8.486  1.00 33.42  ? 99  CYS A CA  1 
ATOM   668  C  C   . CYS A 1 99  ? 0.550   1.571   -9.208  1.00 34.04  ? 99  CYS A C   1 
ATOM   669  O  O   . CYS A 1 99  ? 1.142   1.844   -10.309 1.00 29.11  ? 99  CYS A O   1 
ATOM   670  C  CB  . CYS A 1 99  ? 2.177   0.108   -7.927  1.00 32.39  ? 99  CYS A CB  1 
ATOM   671  S  SG  . CYS A 1 99  ? 2.702   1.428   -6.791  1.00 33.35  ? 99  CYS A SG  1 
ATOM   672  N  N   . LEU A 1 100 ? -0.232  2.453   -8.572  1.00 34.20  ? 100 LEU A N   1 
ATOM   673  C  CA  . LEU A 1 100 ? -0.457  3.791   -9.189  1.00 32.60  ? 100 LEU A CA  1 
ATOM   674  C  C   . LEU A 1 100 ? 0.819   4.598   -9.485  1.00 30.94  ? 100 LEU A C   1 
ATOM   675  O  O   . LEU A 1 100 ? 0.778   5.443   -10.361 1.00 37.13  ? 100 LEU A O   1 
ATOM   676  C  CB  . LEU A 1 100 ? -1.550  4.637   -8.473  1.00 30.89  ? 100 LEU A CB  1 
ATOM   677  C  CG  . LEU A 1 100 ? -2.739  3.900   -7.896  1.00 34.71  ? 100 LEU A CG  1 
ATOM   678  C  CD1 . LEU A 1 100 ? -3.472  4.708   -6.805  1.00 33.02  ? 100 LEU A CD1 1 
ATOM   679  C  CD2 . LEU A 1 100 ? -3.660  3.539   -9.045  1.00 34.52  ? 100 LEU A CD2 1 
ATOM   680  N  N   . SER A 1 101 ? 1.934   4.370   -8.794  1.00 27.44  ? 101 SER A N   1 
ATOM   681  C  CA  . SER A 1 101 ? 3.183   5.059   -9.189  1.00 32.10  ? 101 SER A CA  1 
ATOM   682  C  C   . SER A 1 101 ? 3.885   4.389   -10.412 1.00 34.65  ? 101 SER A C   1 
ATOM   683  O  O   . SER A 1 101 ? 4.833   4.965   -10.987 1.00 34.53  ? 101 SER A O   1 
ATOM   684  C  CB  . SER A 1 101 ? 4.134   5.235   -7.974  1.00 31.83  ? 101 SER A CB  1 
ATOM   685  O  OG  . SER A 1 101 ? 3.407   5.786   -6.872  1.00 26.76  ? 101 SER A OG  1 
ATOM   686  N  N   . ILE A 1 102 ? 3.391   3.208   -10.820 1.00 33.22  ? 102 ILE A N   1 
ATOM   687  C  CA  . ILE A 1 102 ? 3.909   2.473   -11.997 1.00 35.13  ? 102 ILE A CA  1 
ATOM   688  C  C   . ILE A 1 102 ? 2.757   2.192   -12.969 1.00 36.75  ? 102 ILE A C   1 
ATOM   689  O  O   . ILE A 1 102 ? 2.398   1.005   -13.199 1.00 31.32  ? 102 ILE A O   1 
ATOM   690  C  CB  . ILE A 1 102 ? 4.550   1.128   -11.565 1.00 34.84  ? 102 ILE A CB  1 
ATOM   691  C  CG1 . ILE A 1 102 ? 5.590   1.337   -10.435 1.00 33.02  ? 102 ILE A CG1 1 
ATOM   692  C  CG2 . ILE A 1 102 ? 5.176   0.387   -12.756 1.00 34.60  ? 102 ILE A CG2 1 
ATOM   693  C  CD1 . ILE A 1 102 ? 5.843   0.052   -9.645  1.00 31.15  ? 102 ILE A CD1 1 
ATOM   694  N  N   . PRO A 1 103 ? 2.142   3.264   -13.512 1.00 38.08  ? 103 PRO A N   1 
ATOM   695  C  CA  . PRO A 1 103 ? 0.882   3.083   -14.252 1.00 37.01  ? 103 PRO A CA  1 
ATOM   696  C  C   . PRO A 1 103 ? 1.025   2.203   -15.508 1.00 40.13  ? 103 PRO A C   1 
ATOM   697  O  O   . PRO A 1 103 ? 2.027   2.295   -16.183 1.00 38.17  ? 103 PRO A O   1 
ATOM   698  C  CB  . PRO A 1 103 ? 0.519   4.485   -14.690 1.00 34.77  ? 103 PRO A CB  1 
ATOM   699  C  CG  . PRO A 1 103 ? 1.789   5.311   -14.564 1.00 40.13  ? 103 PRO A CG  1 
ATOM   700  C  CD  . PRO A 1 103 ? 2.510   4.697   -13.393 1.00 40.84  ? 103 PRO A CD  1 
ATOM   701  N  N   . GLY A 1 104 ? 0.013   1.375   -15.796 1.00 38.88  ? 104 GLY A N   1 
ATOM   702  C  CA  . GLY A 1 104 ? -0.048  0.535   -16.986 1.00 38.36  ? 104 GLY A CA  1 
ATOM   703  C  C   . GLY A 1 104 ? 0.599   -0.832  -16.860 1.00 38.35  ? 104 GLY A C   1 
ATOM   704  O  O   . GLY A 1 104 ? 0.481   -1.661  -17.762 1.00 42.67  ? 104 GLY A O   1 
ATOM   705  N  N   . LEU A 1 105 ? 1.293   -1.096  -15.763 1.00 32.97  ? 105 LEU A N   1 
ATOM   706  C  CA  . LEU A 1 105 ? 2.005   -2.346  -15.648 1.00 33.00  ? 105 LEU A CA  1 
ATOM   707  C  C   . LEU A 1 105 ? 1.477   -3.174  -14.525 1.00 35.82  ? 105 LEU A C   1 
ATOM   708  O  O   . LEU A 1 105 ? 0.884   -2.660  -13.588 1.00 33.53  ? 105 LEU A O   1 
ATOM   709  C  CB  . LEU A 1 105 ? 3.488   -2.107  -15.412 1.00 32.98  ? 105 LEU A CB  1 
ATOM   710  C  CG  . LEU A 1 105 ? 4.280   -1.591  -16.614 1.00 37.65  ? 105 LEU A CG  1 
ATOM   711  C  CD1 . LEU A 1 105 ? 5.498   -0.925  -16.059 1.00 35.88  ? 105 LEU A CD1 1 
ATOM   712  C  CD2 . LEU A 1 105 ? 4.737   -2.725  -17.540 1.00 38.40  ? 105 LEU A CD2 1 
ATOM   713  N  N   . ARG A 1 106 ? 1.703   -4.470  -14.620 1.00 33.66  ? 106 ARG A N   1 
ATOM   714  C  CA  . ARG A 1 106 ? 1.533   -5.342  -13.483 1.00 36.25  ? 106 ARG A CA  1 
ATOM   715  C  C   . ARG A 1 106 ? 2.503   -6.548  -13.532 1.00 33.78  ? 106 ARG A C   1 
ATOM   716  O  O   . ARG A 1 106 ? 3.272   -6.697  -14.463 1.00 32.37  ? 106 ARG A O   1 
ATOM   717  C  CB  . ARG A 1 106 ? 0.076   -5.754  -13.340 1.00 40.00  ? 106 ARG A CB  1 
ATOM   718  C  CG  . ARG A 1 106 ? -0.517  -6.312  -14.584 1.00 38.10  ? 106 ARG A CG  1 
ATOM   719  C  CD  . ARG A 1 106 ? -1.970  -6.634  -14.353 1.00 43.83  ? 106 ARG A CD  1 
ATOM   720  N  NE  . ARG A 1 106 ? -2.166  -8.019  -14.769 1.00 52.79  ? 106 ARG A NE  1 
ATOM   721  C  CZ  . ARG A 1 106 ? -2.699  -8.386  -15.922 1.00 48.79  ? 106 ARG A CZ  1 
ATOM   722  N  NH1 . ARG A 1 106 ? -3.134  -7.449  -16.748 1.00 50.60  ? 106 ARG A NH1 1 
ATOM   723  N  NH2 . ARG A 1 106 ? -2.824  -9.681  -16.232 1.00 47.28  ? 106 ARG A NH2 1 
ATOM   724  N  N   . ALA A 1 107 ? 2.536   -7.337  -12.464 1.00 33.63  ? 107 ALA A N   1 
ATOM   725  C  CA  . ALA A 1 107 ? 3.415   -8.503  -12.364 1.00 29.13  ? 107 ALA A CA  1 
ATOM   726  C  C   . ALA A 1 107 ? 2.808   -9.409  -11.330 1.00 30.72  ? 107 ALA A C   1 
ATOM   727  O  O   . ALA A 1 107 ? 1.931   -8.973  -10.568 1.00 34.32  ? 107 ALA A O   1 
ATOM   728  C  CB  . ALA A 1 107 ? 4.801   -8.063  -11.941 1.00 30.07  ? 107 ALA A CB  1 
ATOM   729  N  N   . VAL A 1 108 ? 3.270   -10.659 -11.283 1.00 27.76  ? 108 VAL A N   1 
ATOM   730  C  CA  . VAL A 1 108 ? 2.910   -11.587 -10.250 1.00 26.04  ? 108 VAL A CA  1 
ATOM   731  C  C   . VAL A 1 108 ? 3.951   -11.475 -9.147  1.00 25.94  ? 108 VAL A C   1 
ATOM   732  O  O   . VAL A 1 108 ? 5.140   -11.463 -9.441  1.00 27.46  ? 108 VAL A O   1 
ATOM   733  C  CB  . VAL A 1 108 ? 2.855   -13.041 -10.797 1.00 26.97  ? 108 VAL A CB  1 
ATOM   734  C  CG1 . VAL A 1 108 ? 2.721   -14.020 -9.676  1.00 25.03  ? 108 VAL A CG1 1 
ATOM   735  C  CG2 . VAL A 1 108 ? 1.687   -13.202 -11.784 1.00 28.88  ? 108 VAL A CG2 1 
ATOM   736  N  N   . ILE A 1 109 ? 3.514   -11.362 -7.887  1.00 25.56  ? 109 ILE A N   1 
ATOM   737  C  CA  . ILE A 1 109 ? 4.442   -11.154 -6.751  1.00 25.95  ? 109 ILE A CA  1 
ATOM   738  C  C   . ILE A 1 109 ? 4.092   -12.143 -5.645  1.00 26.54  ? 109 ILE A C   1 
ATOM   739  O  O   . ILE A 1 109 ? 2.921   -12.322 -5.329  1.00 32.05  ? 109 ILE A O   1 
ATOM   740  C  CB  . ILE A 1 109 ? 4.295   -9.716  -6.182  1.00 25.30  ? 109 ILE A CB  1 
ATOM   741  C  CG1 . ILE A 1 109 ? 4.448   -8.681  -7.297  1.00 26.40  ? 109 ILE A CG1 1 
ATOM   742  C  CG2 . ILE A 1 109 ? 5.248   -9.438  -5.018  1.00 25.26  ? 109 ILE A CG2 1 
ATOM   743  C  CD1 . ILE A 1 109 ? 5.857   -8.627  -7.878  1.00 26.67  ? 109 ILE A CD1 1 
ATOM   744  N  N   . PRO A 1 110 ? 5.094   -12.841 -5.090  1.00 27.10  ? 110 PRO A N   1 
ATOM   745  C  CA  . PRO A 1 110 ? 4.831   -13.676 -3.892  1.00 29.51  ? 110 PRO A CA  1 
ATOM   746  C  C   . PRO A 1 110 ? 4.654   -12.804 -2.615  1.00 29.69  ? 110 PRO A C   1 
ATOM   747  O  O   . PRO A 1 110 ? 5.474   -11.964 -2.377  1.00 32.55  ? 110 PRO A O   1 
ATOM   748  C  CB  . PRO A 1 110 ? 6.136   -14.461 -3.732  1.00 25.96  ? 110 PRO A CB  1 
ATOM   749  C  CG  . PRO A 1 110 ? 7.180   -13.562 -4.336  1.00 27.94  ? 110 PRO A CG  1 
ATOM   750  C  CD  . PRO A 1 110 ? 6.505   -12.918 -5.516  1.00 26.52  ? 110 PRO A CD  1 
ATOM   751  N  N   . ARG A 1 111 ? 3.615   -13.005 -1.826  1.00 29.96  ? 111 ARG A N   1 
ATOM   752  C  CA  . ARG A 1 111 ? 3.436   -12.284 -0.584  1.00 30.61  ? 111 ARG A CA  1 
ATOM   753  C  C   . ARG A 1 111 ? 3.097   -13.341 0.479   1.00 34.62  ? 111 ARG A C   1 
ATOM   754  O  O   . ARG A 1 111 ? 2.708   -14.472 0.111   1.00 37.46  ? 111 ARG A O   1 
ATOM   755  C  CB  . ARG A 1 111 ? 2.273   -11.310 -0.738  1.00 28.23  ? 111 ARG A CB  1 
ATOM   756  C  CG  . ARG A 1 111 ? 2.577   -10.152 -1.657  1.00 28.98  ? 111 ARG A CG  1 
ATOM   757  C  CD  . ARG A 1 111 ? 3.523   -9.107  -1.052  1.00 25.13  ? 111 ARG A CD  1 
ATOM   758  N  NE  . ARG A 1 111 ? 3.660   -8.006  -2.022  1.00 25.90  ? 111 ARG A NE  1 
ATOM   759  C  CZ  . ARG A 1 111 ? 4.473   -6.952  -1.868  1.00 26.18  ? 111 ARG A CZ  1 
ATOM   760  N  NH1 . ARG A 1 111 ? 5.233   -6.847  -0.779  1.00 24.54  ? 111 ARG A NH1 1 
ATOM   761  N  NH2 . ARG A 1 111 ? 4.553   -6.009  -2.807  1.00 26.47  ? 111 ARG A NH2 1 
ATOM   762  N  N   . TYR A 1 112 ? 3.209   -13.003 1.776   1.00 30.17  ? 112 TYR A N   1 
ATOM   763  C  CA  . TYR A 1 112 ? 2.677   -13.894 2.775   1.00 30.64  ? 112 TYR A CA  1 
ATOM   764  C  C   . TYR A 1 112 ? 1.177   -13.984 2.627   1.00 32.02  ? 112 TYR A C   1 
ATOM   765  O  O   . TYR A 1 112 ? 0.502   -12.975 2.421   1.00 32.70  ? 112 TYR A O   1 
ATOM   766  C  CB  . TYR A 1 112 ? 3.017   -13.464 4.164   1.00 32.70  ? 112 TYR A CB  1 
ATOM   767  C  CG  . TYR A 1 112 ? 4.471   -13.494 4.478   1.00 31.26  ? 112 TYR A CG  1 
ATOM   768  C  CD1 . TYR A 1 112 ? 5.084   -14.689 4.852   1.00 31.74  ? 112 TYR A CD1 1 
ATOM   769  C  CD2 . TYR A 1 112 ? 5.225   -12.313 4.461   1.00 32.79  ? 112 TYR A CD2 1 
ATOM   770  C  CE1 . TYR A 1 112 ? 6.429   -14.731 5.187   1.00 36.64  ? 112 TYR A CE1 1 
ATOM   771  C  CE2 . TYR A 1 112 ? 6.594   -12.324 4.795   1.00 39.15  ? 112 TYR A CE2 1 
ATOM   772  C  CZ  . TYR A 1 112 ? 7.189   -13.544 5.145   1.00 41.01  ? 112 TYR A CZ  1 
ATOM   773  O  OH  . TYR A 1 112 ? 8.526   -13.606 5.487   1.00 45.79  ? 112 TYR A OH  1 
ATOM   774  N  N   . ARG A 1 113 ? 0.682   -15.208 2.679   1.00 32.62  ? 113 ARG A N   1 
ATOM   775  C  CA  . ARG A 1 113 ? -0.757  -15.480 2.632   1.00 33.31  ? 113 ARG A CA  1 
ATOM   776  C  C   . ARG A 1 113 ? -1.486  -14.971 3.916   1.00 35.07  ? 113 ARG A C   1 
ATOM   777  O  O   . ARG A 1 113 ? -2.627  -14.477 3.816   1.00 33.65  ? 113 ARG A O   1 
ATOM   778  C  CB  . ARG A 1 113 ? -0.957  -16.990 2.529   1.00 33.97  ? 113 ARG A CB  1 
ATOM   779  C  CG  . ARG A 1 113 ? -2.403  -17.443 2.353   1.00 40.18  ? 113 ARG A CG  1 
ATOM   780  C  CD  . ARG A 1 113 ? -2.472  -18.958 2.460   1.00 42.04  ? 113 ARG A CD  1 
ATOM   781  N  NE  . ARG A 1 113 ? -3.811  -19.463 2.136   1.00 60.70  ? 113 ARG A NE  1 
ATOM   782  C  CZ  . ARG A 1 113 ? -4.197  -20.749 2.090   1.00 63.76  ? 113 ARG A CZ  1 
ATOM   783  N  NH1 . ARG A 1 113 ? -3.377  -21.804 2.338   1.00 54.13  ? 113 ARG A NH1 1 
ATOM   784  N  NH2 . ARG A 1 113 ? -5.457  -20.978 1.783   1.00 70.54  ? 113 ARG A NH2 1 
ATOM   785  N  N   . TYR A 1 114 ? -0.820  -15.092 5.087   1.00 33.48  ? 114 TYR A N   1 
ATOM   786  C  CA  . TYR A 1 114 ? -1.334  -14.702 6.422   1.00 35.51  ? 114 TYR A CA  1 
ATOM   787  C  C   . TYR A 1 114 ? -0.432  -13.711 7.158   1.00 34.86  ? 114 TYR A C   1 
ATOM   788  O  O   . TYR A 1 114 ? 0.726   -14.037 7.413   1.00 33.74  ? 114 TYR A O   1 
ATOM   789  C  CB  . TYR A 1 114 ? -1.492  -15.918 7.364   1.00 38.89  ? 114 TYR A CB  1 
ATOM   790  C  CG  . TYR A 1 114 ? -2.344  -17.038 6.805   1.00 49.69  ? 114 TYR A CG  1 
ATOM   791  C  CD1 . TYR A 1 114 ? -1.791  -18.291 6.505   1.00 57.81  ? 114 TYR A CD1 1 
ATOM   792  C  CD2 . TYR A 1 114 ? -3.702  -16.853 6.554   1.00 46.84  ? 114 TYR A CD2 1 
ATOM   793  C  CE1 . TYR A 1 114 ? -2.583  -19.316 5.973   1.00 60.14  ? 114 TYR A CE1 1 
ATOM   794  C  CE2 . TYR A 1 114 ? -4.499  -17.873 6.034   1.00 53.34  ? 114 TYR A CE2 1 
ATOM   795  C  CZ  . TYR A 1 114 ? -3.937  -19.092 5.743   1.00 54.70  ? 114 TYR A CZ  1 
ATOM   796  O  OH  . TYR A 1 114 ? -4.734  -20.083 5.244   1.00 59.03  ? 114 TYR A OH  1 
ATOM   797  N  N   . ILE A 1 115 ? -1.001  -12.574 7.583   1.00 30.03  ? 115 ILE A N   1 
ATOM   798  C  CA  . ILE A 1 115 ? -0.316  -11.614 8.444   1.00 29.00  ? 115 ILE A CA  1 
ATOM   799  C  C   . ILE A 1 115 ? -1.186  -11.114 9.616   1.00 28.98  ? 115 ILE A C   1 
ATOM   800  O  O   . ILE A 1 115 ? -2.411  -11.275 9.661   1.00 29.64  ? 115 ILE A O   1 
ATOM   801  C  CB  . ILE A 1 115 ? 0.205   -10.376 7.653   1.00 29.69  ? 115 ILE A CB  1 
ATOM   802  C  CG1 . ILE A 1 115 ? -0.969  -9.603  7.031   1.00 29.24  ? 115 ILE A CG1 1 
ATOM   803  C  CG2 . ILE A 1 115 ? 1.211   -10.789 6.568   1.00 26.64  ? 115 ILE A CG2 1 
ATOM   804  C  CD1 . ILE A 1 115 ? -0.609  -8.282  6.360   1.00 27.36  ? 115 ILE A CD1 1 
ATOM   805  N  N   . ARG A 1 116 ? -0.527  -10.538 10.604  1.00 28.63  ? 116 ARG A N   1 
ATOM   806  C  CA  . ARG A 1 116 ? -1.225  -9.632  11.508  1.00 29.33  ? 116 ARG A CA  1 
ATOM   807  C  C   . ARG A 1 116 ? -0.616  -8.299  11.169  1.00 29.80  ? 116 ARG A C   1 
ATOM   808  O  O   . ARG A 1 116 ? 0.614   -8.240  10.944  1.00 29.25  ? 116 ARG A O   1 
ATOM   809  C  CB  . ARG A 1 116 ? -0.961  -9.980  12.985  1.00 30.69  ? 116 ARG A CB  1 
ATOM   810  C  CG  . ARG A 1 116 ? -1.383  -8.901  13.993  1.00 31.31  ? 116 ARG A CG  1 
ATOM   811  C  CD  . ARG A 1 116 ? -1.445  -9.350  15.456  1.00 31.06  ? 116 ARG A CD  1 
ATOM   812  N  NE  . ARG A 1 116 ? -2.003  -10.696 15.650  1.00 36.12  ? 116 ARG A NE  1 
ATOM   813  C  CZ  . ARG A 1 116 ? -1.240  -11.752 15.955  1.00 37.48  ? 116 ARG A CZ  1 
ATOM   814  N  NH1 . ARG A 1 116 ? -1.744  -12.988 16.116  1.00 34.89  ? 116 ARG A NH1 1 
ATOM   815  N  NH2 . ARG A 1 116 ? 0.064   -11.544 16.087  1.00 29.64  ? 116 ARG A NH2 1 
ATOM   816  N  N   . TYR A 1 117 ? -1.440  -7.239  11.153  1.00 29.63  ? 117 TYR A N   1 
ATOM   817  C  CA  . TYR A 1 117 ? -0.893  -5.867  11.136  1.00 28.26  ? 117 TYR A CA  1 
ATOM   818  C  C   . TYR A 1 117 ? -1.431  -5.033  12.282  1.00 27.63  ? 117 TYR A C   1 
ATOM   819  O  O   . TYR A 1 117 ? -2.507  -5.311  12.747  1.00 28.28  ? 117 TYR A O   1 
ATOM   820  C  CB  . TYR A 1 117 ? -1.115  -5.154  9.766   1.00 27.39  ? 117 TYR A CB  1 
ATOM   821  C  CG  . TYR A 1 117 ? -2.549  -4.979  9.340   1.00 30.57  ? 117 TYR A CG  1 
ATOM   822  C  CD1 . TYR A 1 117 ? -3.179  -5.920  8.479   1.00 27.00  ? 117 TYR A CD1 1 
ATOM   823  C  CD2 . TYR A 1 117 ? -3.288  -3.825  9.725   1.00 28.30  ? 117 TYR A CD2 1 
ATOM   824  C  CE1 . TYR A 1 117 ? -4.492  -5.709  8.026   1.00 27.39  ? 117 TYR A CE1 1 
ATOM   825  C  CE2 . TYR A 1 117 ? -4.604  -3.624  9.307   1.00 27.89  ? 117 TYR A CE2 1 
ATOM   826  C  CZ  . TYR A 1 117 ? -5.196  -4.554  8.427   1.00 30.55  ? 117 TYR A CZ  1 
ATOM   827  O  OH  . TYR A 1 117 ? -6.492  -4.358  7.974   1.00 29.15  ? 117 TYR A OH  1 
ATOM   828  N  N   . ARG A 1 118 ? -0.630  -4.066  12.761  1.00 29.60  ? 118 ARG A N   1 
ATOM   829  C  CA  . ARG A 1 118 ? -1.008  -3.134  13.851  1.00 34.45  ? 118 ARG A CA  1 
ATOM   830  C  C   . ARG A 1 118 ? -0.624  -1.711  13.509  1.00 31.71  ? 118 ARG A C   1 
ATOM   831  O  O   . ARG A 1 118 ? 0.273   -1.449  12.706  1.00 34.41  ? 118 ARG A O   1 
ATOM   832  C  CB  . ARG A 1 118 ? -0.319  -3.448  15.181  1.00 35.68  ? 118 ARG A CB  1 
ATOM   833  C  CG  . ARG A 1 118 ? -0.318  -4.886  15.590  1.00 38.66  ? 118 ARG A CG  1 
ATOM   834  C  CD  . ARG A 1 118 ? 0.728   -5.175  16.680  1.00 45.44  ? 118 ARG A CD  1 
ATOM   835  N  NE  . ARG A 1 118 ? 0.143   -6.094  17.674  1.00 56.14  ? 118 ARG A NE  1 
ATOM   836  C  CZ  . ARG A 1 118 ? 0.455   -7.384  17.908  1.00 62.04  ? 118 ARG A CZ  1 
ATOM   837  N  NH1 . ARG A 1 118 ? -0.246  -8.006  18.845  1.00 66.45  ? 118 ARG A NH1 1 
ATOM   838  N  NH2 . ARG A 1 118 ? 1.435   -8.056  17.270  1.00 66.58  ? 118 ARG A NH2 1 
ATOM   839  N  N   . GLY A 1 119 ? -1.326  -0.794  14.138  1.00 32.29  ? 119 GLY A N   1 
ATOM   840  C  CA  . GLY A 1 119 ? -0.972  0.616   14.158  1.00 28.92  ? 119 GLY A CA  1 
ATOM   841  C  C   . GLY A 1 119 ? -2.211  1.367   14.625  1.00 28.67  ? 119 GLY A C   1 
ATOM   842  O  O   . GLY A 1 119 ? -2.949  0.928   15.501  1.00 25.14  ? 119 GLY A O   1 
ATOM   843  N  N   . PHE A 1 120 ? -2.471  2.504   14.014  1.00 27.30  ? 120 PHE A N   1 
ATOM   844  C  CA  . PHE A 1 120 ? -3.456  3.383   14.621  1.00 29.61  ? 120 PHE A CA  1 
ATOM   845  C  C   . PHE A 1 120 ? -4.375  3.934   13.557  1.00 26.32  ? 120 PHE A C   1 
ATOM   846  O  O   . PHE A 1 120 ? -3.909  4.276   12.495  1.00 25.55  ? 120 PHE A O   1 
ATOM   847  C  CB  . PHE A 1 120 ? -2.708  4.527   15.386  1.00 28.83  ? 120 PHE A CB  1 
ATOM   848  C  CG  . PHE A 1 120 ? -1.988  4.018   16.598  1.00 33.11  ? 120 PHE A CG  1 
ATOM   849  C  CD1 . PHE A 1 120 ? -2.678  3.853   17.809  1.00 32.82  ? 120 PHE A CD1 1 
ATOM   850  C  CD2 . PHE A 1 120 ? -0.637  3.615   16.527  1.00 35.57  ? 120 PHE A CD2 1 
ATOM   851  C  CE1 . PHE A 1 120 ? -2.022  3.351   18.932  1.00 32.63  ? 120 PHE A CE1 1 
ATOM   852  C  CE2 . PHE A 1 120 ? 0.009   3.083   17.642  1.00 30.46  ? 120 PHE A CE2 1 
ATOM   853  C  CZ  . PHE A 1 120 ? -0.682  2.964   18.839  1.00 31.71  ? 120 PHE A CZ  1 
ATOM   854  N  N   . ALA A 1 121 ? -5.669  4.001   13.837  1.00 28.24  ? 121 ALA A N   1 
ATOM   855  C  CA  . ALA A 1 121 ? -6.570  4.794   13.006  1.00 27.64  ? 121 ALA A CA  1 
ATOM   856  C  C   . ALA A 1 121 ? -6.180  6.257   13.271  1.00 29.99  ? 121 ALA A C   1 
ATOM   857  O  O   . ALA A 1 121 ? -5.628  6.557   14.324  1.00 30.76  ? 121 ALA A O   1 
ATOM   858  C  CB  . ALA A 1 121 ? -8.005  4.554   13.393  1.00 23.09  ? 121 ALA A CB  1 
ATOM   859  N  N   . PRO A 1 122 ? -6.482  7.163   12.329  1.00 29.36  ? 122 PRO A N   1 
ATOM   860  C  CA  . PRO A 1 122 ? -6.176  8.586   12.423  1.00 29.57  ? 122 PRO A CA  1 
ATOM   861  C  C   . PRO A 1 122 ? -6.772  9.283   13.664  1.00 27.60  ? 122 PRO A C   1 
ATOM   862  O  O   . PRO A 1 122 ? -6.221  10.310  14.078  1.00 30.25  ? 122 PRO A O   1 
ATOM   863  C  CB  . PRO A 1 122 ? -6.861  9.161   11.176  1.00 31.45  ? 122 PRO A CB  1 
ATOM   864  C  CG  . PRO A 1 122 ? -7.001  8.009   10.268  1.00 26.87  ? 122 PRO A CG  1 
ATOM   865  C  CD  . PRO A 1 122 ? -7.340  6.885   11.176  1.00 28.64  ? 122 PRO A CD  1 
ATOM   866  N  N   . ASP A 1 123 ? -7.853  8.764   14.258  1.00 28.15  ? 123 ASP A N   1 
ATOM   867  C  CA  . ASP A 1 123 ? -8.369  9.352   15.528  1.00 31.25  ? 123 ASP A CA  1 
ATOM   868  C  C   . ASP A 1 123 ? -7.497  8.832   16.690  1.00 36.36  ? 123 ASP A C   1 
ATOM   869  O  O   . ASP A 1 123 ? -7.800  9.094   17.830  1.00 36.57  ? 123 ASP A O   1 
ATOM   870  C  CB  . ASP A 1 123 ? -9.835  8.988   15.797  1.00 34.14  ? 123 ASP A CB  1 
ATOM   871  C  CG  . ASP A 1 123 ? -10.019 7.478   16.124  1.00 37.59  ? 123 ASP A CG  1 
ATOM   872  O  OD1 . ASP A 1 123 ? -11.156 7.049   16.354  1.00 31.75  ? 123 ASP A OD1 1 
ATOM   873  O  OD2 . ASP A 1 123 ? -9.004  6.719   16.163  1.00 38.99  ? 123 ASP A OD2 1 
ATOM   874  N  N   . GLY A 1 124 ? -6.468  8.033   16.398  1.00 33.90  ? 124 GLY A N   1 
ATOM   875  C  CA  . GLY A 1 124 ? -5.632  7.454   17.427  1.00 29.66  ? 124 GLY A CA  1 
ATOM   876  C  C   . GLY A 1 124 ? -6.122  6.199   18.102  1.00 27.64  ? 124 GLY A C   1 
ATOM   877  O  O   . GLY A 1 124 ? -5.472  5.683   18.994  1.00 27.87  ? 124 GLY A O   1 
ATOM   878  N  N   . SER A 1 125 ? -7.266  5.660   17.712  1.00 32.87  ? 125 SER A N   1 
ATOM   879  C  CA  . SER A 1 125 ? -7.570  4.305   18.246  1.00 34.86  ? 125 SER A CA  1 
ATOM   880  C  C   . SER A 1 125 ? -6.646  3.243   17.658  1.00 35.61  ? 125 SER A C   1 
ATOM   881  O  O   . SER A 1 125 ? -6.386  3.229   16.482  1.00 33.47  ? 125 SER A O   1 
ATOM   882  C  CB  . SER A 1 125 ? -9.043  3.877   18.113  1.00 35.01  ? 125 SER A CB  1 
ATOM   883  O  OG  . SER A 1 125 ? -9.764  4.671   17.237  1.00 44.61  ? 125 SER A OG  1 
ATOM   884  N  N   . PRO A 1 126 ? -6.154  2.349   18.503  1.00 37.14  ? 126 PRO A N   1 
ATOM   885  C  CA  . PRO A 1 126 ? -5.315  1.220   18.096  1.00 36.93  ? 126 PRO A CA  1 
ATOM   886  C  C   . PRO A 1 126 ? -6.033  0.399   17.033  1.00 39.46  ? 126 PRO A C   1 
ATOM   887  O  O   . PRO A 1 126 ? -7.236  0.289   17.090  1.00 37.63  ? 126 PRO A O   1 
ATOM   888  C  CB  . PRO A 1 126 ? -5.219  0.353   19.363  1.00 33.56  ? 126 PRO A CB  1 
ATOM   889  C  CG  . PRO A 1 126 ? -6.204  0.948   20.350  1.00 40.11  ? 126 PRO A CG  1 
ATOM   890  C  CD  . PRO A 1 126 ? -6.446  2.364   19.948  1.00 37.30  ? 126 PRO A CD  1 
ATOM   891  N  N   . ILE A 1 127 ? -5.299  -0.158  16.075  1.00 35.79  ? 127 ILE A N   1 
ATOM   892  C  CA  . ILE A 1 127 ? -5.876  -1.087  15.112  1.00 35.51  ? 127 ILE A CA  1 
ATOM   893  C  C   . ILE A 1 127 ? -4.994  -2.333  15.160  1.00 33.47  ? 127 ILE A C   1 
ATOM   894  O  O   . ILE A 1 127 ? -3.770  -2.194  15.106  1.00 35.94  ? 127 ILE A O   1 
ATOM   895  C  CB  . ILE A 1 127 ? -5.815  -0.511  13.669  1.00 34.94  ? 127 ILE A CB  1 
ATOM   896  C  CG1 . ILE A 1 127 ? -6.872  0.611   13.487  1.00 33.72  ? 127 ILE A CG1 1 
ATOM   897  C  CG2 . ILE A 1 127 ? -6.024  -1.661  12.624  1.00 31.96  ? 127 ILE A CG2 1 
ATOM   898  C  CD1 . ILE A 1 127 ? -6.896  1.265   12.117  1.00 32.09  ? 127 ILE A CD1 1 
ATOM   899  N  N   . GLU A 1 128 ? -5.574  -3.531  15.318  1.00 35.06  ? 128 GLU A N   1 
ATOM   900  C  CA  . GLU A 1 128 ? -4.827  -4.770  15.033  1.00 30.44  ? 128 GLU A CA  1 
ATOM   901  C  C   . GLU A 1 128 ? -5.691  -5.817  14.382  1.00 34.21  ? 128 GLU A C   1 
ATOM   902  O  O   . GLU A 1 128 ? -6.759  -6.077  14.830  1.00 36.05  ? 128 GLU A O   1 
ATOM   903  C  CB  . GLU A 1 128 ? -3.905  -5.330  16.173  1.00 34.42  ? 128 GLU A CB  1 
ATOM   904  C  CG  . GLU A 1 128 ? -4.444  -6.054  17.373  1.00 33.40  ? 128 GLU A CG  1 
ATOM   905  C  CD  . GLU A 1 128 ? -5.144  -7.402  17.118  1.00 32.79  ? 128 GLU A CD  1 
ATOM   906  O  OE1 . GLU A 1 128 ? -4.742  -8.290  16.303  1.00 31.04  ? 128 GLU A OE1 1 
ATOM   907  O  OE2 . GLU A 1 128 ? -6.153  -7.568  17.801  1.00 36.36  ? 128 GLU A OE2 1 
ATOM   908  N  N   . ARG A 1 129 ? -5.240  -6.402  13.286  1.00 30.74  ? 129 ARG A N   1 
ATOM   909  C  CA  . ARG A 1 129 ? -6.122  -7.389  12.618  1.00 31.37  ? 129 ARG A CA  1 
ATOM   910  C  C   . ARG A 1 129 ? -5.279  -8.513  12.081  1.00 29.15  ? 129 ARG A C   1 
ATOM   911  O  O   . ARG A 1 129 ? -4.153  -8.316  11.627  1.00 28.44  ? 129 ARG A O   1 
ATOM   912  C  CB  . ARG A 1 129 ? -6.842  -6.742  11.433  1.00 29.43  ? 129 ARG A CB  1 
ATOM   913  C  CG  . ARG A 1 129 ? -7.732  -5.550  11.798  1.00 31.09  ? 129 ARG A CG  1 
ATOM   914  C  CD  . ARG A 1 129 ? -8.089  -4.854  10.517  1.00 36.09  ? 129 ARG A CD  1 
ATOM   915  N  NE  . ARG A 1 129 ? -9.160  -3.859  10.632  1.00 34.19  ? 129 ARG A NE  1 
ATOM   916  C  CZ  . ARG A 1 129 ? -9.423  -2.957  9.695   1.00 33.42  ? 129 ARG A CZ  1 
ATOM   917  N  NH1 . ARG A 1 129 ? -8.698  -2.814  8.577   1.00 29.15  ? 129 ARG A NH1 1 
ATOM   918  N  NH2 . ARG A 1 129 ? -10.376 -2.141  9.904   1.00 38.59  ? 129 ARG A NH2 1 
ATOM   919  N  N   . GLU A 1 130 ? -5.801  -9.706  12.118  1.00 30.65  ? 130 GLU A N   1 
ATOM   920  C  CA  . GLU A 1 130 ? -5.174  -10.675 11.225  1.00 33.27  ? 130 GLU A CA  1 
ATOM   921  C  C   . GLU A 1 130 ? -5.777  -10.557 9.842   1.00 35.06  ? 130 GLU A C   1 
ATOM   922  O  O   . GLU A 1 130 ? -6.901  -10.054 9.737   1.00 33.56  ? 130 GLU A O   1 
ATOM   923  C  CB  . GLU A 1 130 ? -4.921  -12.104 11.744  1.00 33.98  ? 130 GLU A CB  1 
ATOM   924  C  CG  . GLU A 1 130 ? -5.499  -12.626 13.041  1.00 37.01  ? 130 GLU A CG  1 
ATOM   925  C  CD  . GLU A 1 130 ? -5.644  -11.652 14.173  1.00 36.65  ? 130 GLU A CD  1 
ATOM   926  O  OE1 . GLU A 1 130 ? -4.627  -11.052 14.667  1.00 41.34  ? 130 GLU A OE1 1 
ATOM   927  O  OE2 . GLU A 1 130 ? -6.799  -11.553 14.607  1.00 36.44  ? 130 GLU A OE2 1 
ATOM   928  N  N   . ALA A 1 131 ? -4.968  -10.847 8.803   1.00 31.41  ? 131 ALA A N   1 
ATOM   929  C  CA  . ALA A 1 131 ? -5.385  -10.667 7.445   1.00 30.50  ? 131 ALA A CA  1 
ATOM   930  C  C   . ALA A 1 131 ? -4.913  -11.842 6.537   1.00 30.18  ? 131 ALA A C   1 
ATOM   931  O  O   . ALA A 1 131 ? -3.903  -12.484 6.782   1.00 28.69  ? 131 ALA A O   1 
ATOM   932  C  CB  . ALA A 1 131 ? -4.930  -9.302  6.930   1.00 29.99  ? 131 ALA A CB  1 
ATOM   933  N  N   . GLU A 1 132 ? -5.663  -12.162 5.494   1.00 31.45  ? 132 GLU A N   1 
ATOM   934  C  CA  . GLU A 1 132 ? -5.153  -13.218 4.598   1.00 33.60  ? 132 GLU A CA  1 
ATOM   935  C  C   . GLU A 1 132 ? -5.396  -12.844 3.147   1.00 31.96  ? 132 GLU A C   1 
ATOM   936  O  O   . GLU A 1 132 ? -6.194  -11.942 2.880   1.00 35.19  ? 132 GLU A O   1 
ATOM   937  C  CB  . GLU A 1 132 ? -5.807  -14.536 4.942   1.00 30.70  ? 132 GLU A CB  1 
ATOM   938  C  CG  . GLU A 1 132 ? -7.176  -14.637 4.317   1.00 38.15  ? 132 GLU A CG  1 
ATOM   939  C  CD  . GLU A 1 132 ? -7.934  -15.829 4.873   1.00 41.37  ? 132 GLU A CD  1 
ATOM   940  O  OE1 . GLU A 1 132 ? -8.909  -15.547 5.581   1.00 45.60  ? 132 GLU A OE1 1 
ATOM   941  O  OE2 . GLU A 1 132 ? -7.527  -17.011 4.683   1.00 40.78  ? 132 GLU A OE2 1 
ATOM   942  N  N   . GLY A 1 133 ? -4.726  -13.523 2.214   1.00 31.45  ? 133 GLY A N   1 
ATOM   943  C  CA  . GLY A 1 133 ? -5.041  -13.372 0.796   1.00 26.96  ? 133 GLY A CA  1 
ATOM   944  C  C   . GLY A 1 133 ? -4.864  -11.938 0.318   1.00 31.89  ? 133 GLY A C   1 
ATOM   945  O  O   . GLY A 1 133 ? -3.858  -11.250 0.661   1.00 28.91  ? 133 GLY A O   1 
ATOM   946  N  N   . PHE A 1 134 ? -5.847  -11.473 -0.449  1.00 27.70  ? 134 PHE A N   1 
ATOM   947  C  CA  . PHE A 1 134 ? -5.758  -10.179 -1.093  1.00 27.99  ? 134 PHE A CA  1 
ATOM   948  C  C   . PHE A 1 134 ? -5.656  -9.003  -0.073  1.00 29.18  ? 134 PHE A C   1 
ATOM   949  O  O   . PHE A 1 134 ? -4.943  -8.052  -0.321  1.00 28.38  ? 134 PHE A O   1 
ATOM   950  C  CB  . PHE A 1 134 ? -6.928  -9.939  -2.042  1.00 28.17  ? 134 PHE A CB  1 
ATOM   951  C  CG  . PHE A 1 134 ? -6.709  -8.717  -2.926  1.00 34.87  ? 134 PHE A CG  1 
ATOM   952  C  CD1 . PHE A 1 134 ? -5.605  -8.642  -3.775  1.00 31.37  ? 134 PHE A CD1 1 
ATOM   953  C  CD2 . PHE A 1 134 ? -7.568  -7.614  -2.864  1.00 33.56  ? 134 PHE A CD2 1 
ATOM   954  C  CE1 . PHE A 1 134 ? -5.381  -7.500  -4.577  1.00 39.06  ? 134 PHE A CE1 1 
ATOM   955  C  CE2 . PHE A 1 134 ? -7.348  -6.487  -3.663  1.00 32.81  ? 134 PHE A CE2 1 
ATOM   956  C  CZ  . PHE A 1 134 ? -6.249  -6.404  -4.503  1.00 33.06  ? 134 PHE A CZ  1 
ATOM   957  N  N   . HIS A 1 135 ? -6.361  -9.112  1.061   1.00 28.68  ? 135 HIS A N   1 
ATOM   958  C  CA  . HIS A 1 135 ? -6.361  -8.120  2.133   1.00 28.46  ? 135 HIS A CA  1 
ATOM   959  C  C   . HIS A 1 135 ? -4.898  -8.016  2.646   1.00 28.46  ? 135 HIS A C   1 
ATOM   960  O  O   . HIS A 1 135 ? -4.301  -6.946  2.672   1.00 28.60  ? 135 HIS A O   1 
ATOM   961  C  CB  . HIS A 1 135 ? -7.375  -8.575  3.233   1.00 28.74  ? 135 HIS A CB  1 
ATOM   962  C  CG  . HIS A 1 135 ? -7.444  -7.661  4.452   1.00 30.46  ? 135 HIS A CG  1 
ATOM   963  N  ND1 . HIS A 1 135 ? -8.381  -7.832  5.451   1.00 30.10  ? 135 HIS A ND1 1 
ATOM   964  C  CD2 . HIS A 1 135 ? -6.706  -6.570  4.817   1.00 27.08  ? 135 HIS A CD2 1 
ATOM   965  C  CE1 . HIS A 1 135 ? -8.199  -6.911  6.394   1.00 29.77  ? 135 HIS A CE1 1 
ATOM   966  N  NE2 . HIS A 1 135 ? -7.195  -6.129  6.030   1.00 29.30  ? 135 HIS A NE2 1 
ATOM   967  N  N   . ALA A 1 136 ? -4.351  -9.164  3.046   1.00 30.51  ? 136 ALA A N   1 
ATOM   968  C  CA  . ALA A 1 136 ? -2.938  -9.320  3.439   1.00 30.86  ? 136 ALA A CA  1 
ATOM   969  C  C   . ALA A 1 136 ? -1.972  -8.709  2.427   1.00 31.08  ? 136 ALA A C   1 
ATOM   970  O  O   . ALA A 1 136 ? -1.032  -7.897  2.776   1.00 32.97  ? 136 ALA A O   1 
ATOM   971  C  CB  . ALA A 1 136 ? -2.628  -10.803 3.659   1.00 28.21  ? 136 ALA A CB  1 
ATOM   972  N  N   . ARG A 1 137 ? -2.233  -9.014  1.163   1.00 27.35  ? 137 ARG A N   1 
ATOM   973  C  CA  . ARG A 1 137 ? -1.307  -8.604  0.098   1.00 26.72  ? 137 ARG A CA  1 
ATOM   974  C  C   . ARG A 1 137 ? -1.322  -7.092  -0.093  1.00 24.59  ? 137 ARG A C   1 
ATOM   975  O  O   . ARG A 1 137 ? -0.270  -6.461  -0.330  1.00 26.48  ? 137 ARG A O   1 
ATOM   976  C  CB  . ARG A 1 137 ? -1.665  -9.307  -1.251  1.00 28.88  ? 137 ARG A CB  1 
ATOM   977  C  CG  . ARG A 1 137 ? -1.128  -8.592  -2.508  1.00 27.83  ? 137 ARG A CG  1 
ATOM   978  C  CD  . ARG A 1 137 ? -1.548  -9.351  -3.798  1.00 36.55  ? 137 ARG A CD  1 
ATOM   979  N  NE  . ARG A 1 137 ? -1.435  -10.830 -3.648  1.00 29.81  ? 137 ARG A NE  1 
ATOM   980  C  CZ  . ARG A 1 137 ? -0.339  -11.566 -3.900  1.00 33.14  ? 137 ARG A CZ  1 
ATOM   981  N  NH1 . ARG A 1 137 ? 0.783   -11.022 -4.398  1.00 28.58  ? 137 ARG A NH1 1 
ATOM   982  N  NH2 . ARG A 1 137 ? -0.373  -12.898 -3.673  1.00 35.48  ? 137 ARG A NH2 1 
ATOM   983  N  N   . VAL A 1 138 ? -2.517  -6.528  -0.035  1.00 24.58  ? 138 VAL A N   1 
ATOM   984  C  CA  . VAL A 1 138 ? -2.643  -5.073  -0.124  1.00 27.97  ? 138 VAL A CA  1 
ATOM   985  C  C   . VAL A 1 138 ? -1.794  -4.339  0.949   1.00 26.57  ? 138 VAL A C   1 
ATOM   986  O  O   . VAL A 1 138 ? -0.961  -3.476  0.624   1.00 29.27  ? 138 VAL A O   1 
ATOM   987  C  CB  . VAL A 1 138 ? -4.118  -4.642  -0.154  1.00 28.21  ? 138 VAL A CB  1 
ATOM   988  C  CG1 . VAL A 1 138 ? -4.163  -3.125  -0.231  1.00 25.41  ? 138 VAL A CG1 1 
ATOM   989  C  CG2 . VAL A 1 138 ? -4.775  -5.208  -1.446  1.00 32.24  ? 138 VAL A CG2 1 
ATOM   990  N  N   . VAL A 1 139 ? -1.952  -4.763  2.200   1.00 26.73  ? 139 VAL A N   1 
ATOM   991  C  CA  . VAL A 1 139 ? -1.219  -4.186  3.319   1.00 27.67  ? 139 VAL A CA  1 
ATOM   992  C  C   . VAL A 1 139 ? 0.261   -4.396  3.182   1.00 25.72  ? 139 VAL A C   1 
ATOM   993  O  O   . VAL A 1 139 ? 1.027   -3.397  3.314   1.00 27.86  ? 139 VAL A O   1 
ATOM   994  C  CB  . VAL A 1 139 ? -1.755  -4.711  4.674   1.00 29.62  ? 139 VAL A CB  1 
ATOM   995  C  CG1 . VAL A 1 139 ? -0.903  -4.173  5.803   1.00 30.36  ? 139 VAL A CG1 1 
ATOM   996  C  CG2 . VAL A 1 139 ? -3.234  -4.257  4.808   1.00 27.15  ? 139 VAL A CG2 1 
ATOM   997  N  N   . GLN A 1 140 ? 0.698   -5.605  2.797   1.00 22.07  ? 140 GLN A N   1 
ATOM   998  C  CA  . GLN A 1 140 ? 2.152   -5.762  2.548   1.00 23.04  ? 140 GLN A CA  1 
ATOM   999  C  C   . GLN A 1 140 ? 2.693   -4.845  1.467   1.00 24.77  ? 140 GLN A C   1 
ATOM   1000 O  O   . GLN A 1 140 ? 3.800   -4.310  1.599   1.00 21.66  ? 140 GLN A O   1 
ATOM   1001 C  CB  . GLN A 1 140 ? 2.568   -7.202  2.247   1.00 22.41  ? 140 GLN A CB  1 
ATOM   1002 C  CG  . GLN A 1 140 ? 2.292   -8.199  3.363   1.00 24.02  ? 140 GLN A CG  1 
ATOM   1003 C  CD  . GLN A 1 140 ? 2.433   -9.631  2.862   1.00 27.05  ? 140 GLN A CD  1 
ATOM   1004 O  OE1 . GLN A 1 140 ? 3.540   -10.072 2.538   1.00 28.09  ? 140 GLN A OE1 1 
ATOM   1005 N  NE2 . GLN A 1 140 ? 1.306   -10.344 2.733   1.00 23.22  ? 140 GLN A NE2 1 
ATOM   1006 N  N   . HIS A 1 141 ? 1.918   -4.684  0.379   1.00 25.37  ? 141 HIS A N   1 
ATOM   1007 C  CA  . HIS A 1 141 ? 2.345   -3.839  -0.760  1.00 25.77  ? 141 HIS A CA  1 
ATOM   1008 C  C   . HIS A 1 141 ? 2.469   -2.382  -0.299  1.00 26.77  ? 141 HIS A C   1 
ATOM   1009 O  O   . HIS A 1 141 ? 3.463   -1.726  -0.583  1.00 30.86  ? 141 HIS A O   1 
ATOM   1010 C  CB  . HIS A 1 141 ? 1.286   -3.932  -1.890  1.00 29.56  ? 141 HIS A CB  1 
ATOM   1011 C  CG  . HIS A 1 141 ? 1.545   -3.025  -3.054  1.00 29.22  ? 141 HIS A CG  1 
ATOM   1012 N  ND1 . HIS A 1 141 ? 1.937   -3.492  -4.290  1.00 31.22  ? 141 HIS A ND1 1 
ATOM   1013 C  CD2 . HIS A 1 141 ? 1.420   -1.675  -3.181  1.00 38.08  ? 141 HIS A CD2 1 
ATOM   1014 C  CE1 . HIS A 1 141 ? 2.095   -2.458  -5.109  1.00 38.22  ? 141 HIS A CE1 1 
ATOM   1015 N  NE2 . HIS A 1 141 ? 1.778   -1.344  -4.464  1.00 33.54  ? 141 HIS A NE2 1 
ATOM   1016 N  N   . GLU A 1 142 ? 1.430   -1.891  0.396   1.00 24.87  ? 142 GLU A N   1 
ATOM   1017 C  CA  . GLU A 1 142 ? 1.426   -0.506  0.870   1.00 27.25  ? 142 GLU A CA  1 
ATOM   1018 C  C   . GLU A 1 142 ? 2.496   -0.302  1.892   1.00 26.71  ? 142 GLU A C   1 
ATOM   1019 O  O   . GLU A 1 142 ? 3.237   0.665   1.781   1.00 30.51  ? 142 GLU A O   1 
ATOM   1020 C  CB  . GLU A 1 142 ? 0.047   -0.062  1.350   1.00 27.97  ? 142 GLU A CB  1 
ATOM   1021 C  CG  . GLU A 1 142 ? -1.007  0.041   0.251   1.00 26.66  ? 142 GLU A CG  1 
ATOM   1022 C  CD  . GLU A 1 142 ? -0.490  0.739   -1.001  1.00 28.79  ? 142 GLU A CD  1 
ATOM   1023 O  OE1 . GLU A 1 142 ? 0.191   1.798   -0.924  1.00 34.62  ? 142 GLU A OE1 1 
ATOM   1024 O  OE2 . GLU A 1 142 ? -0.716  0.217   -2.092  1.00 35.86  ? 142 GLU A OE2 1 
ATOM   1025 N  N   . TYR A 1 143 ? 2.663   -1.256  2.815   1.00 27.67  ? 143 TYR A N   1 
ATOM   1026 C  CA  . TYR A 1 143 ? 3.771   -1.214  3.749   1.00 28.69  ? 143 TYR A CA  1 
ATOM   1027 C  C   . TYR A 1 143 ? 5.141   -1.047  3.048   1.00 35.11  ? 143 TYR A C   1 
ATOM   1028 O  O   . TYR A 1 143 ? 6.009   -0.189  3.484   1.00 30.19  ? 143 TYR A O   1 
ATOM   1029 C  CB  . TYR A 1 143 ? 3.765   -2.434  4.700   1.00 33.79  ? 143 TYR A CB  1 
ATOM   1030 C  CG  . TYR A 1 143 ? 4.927   -2.402  5.651   1.00 33.48  ? 143 TYR A CG  1 
ATOM   1031 C  CD1 . TYR A 1 143 ? 4.847   -1.642  6.840   1.00 36.10  ? 143 TYR A CD1 1 
ATOM   1032 C  CD2 . TYR A 1 143 ? 6.156   -3.048  5.331   1.00 33.27  ? 143 TYR A CD2 1 
ATOM   1033 C  CE1 . TYR A 1 143 ? 5.934   -1.555  7.713   1.00 36.64  ? 143 TYR A CE1 1 
ATOM   1034 C  CE2 . TYR A 1 143 ? 7.264   -2.987  6.192   1.00 33.05  ? 143 TYR A CE2 1 
ATOM   1035 C  CZ  . TYR A 1 143 ? 7.144   -2.224  7.384   1.00 42.86  ? 143 TYR A CZ  1 
ATOM   1036 O  OH  . TYR A 1 143 ? 8.200   -2.110  8.262   1.00 47.45  ? 143 TYR A OH  1 
ATOM   1037 N  N   . ASP A 1 144 ? 5.359   -1.816  1.952   1.00 31.63  ? 144 ASP A N   1 
ATOM   1038 C  CA  . ASP A 1 144 ? 6.635   -1.655  1.245   1.00 30.15  ? 144 ASP A CA  1 
ATOM   1039 C  C   . ASP A 1 144 ? 7.022   -0.197  0.972   1.00 27.37  ? 144 ASP A C   1 
ATOM   1040 O  O   . ASP A 1 144 ? 8.204   0.150   1.013   1.00 24.92  ? 144 ASP A O   1 
ATOM   1041 C  CB  . ASP A 1 144 ? 6.674   -2.424  -0.080  1.00 35.06  ? 144 ASP A CB  1 
ATOM   1042 C  CG  . ASP A 1 144 ? 7.135   -3.868  0.089   1.00 36.02  ? 144 ASP A CG  1 
ATOM   1043 O  OD1 . ASP A 1 144 ? 7.817   -4.167  1.081   1.00 34.45  ? 144 ASP A OD1 1 
ATOM   1044 O  OD2 . ASP A 1 144 ? 6.802   -4.705  -0.767  1.00 32.23  ? 144 ASP A OD2 1 
ATOM   1045 N  N   . HIS A 1 145 ? 6.055   0.622   0.590   1.00 26.39  ? 145 HIS A N   1 
ATOM   1046 C  CA  . HIS A 1 145 ? 6.316   2.053   0.254   1.00 26.93  ? 145 HIS A CA  1 
ATOM   1047 C  C   . HIS A 1 145 ? 6.884   2.847   1.464   1.00 29.93  ? 145 HIS A C   1 
ATOM   1048 O  O   . HIS A 1 145 ? 7.634   3.837   1.314   1.00 30.04  ? 145 HIS A O   1 
ATOM   1049 C  CB  . HIS A 1 145 ? 4.996   2.741   -0.131  1.00 26.43  ? 145 HIS A CB  1 
ATOM   1050 C  CG  . HIS A 1 145 ? 4.458   2.384   -1.488  1.00 26.81  ? 145 HIS A CG  1 
ATOM   1051 N  ND1 . HIS A 1 145 ? 5.181   2.547   -2.646  1.00 25.86  ? 145 HIS A ND1 1 
ATOM   1052 C  CD2 . HIS A 1 145 ? 3.224   1.967   -1.884  1.00 27.96  ? 145 HIS A CD2 1 
ATOM   1053 C  CE1 . HIS A 1 145 ? 4.441   2.215   -3.699  1.00 25.06  ? 145 HIS A CE1 1 
ATOM   1054 N  NE2 . HIS A 1 145 ? 3.241   1.883   -3.267  1.00 24.44  ? 145 HIS A NE2 1 
ATOM   1055 N  N   . LEU A 1 146 ? 6.477   2.452   2.661   1.00 27.84  ? 146 LEU A N   1 
ATOM   1056 C  CA  . LEU A 1 146 ? 6.836   3.175   3.874   1.00 29.29  ? 146 LEU A CA  1 
ATOM   1057 C  C   . LEU A 1 146 ? 8.302   2.931   4.079   1.00 35.52  ? 146 LEU A C   1 
ATOM   1058 O  O   . LEU A 1 146 ? 8.983   3.658   4.837   1.00 33.11  ? 146 LEU A O   1 
ATOM   1059 C  CB  . LEU A 1 146 ? 6.020   2.702   5.088   1.00 27.14  ? 146 LEU A CB  1 
ATOM   1060 C  CG  . LEU A 1 146 ? 4.482   2.831   4.869   1.00 27.17  ? 146 LEU A CG  1 
ATOM   1061 C  CD1 . LEU A 1 146 ? 3.650   2.453   6.104   1.00 25.12  ? 146 LEU A CD1 1 
ATOM   1062 C  CD2 . LEU A 1 146 ? 4.103   4.203   4.310   1.00 24.86  ? 146 LEU A CD2 1 
ATOM   1063 N  N   . VAL A 1 147 ? 8.805   1.950   3.325   1.00 30.90  ? 147 VAL A N   1 
ATOM   1064 C  CA  . VAL A 1 147 ? 10.139  1.457   3.559   1.00 31.61  ? 147 VAL A CA  1 
ATOM   1065 C  C   . VAL A 1 147 ? 11.025  1.654   2.293   1.00 31.72  ? 147 VAL A C   1 
ATOM   1066 O  O   . VAL A 1 147 ? 12.169  1.269   2.259   1.00 33.96  ? 147 VAL A O   1 
ATOM   1067 C  CB  . VAL A 1 147 ? 9.997   0.064   4.257   1.00 35.39  ? 147 VAL A CB  1 
ATOM   1068 C  CG1 . VAL A 1 147 ? 10.582  -1.112  3.514   1.00 36.52  ? 147 VAL A CG1 1 
ATOM   1069 C  CG2 . VAL A 1 147 ? 10.357  0.126   5.738   1.00 33.79  ? 147 VAL A CG2 1 
ATOM   1070 N  N   . GLY A 1 148 ? 10.521  2.361   1.297   1.00 27.99  ? 148 GLY A N   1 
ATOM   1071 C  CA  . GLY A 1 148 ? 11.315  2.735   0.171   1.00 30.55  ? 148 GLY A CA  1 
ATOM   1072 C  C   . GLY A 1 148 ? 11.302  1.681   -0.907  1.00 32.19  ? 148 GLY A C   1 
ATOM   1073 O  O   . GLY A 1 148 ? 12.129  1.700   -1.772  1.00 34.66  ? 148 GLY A O   1 
ATOM   1074 N  N   . ARG A 1 149 ? 10.331  0.783   -0.871  1.00 35.84  ? 149 ARG A N   1 
ATOM   1075 C  CA  . ARG A 1 149 ? 10.372  -0.428  -1.664  1.00 34.10  ? 149 ARG A CA  1 
ATOM   1076 C  C   . ARG A 1 149 ? 9.153   -0.452  -2.589  1.00 31.25  ? 149 ARG A C   1 
ATOM   1077 O  O   . ARG A 1 149 ? 8.042   -0.032  -2.214  1.00 26.52  ? 149 ARG A O   1 
ATOM   1078 C  CB  . ARG A 1 149 ? 10.455  -1.612  -0.707  1.00 38.53  ? 149 ARG A CB  1 
ATOM   1079 C  CG  . ARG A 1 149 ? 10.879  -2.955  -1.251  1.00 49.91  ? 149 ARG A CG  1 
ATOM   1080 C  CD  . ARG A 1 149 ? 12.395  -3.154  -1.389  1.00 58.39  ? 149 ARG A CD  1 
ATOM   1081 N  NE  . ARG A 1 149 ? 12.533  -4.430  -2.085  1.00 55.93  ? 149 ARG A NE  1 
ATOM   1082 C  CZ  . ARG A 1 149 ? 12.570  -5.604  -1.484  1.00 56.69  ? 149 ARG A CZ  1 
ATOM   1083 N  NH1 . ARG A 1 149 ? 12.554  -5.637  -0.161  1.00 55.50  ? 149 ARG A NH1 1 
ATOM   1084 N  NH2 . ARG A 1 149 ? 12.651  -6.735  -2.199  1.00 46.55  ? 149 ARG A NH2 1 
ATOM   1085 N  N   . LEU A 1 150 ? 9.388   -0.909  -3.829  1.00 32.11  ? 150 LEU A N   1 
ATOM   1086 C  CA  . LEU A 1 150 ? 8.355   -1.063  -4.864  1.00 29.11  ? 150 LEU A CA  1 
ATOM   1087 C  C   . LEU A 1 150 ? 8.356   -2.491  -5.346  1.00 30.62  ? 150 LEU A C   1 
ATOM   1088 O  O   . LEU A 1 150 ? 9.377   -3.211  -5.174  1.00 27.64  ? 150 LEU A O   1 
ATOM   1089 C  CB  . LEU A 1 150 ? 8.661   -0.122  -6.026  1.00 31.10  ? 150 LEU A CB  1 
ATOM   1090 C  CG  . LEU A 1 150 ? 8.660   1.369   -5.681  1.00 33.11  ? 150 LEU A CG  1 
ATOM   1091 C  CD1 . LEU A 1 150 ? 9.172   2.217   -6.794  1.00 37.17  ? 150 LEU A CD1 1 
ATOM   1092 C  CD2 . LEU A 1 150 ? 7.214   1.810   -5.401  1.00 40.34  ? 150 LEU A CD2 1 
ATOM   1093 N  N   . TYR A 1 151 ? 7.246   -2.928  -5.953  1.00 26.69  ? 151 TYR A N   1 
ATOM   1094 C  CA  . TYR A 1 151 ? 7.108   -4.375  -6.243  1.00 25.74  ? 151 TYR A CA  1 
ATOM   1095 C  C   . TYR A 1 151 ? 8.082   -4.972  -7.299  1.00 26.15  ? 151 TYR A C   1 
ATOM   1096 O  O   . TYR A 1 151 ? 8.358   -6.148  -7.242  1.00 29.21  ? 151 TYR A O   1 
ATOM   1097 C  CB  . TYR A 1 151 ? 5.628   -4.729  -6.571  1.00 25.01  ? 151 TYR A CB  1 
ATOM   1098 C  CG  . TYR A 1 151 ? 5.174   -4.299  -7.935  1.00 27.68  ? 151 TYR A CG  1 
ATOM   1099 C  CD1 . TYR A 1 151 ? 5.595   -4.997  -9.118  1.00 27.10  ? 151 TYR A CD1 1 
ATOM   1100 C  CD2 . TYR A 1 151 ? 4.294   -3.231  -8.082  1.00 26.59  ? 151 TYR A CD2 1 
ATOM   1101 C  CE1 . TYR A 1 151 ? 5.177   -4.580  -10.384 1.00 28.60  ? 151 TYR A CE1 1 
ATOM   1102 C  CE2 . TYR A 1 151 ? 3.873   -2.820  -9.336  1.00 28.41  ? 151 TYR A CE2 1 
ATOM   1103 C  CZ  . TYR A 1 151 ? 4.311   -3.482  -10.497 1.00 32.38  ? 151 TYR A CZ  1 
ATOM   1104 O  OH  . TYR A 1 151 ? 3.801   -3.066  -11.739 1.00 30.25  ? 151 TYR A OH  1 
ATOM   1105 N  N   . PRO A 1 152 ? 8.621   -4.170  -8.239  1.00 26.19  ? 152 PRO A N   1 
ATOM   1106 C  CA  . PRO A 1 152 ? 9.497   -4.848  -9.215  1.00 29.18  ? 152 PRO A CA  1 
ATOM   1107 C  C   . PRO A 1 152 ? 10.651  -5.589  -8.585  1.00 33.46  ? 152 PRO A C   1 
ATOM   1108 O  O   . PRO A 1 152 ? 10.897  -6.776  -8.964  1.00 33.01  ? 152 PRO A O   1 
ATOM   1109 C  CB  . PRO A 1 152 ? 9.952   -3.713  -10.146 1.00 26.81  ? 152 PRO A CB  1 
ATOM   1110 C  CG  . PRO A 1 152 ? 8.729   -2.802  -10.168 1.00 25.90  ? 152 PRO A CG  1 
ATOM   1111 C  CD  . PRO A 1 152 ? 8.277   -2.803  -8.700  1.00 26.16  ? 152 PRO A CD  1 
ATOM   1112 N  N   . SER A 1 153 ? 11.231  -4.979  -7.541  1.00 30.40  ? 153 SER A N   1 
ATOM   1113 C  CA  . SER A 1 153 ? 12.335  -5.603  -6.798  1.00 28.58  ? 153 SER A CA  1 
ATOM   1114 C  C   . SER A 1 153 ? 11.835  -6.872  -6.129  1.00 27.03  ? 153 SER A C   1 
ATOM   1115 O  O   . SER A 1 153 ? 12.628  -7.640  -5.620  1.00 26.60  ? 153 SER A O   1 
ATOM   1116 C  CB  . SER A 1 153 ? 12.906  -4.684  -5.718  1.00 26.21  ? 153 SER A CB  1 
ATOM   1117 O  OG  . SER A 1 153 ? 11.853  -4.421  -4.818  1.00 27.41  ? 153 SER A OG  1 
ATOM   1118 N  N   . ARG A 1 154 ? 10.544  -7.130  -6.124  1.00 26.36  ? 154 ARG A N   1 
ATOM   1119 C  CA  . ARG A 1 154 ? 10.125  -8.451  -5.583  1.00 30.79  ? 154 ARG A CA  1 
ATOM   1120 C  C   . ARG A 1 154 ? 9.711   -9.500  -6.672  1.00 33.00  ? 154 ARG A C   1 
ATOM   1121 O  O   . ARG A 1 154 ? 9.337   -10.653 -6.342  1.00 31.81  ? 154 ARG A O   1 
ATOM   1122 C  CB  . ARG A 1 154 ? 8.967   -8.275  -4.583  1.00 32.09  ? 154 ARG A CB  1 
ATOM   1123 C  CG  . ARG A 1 154 ? 9.308   -7.326  -3.429  1.00 35.73  ? 154 ARG A CG  1 
ATOM   1124 C  CD  . ARG A 1 154 ? 8.368   -7.587  -2.288  1.00 36.49  ? 154 ARG A CD  1 
ATOM   1125 N  NE  . ARG A 1 154 ? 8.724   -6.809  -1.141  1.00 40.50  ? 154 ARG A NE  1 
ATOM   1126 C  CZ  . ARG A 1 154 ? 9.467   -7.267  -0.140  1.00 44.74  ? 154 ARG A CZ  1 
ATOM   1127 N  NH1 . ARG A 1 154 ? 9.948   -8.490  -0.187  1.00 38.37  ? 154 ARG A NH1 1 
ATOM   1128 N  NH2 . ARG A 1 154 ? 9.731   -6.505  0.921   1.00 38.83  ? 154 ARG A NH2 1 
ATOM   1129 N  N   . ILE A 1 155 ? 9.711   -9.105  -7.947  1.00 32.19  ? 155 ILE A N   1 
ATOM   1130 C  CA  . ILE A 1 155 ? 9.327   -10.077 -9.013  1.00 34.33  ? 155 ILE A CA  1 
ATOM   1131 C  C   . ILE A 1 155 ? 10.308  -11.289 -9.059  1.00 35.02  ? 155 ILE A C   1 
ATOM   1132 O  O   . ILE A 1 155 ? 11.541  -11.126 -8.959  1.00 32.01  ? 155 ILE A O   1 
ATOM   1133 C  CB  . ILE A 1 155 ? 9.320   -9.419  -10.400 1.00 29.81  ? 155 ILE A CB  1 
ATOM   1134 C  CG1 . ILE A 1 155 ? 8.229   -8.370  -10.477 1.00 28.59  ? 155 ILE A CG1 1 
ATOM   1135 C  CG2 . ILE A 1 155 ? 9.123   -10.479 -11.504 1.00 29.97  ? 155 ILE A CG2 1 
ATOM   1136 C  CD1 . ILE A 1 155 ? 8.553   -7.344  -11.549 1.00 30.40  ? 155 ILE A CD1 1 
ATOM   1137 N  N   . GLU A 1 156 ? 9.781   -12.499 -9.165  1.00 33.00  ? 156 GLU A N   1 
ATOM   1138 C  CA  . GLU A 1 156 ? 10.685  -13.615 -9.347  1.00 38.93  ? 156 GLU A CA  1 
ATOM   1139 C  C   . GLU A 1 156 ? 10.544  -14.144 -10.760 1.00 36.04  ? 156 GLU A C   1 
ATOM   1140 O  O   . GLU A 1 156 ? 11.507  -14.619 -11.280 1.00 35.03  ? 156 GLU A O   1 
ATOM   1141 C  CB  . GLU A 1 156 ? 10.450  -14.749 -8.357  1.00 39.33  ? 156 GLU A CB  1 
ATOM   1142 C  CG  . GLU A 1 156 ? 10.737  -14.395 -6.911  1.00 46.59  ? 156 GLU A CG  1 
ATOM   1143 C  CD  . GLU A 1 156 ? 10.211  -15.478 -6.022  1.00 50.32  ? 156 GLU A CD  1 
ATOM   1144 O  OE1 . GLU A 1 156 ? 9.221   -16.166 -6.388  1.00 56.58  ? 156 GLU A OE1 1 
ATOM   1145 O  OE2 . GLU A 1 156 ? 10.791  -15.670 -4.970  1.00 52.05  ? 156 GLU A OE2 1 
ATOM   1146 N  N   . ASN A 1 157 ? 9.368   -14.040 -11.374 1.00 35.46  ? 157 ASN A N   1 
ATOM   1147 C  CA  . ASN A 1 157 ? 9.203   -14.567 -12.740 1.00 33.67  ? 157 ASN A CA  1 
ATOM   1148 C  C   . ASN A 1 157 ? 8.963   -13.409 -13.668 1.00 30.85  ? 157 ASN A C   1 
ATOM   1149 O  O   . ASN A 1 157 ? 7.841   -12.910 -13.784 1.00 32.50  ? 157 ASN A O   1 
ATOM   1150 C  CB  . ASN A 1 157 ? 8.070   -15.592 -12.794 1.00 30.69  ? 157 ASN A CB  1 
ATOM   1151 C  CG  . ASN A 1 157 ? 7.851   -16.172 -14.201 1.00 35.21  ? 157 ASN A CG  1 
ATOM   1152 O  OD1 . ASN A 1 157 ? 8.543   -15.834 -15.164 1.00 33.77  ? 157 ASN A OD1 1 
ATOM   1153 N  ND2 . ASN A 1 157 ? 6.878   -17.046 -14.310 1.00 31.05  ? 157 ASN A ND2 1 
ATOM   1154 N  N   . PHE A 1 158 ? 10.015  -12.946 -14.336 1.00 31.24  ? 158 PHE A N   1 
ATOM   1155 C  CA  . PHE A 1 158 ? 9.833   -11.786 -15.170 1.00 30.98  ? 158 PHE A CA  1 
ATOM   1156 C  C   . PHE A 1 158 ? 8.979   -12.031 -16.407 1.00 34.79  ? 158 PHE A C   1 
ATOM   1157 O  O   . PHE A 1 158 ? 8.581   -11.097 -17.077 1.00 36.65  ? 158 PHE A O   1 
ATOM   1158 C  CB  . PHE A 1 158 ? 11.160  -11.186 -15.505 1.00 32.74  ? 158 PHE A CB  1 
ATOM   1159 C  CG  . PHE A 1 158 ? 11.740  -10.397 -14.392 1.00 34.01  ? 158 PHE A CG  1 
ATOM   1160 C  CD1 . PHE A 1 158 ? 11.531  -9.017  -14.315 1.00 31.09  ? 158 PHE A CD1 1 
ATOM   1161 C  CD2 . PHE A 1 158 ? 12.491  -11.028 -13.384 1.00 35.41  ? 158 PHE A CD2 1 
ATOM   1162 C  CE1 . PHE A 1 158 ? 12.059  -8.291  -13.268 1.00 28.20  ? 158 PHE A CE1 1 
ATOM   1163 C  CE2 . PHE A 1 158 ? 13.047  -10.271 -12.340 1.00 29.72  ? 158 PHE A CE2 1 
ATOM   1164 C  CZ  . PHE A 1 158 ? 12.813  -8.916  -12.296 1.00 25.47  ? 158 PHE A CZ  1 
ATOM   1165 N  N   . ASP A 1 159 ? 8.657   -13.285 -16.697 1.00 33.94  ? 159 ASP A N   1 
ATOM   1166 C  CA  . ASP A 1 159 ? 7.637   -13.534 -17.708 1.00 31.70  ? 159 ASP A CA  1 
ATOM   1167 C  C   . ASP A 1 159 ? 6.289   -12.909 -17.401 1.00 33.61  ? 159 ASP A C   1 
ATOM   1168 O  O   . ASP A 1 159 ? 5.558   -12.547 -18.306 1.00 33.71  ? 159 ASP A O   1 
ATOM   1169 C  CB  . ASP A 1 159 ? 7.516   -15.046 -17.919 1.00 36.55  ? 159 ASP A CB  1 
ATOM   1170 C  CG  . ASP A 1 159 ? 8.738   -15.636 -18.686 1.00 36.06  ? 159 ASP A CG  1 
ATOM   1171 O  OD1 . ASP A 1 159 ? 9.759   -14.949 -18.954 1.00 34.18  ? 159 ASP A OD1 1 
ATOM   1172 O  OD2 . ASP A 1 159 ? 8.654   -16.817 -19.018 1.00 42.30  ? 159 ASP A OD2 1 
ATOM   1173 N  N   . THR A 1 160 ? 5.958   -12.734 -16.123 1.00 33.45  ? 160 THR A N   1 
ATOM   1174 C  CA  . THR A 1 160 ? 4.626   -12.239 -15.750 1.00 33.45  ? 160 THR A CA  1 
ATOM   1175 C  C   . THR A 1 160 ? 4.557   -10.726 -15.644 1.00 33.88  ? 160 THR A C   1 
ATOM   1176 O  O   . THR A 1 160 ? 3.496   -10.161 -15.325 1.00 36.46  ? 160 THR A O   1 
ATOM   1177 C  CB  . THR A 1 160 ? 4.258   -12.771 -14.380 1.00 38.25  ? 160 THR A CB  1 
ATOM   1178 O  OG1 . THR A 1 160 ? 5.110   -12.144 -13.370 1.00 39.26  ? 160 THR A OG1 1 
ATOM   1179 C  CG2 . THR A 1 160 ? 4.411   -14.280 -14.372 1.00 31.99  ? 160 THR A CG2 1 
ATOM   1180 N  N   . PHE A 1 161 ? 5.681   -10.060 -15.888 1.00 31.21  ? 161 PHE A N   1 
ATOM   1181 C  CA  . PHE A 1 161 ? 5.751   -8.585  -15.782 1.00 28.64  ? 161 PHE A CA  1 
ATOM   1182 C  C   . PHE A 1 161 ? 5.501   -7.987  -17.171 1.00 29.42  ? 161 PHE A C   1 
ATOM   1183 O  O   . PHE A 1 161 ? 6.199   -8.332  -18.138 1.00 29.08  ? 161 PHE A O   1 
ATOM   1184 C  CB  . PHE A 1 161 ? 7.146   -8.211  -15.254 1.00 28.15  ? 161 PHE A CB  1 
ATOM   1185 C  CG  . PHE A 1 161 ? 7.370   -6.719  -14.983 1.00 26.00  ? 161 PHE A CG  1 
ATOM   1186 C  CD1 . PHE A 1 161 ? 6.335   -5.879  -14.559 1.00 24.60  ? 161 PHE A CD1 1 
ATOM   1187 C  CD2 . PHE A 1 161 ? 8.664   -6.180  -15.111 1.00 24.84  ? 161 PHE A CD2 1 
ATOM   1188 C  CE1 . PHE A 1 161 ? 6.585   -4.522  -14.288 1.00 25.67  ? 161 PHE A CE1 1 
ATOM   1189 C  CE2 . PHE A 1 161 ? 8.941   -4.809  -14.839 1.00 25.50  ? 161 PHE A CE2 1 
ATOM   1190 C  CZ  . PHE A 1 161 ? 7.900   -3.972  -14.416 1.00 25.31  ? 161 PHE A CZ  1 
ATOM   1191 N  N   . GLY A 1 162 ? 4.499   -7.116  -17.289 1.00 27.66  ? 162 GLY A N   1 
ATOM   1192 C  CA  . GLY A 1 162 ? 4.240   -6.417  -18.547 1.00 28.43  ? 162 GLY A CA  1 
ATOM   1193 C  C   . GLY A 1 162 ? 3.074   -5.447  -18.436 1.00 33.55  ? 162 GLY A C   1 
ATOM   1194 O  O   . GLY A 1 162 ? 2.502   -5.228  -17.360 1.00 35.05  ? 162 GLY A O   1 
ATOM   1195 N  N   . PHE A 1 163 ? 2.732   -4.839  -19.544 1.00 34.16  ? 163 PHE A N   1 
ATOM   1196 C  CA  . PHE A 1 163 ? 1.597   -3.954  -19.595 1.00 35.35  ? 163 PHE A CA  1 
ATOM   1197 C  C   . PHE A 1 163 ? 0.313   -4.699  -19.439 1.00 34.70  ? 163 PHE A C   1 
ATOM   1198 O  O   . PHE A 1 163 ? 0.195   -5.819  -19.907 1.00 37.52  ? 163 PHE A O   1 
ATOM   1199 C  CB  . PHE A 1 163 ? 1.647   -3.161  -20.875 1.00 31.54  ? 163 PHE A CB  1 
ATOM   1200 C  CG  . PHE A 1 163 ? 2.756   -2.186  -20.864 1.00 37.36  ? 163 PHE A CG  1 
ATOM   1201 C  CD1 . PHE A 1 163 ? 4.037   -2.560  -21.275 1.00 35.12  ? 163 PHE A CD1 1 
ATOM   1202 C  CD2 . PHE A 1 163 ? 2.549   -0.898  -20.353 1.00 34.65  ? 163 PHE A CD2 1 
ATOM   1203 C  CE1 . PHE A 1 163 ? 5.091   -1.646  -21.227 1.00 35.27  ? 163 PHE A CE1 1 
ATOM   1204 C  CE2 . PHE A 1 163 ? 3.577   0.024   -20.339 1.00 34.42  ? 163 PHE A CE2 1 
ATOM   1205 C  CZ  . PHE A 1 163 ? 4.863   -0.351  -20.761 1.00 35.35  ? 163 PHE A CZ  1 
ATOM   1206 N  N   . ASP A 1 164 ? -0.632  -4.048  -18.769 1.00 37.31  ? 164 ASP A N   1 
ATOM   1207 C  CA  . ASP A 1 164 ? -1.864  -4.644  -18.337 1.00 41.27  ? 164 ASP A CA  1 
ATOM   1208 C  C   . ASP A 1 164 ? -2.776  -5.043  -19.482 1.00 41.99  ? 164 ASP A C   1 
ATOM   1209 O  O   . ASP A 1 164 ? -3.403  -6.106  -19.431 1.00 45.91  ? 164 ASP A O   1 
ATOM   1210 C  CB  . ASP A 1 164 ? -2.619  -3.713  -17.376 1.00 43.59  ? 164 ASP A CB  1 
ATOM   1211 C  CG  . ASP A 1 164 ? -3.951  -4.316  -16.941 1.00 47.16  ? 164 ASP A CG  1 
ATOM   1212 O  OD1 . ASP A 1 164 ? -4.997  -3.828  -17.365 1.00 56.17  ? 164 ASP A OD1 1 
ATOM   1213 O  OD2 . ASP A 1 164 ? -3.976  -5.308  -16.193 1.00 55.81  ? 164 ASP A OD2 1 
ATOM   1214 N  N   . ASP A 1 165 ? -2.881  -4.175  -20.479 1.00 37.51  ? 165 ASP A N   1 
ATOM   1215 C  CA  . ASP A 1 165 ? -3.735  -4.396  -21.625 1.00 43.13  ? 165 ASP A CA  1 
ATOM   1216 C  C   . ASP A 1 165 ? -3.182  -5.422  -22.643 1.00 44.21  ? 165 ASP A C   1 
ATOM   1217 O  O   . ASP A 1 165 ? -3.802  -5.706  -23.619 1.00 45.20  ? 165 ASP A O   1 
ATOM   1218 C  CB  . ASP A 1 165 ? -3.985  -3.049  -22.327 1.00 47.79  ? 165 ASP A CB  1 
ATOM   1219 C  CG  . ASP A 1 165 ? -2.733  -2.478  -23.000 1.00 52.53  ? 165 ASP A CG  1 
ATOM   1220 O  OD1 . ASP A 1 165 ? -1.595  -2.951  -22.809 1.00 54.21  ? 165 ASP A OD1 1 
ATOM   1221 O  OD2 . ASP A 1 165 ? -2.874  -1.501  -23.735 1.00 58.03  ? 165 ASP A OD2 1 
ATOM   1222 N  N   . VAL A 1 166 ? -2.006  -5.961  -22.386 1.00 44.31  ? 166 VAL A N   1 
ATOM   1223 C  CA  . VAL A 1 166 ? -1.278  -6.797  -23.307 1.00 43.02  ? 166 VAL A CA  1 
ATOM   1224 C  C   . VAL A 1 166 ? -1.144  -8.183  -22.677 1.00 45.73  ? 166 VAL A C   1 
ATOM   1225 O  O   . VAL A 1 166 ? -1.206  -9.164  -23.378 1.00 58.68  ? 166 VAL A O   1 
ATOM   1226 C  CB  . VAL A 1 166 ? 0.149   -6.210  -23.525 1.00 45.99  ? 166 VAL A CB  1 
ATOM   1227 C  CG1 . VAL A 1 166 ? 1.124   -7.253  -24.016 1.00 43.56  ? 166 VAL A CG1 1 
ATOM   1228 C  CG2 . VAL A 1 166 ? 0.136   -4.997  -24.436 1.00 44.33  ? 166 VAL A CG2 1 
ATOM   1229 N  N   . LEU A 1 167 ? -0.963  -8.252  -21.355 1.00 46.64  ? 167 LEU A N   1 
ATOM   1230 C  CA  . LEU A 1 167 ? -0.624  -9.496  -20.619 1.00 50.42  ? 167 LEU A CA  1 
ATOM   1231 C  C   . LEU A 1 167 ? -1.628  -10.642 -20.726 1.00 58.91  ? 167 LEU A C   1 
ATOM   1232 O  O   . LEU A 1 167 ? -2.843  -10.409 -20.752 1.00 60.77  ? 167 LEU A O   1 
ATOM   1233 C  CB  . LEU A 1 167 ? -0.382  -9.209  -19.127 1.00 45.04  ? 167 LEU A CB  1 
ATOM   1234 C  CG  . LEU A 1 167 ? 1.060   -8.927  -18.755 1.00 47.99  ? 167 LEU A CG  1 
ATOM   1235 C  CD1 . LEU A 1 167 ? 1.123   -8.225  -17.400 1.00 42.99  ? 167 LEU A CD1 1 
ATOM   1236 C  CD2 . LEU A 1 167 ? 1.861   -10.227 -18.756 1.00 45.26  ? 167 LEU A CD2 1 
ATOM   1237 N  N   . SER A 1 168 ? -1.099  -11.872 -20.759 1.00 68.39  ? 168 SER A N   1 
ATOM   1238 C  CA  . SER A 1 168 ? -1.919  -13.089 -20.916 1.00 77.91  ? 168 SER A CA  1 
ATOM   1239 C  C   . SER A 1 168 ? -1.322  -14.330 -20.203 1.00 80.38  ? 168 SER A C   1 
ATOM   1240 O  O   . SER A 1 168 ? -1.387  -15.455 -20.720 1.00 84.13  ? 168 SER A O   1 
ATOM   1241 C  CB  . SER A 1 168 ? -2.266  -13.362 -22.407 1.00 71.11  ? 168 SER A CB  1 
ATOM   1242 O  OG  . SER A 1 168 ? -1.183  -13.970 -23.096 1.00 65.31  ? 168 SER A OG  1 
ATOM   1243 N  N   . TYR A 1 169 ? -0.748  -14.112 -19.017 1.00 82.35  ? 169 TYR A N   1 
ATOM   1244 C  CA  . TYR A 1 169 ? -0.245  -15.198 -18.163 1.00 83.28  ? 169 TYR A CA  1 
ATOM   1245 C  C   . TYR A 1 169 ? -1.232  -15.501 -16.992 1.00 93.66  ? 169 TYR A C   1 
ATOM   1246 O  O   . TYR A 1 169 ? -2.022  -14.632 -16.617 1.00 113.62 ? 169 TYR A O   1 
ATOM   1247 C  CB  . TYR A 1 169 ? 1.158   -14.820 -17.656 1.00 74.97  ? 169 TYR A CB  1 
ATOM   1248 C  CG  . TYR A 1 169 ? 1.886   -15.886 -16.823 1.00 74.32  ? 169 TYR A CG  1 
ATOM   1249 C  CD1 . TYR A 1 169 ? 2.939   -16.656 -17.377 1.00 69.73  ? 169 TYR A CD1 1 
ATOM   1250 C  CD2 . TYR A 1 169 ? 1.538   -16.104 -15.468 1.00 66.36  ? 169 TYR A CD2 1 
ATOM   1251 C  CE1 . TYR A 1 169 ? 3.602   -17.615 -16.618 1.00 68.45  ? 169 TYR A CE1 1 
ATOM   1252 C  CE2 . TYR A 1 169 ? 2.185   -17.055 -14.695 1.00 68.14  ? 169 TYR A CE2 1 
ATOM   1253 C  CZ  . TYR A 1 169 ? 3.215   -17.804 -15.269 1.00 73.09  ? 169 TYR A CZ  1 
ATOM   1254 O  OH  . TYR A 1 169 ? 3.851   -18.730 -14.484 1.00 64.23  ? 169 TYR A OH  1 
ATOM   1255 N  N   . ASP A 1 170 ? -1.184  -16.720 -16.433 1.00 94.96  ? 170 ASP A N   1 
ATOM   1256 C  CA  . ASP A 1 170 ? -2.024  -17.147 -15.279 1.00 87.36  ? 170 ASP A CA  1 
ATOM   1257 C  C   . ASP A 1 170 ? -1.232  -17.578 -14.034 1.00 84.35  ? 170 ASP A C   1 
ATOM   1258 O  O   . ASP A 1 170 ? -1.724  -17.516 -12.900 1.00 74.03  ? 170 ASP A O   1 
ATOM   1259 C  CB  . ASP A 1 170 ? -2.946  -18.289 -15.713 1.00 87.21  ? 170 ASP A CB  1 
ATOM   1260 C  CG  . ASP A 1 170 ? -3.878  -17.877 -16.843 1.00 88.24  ? 170 ASP A CG  1 
ATOM   1261 O  OD1 . ASP A 1 170 ? -3.626  -18.266 -17.994 1.00 82.91  ? 170 ASP A OD1 1 
ATOM   1262 O  OD2 . ASP A 1 170 ? -4.846  -17.129 -16.596 1.00 90.38  ? 170 ASP A OD2 1 
HETATM 1263 CD CD  A CD  B 2 .   ? 1.969   0.803   -5.017  0.50 31.89  ? 201 CD  A CD  1 
HETATM 1264 CD CD  B CD  B 2 .   ? 0.669   1.608   -3.592  0.50 34.89  ? 201 CD  A CD  1 
HETATM 1265 CD CD  . CD  C 2 .   ? -6.131  -10.065 16.496  1.00 38.17  ? 202 CD  A CD  1 
HETATM 1266 CD CD  . CD  D 2 .   ? -12.179 17.333  -3.657  1.00 58.82  ? 203 CD  A CD  1 
HETATM 1267 C  C   . ACT E 3 .   ? 12.961  -1.046  -4.583  1.00 33.01  ? 204 ACT A C   1 
HETATM 1268 O  O   . ACT E 3 .   ? 11.853  -1.667  -4.649  1.00 33.38  ? 204 ACT A O   1 
HETATM 1269 O  OXT . ACT E 3 .   ? 13.974  -1.539  -4.075  1.00 31.12  ? 204 ACT A OXT 1 
HETATM 1270 C  CH3 . ACT E 3 .   ? 13.082  0.326   -5.108  1.00 28.11  ? 204 ACT A CH3 1 
HETATM 1271 C  C1  . 56K F 4 .   ? -1.704  -5.037  -4.239  1.00 39.36  ? 205 56K A C1  1 
HETATM 1272 C  C2  . 56K F 4 .   ? -2.359  -5.313  -5.416  1.00 47.33  ? 205 56K A C2  1 
HETATM 1273 C  C3  . 56K F 4 .   ? -2.812  -4.299  -6.258  1.00 50.07  ? 205 56K A C3  1 
HETATM 1274 C  C4  . 56K F 4 .   ? -2.594  -2.951  -5.908  1.00 53.06  ? 205 56K A C4  1 
HETATM 1275 C  C5  . 56K F 4 .   ? -1.943  -2.636  -4.684  1.00 49.77  ? 205 56K A C5  1 
HETATM 1276 C  C6  . 56K F 4 .   ? -1.514  -3.699  -3.901  1.00 45.44  ? 205 56K A C6  1 
HETATM 1277 C  C8  . 56K F 4 .   ? -3.426  -4.845  -7.507  1.00 65.38  ? 205 56K A C8  1 
HETATM 1278 N  N7  . 56K F 4 .   ? -1.722  -1.351  -4.217  1.00 50.08  ? 205 56K A N7  1 
HETATM 1279 C  C12 . 56K F 4 .   ? -3.182  -4.387  -8.814  1.00 77.26  ? 205 56K A C12 1 
HETATM 1280 S  S11 . 56K F 4 .   ? -4.012  -5.406  -9.993  1.00 90.68  ? 205 56K A S11 1 
HETATM 1281 C  C10 . 56K F 4 .   ? -4.659  -6.393  -8.701  1.00 80.57  ? 205 56K A C10 1 
HETATM 1282 N  N9  . 56K F 4 .   ? -4.224  -5.965  -7.484  1.00 76.71  ? 205 56K A N9  1 
HETATM 1283 C  C13 . 56K F 4 .   ? -5.562  -7.547  -9.108  1.00 74.52  ? 205 56K A C13 1 
HETATM 1284 O  O   . HOH G 5 .   ? 12.216  10.142  5.467   1.00 32.92  ? 301 HOH A O   1 
HETATM 1285 O  O   . HOH G 5 .   ? -2.159  -13.681 -1.667  1.00 34.74  ? 302 HOH A O   1 
HETATM 1286 O  O   . HOH G 5 .   ? 7.624   10.624  0.174   1.00 35.28  ? 303 HOH A O   1 
HETATM 1287 O  O   . HOH G 5 .   ? -8.853  15.022  18.359  1.00 33.22  ? 304 HOH A O   1 
HETATM 1288 O  O   . HOH G 5 .   ? 2.068   -1.095  -11.907 1.00 25.92  ? 305 HOH A O   1 
HETATM 1289 O  O   . HOH G 5 .   ? 16.297  -0.647  -4.173  1.00 37.76  ? 306 HOH A O   1 
HETATM 1290 O  O   . HOH G 5 .   ? 6.135   -3.883  -3.034  1.00 31.48  ? 307 HOH A O   1 
HETATM 1291 O  O   . HOH G 5 .   ? 1.448   15.155  -4.656  1.00 35.40  ? 308 HOH A O   1 
HETATM 1292 O  O   . HOH G 5 .   ? -3.510  -12.158 -3.122  1.00 41.19  ? 309 HOH A O   1 
HETATM 1293 O  O   . HOH G 5 .   ? 0.212   -21.325 6.243   1.00 38.09  ? 310 HOH A O   1 
HETATM 1294 O  O   . HOH G 5 .   ? -14.022 14.162  -5.419  1.00 33.23  ? 311 HOH A O   1 
HETATM 1295 O  O   . HOH G 5 .   ? 9.928   -11.662 -4.079  1.00 36.56  ? 312 HOH A O   1 
HETATM 1296 O  O   . HOH G 5 .   ? 8.464   9.067   2.115   1.00 30.49  ? 313 HOH A O   1 
HETATM 1297 O  O   . HOH G 5 .   ? 9.027   6.361   1.725   1.00 47.43  ? 314 HOH A O   1 
HETATM 1298 O  O   . HOH G 5 .   ? 1.013   3.182   8.268   1.00 33.54  ? 315 HOH A O   1 
HETATM 1299 O  O   . HOH G 5 .   ? -10.805 5.918   -1.441  1.00 31.14  ? 316 HOH A O   1 
HETATM 1300 O  O   . HOH G 5 .   ? 15.211  -7.616  -6.001  1.00 44.33  ? 317 HOH A O   1 
HETATM 1301 O  O   . HOH G 5 .   ? 9.855   -8.833  -17.698 1.00 27.24  ? 318 HOH A O   1 
HETATM 1302 O  O   . HOH G 5 .   ? 7.126   -13.252 -9.648  1.00 29.52  ? 319 HOH A O   1 
HETATM 1303 O  O   . HOH G 5 .   ? -9.211  18.685  9.152   1.00 47.56  ? 320 HOH A O   1 
HETATM 1304 O  O   . HOH G 5 .   ? 8.906   16.854  -1.547  1.00 46.09  ? 321 HOH A O   1 
HETATM 1305 O  O   . HOH G 5 .   ? -8.213  -11.293 5.584   1.00 34.93  ? 322 HOH A O   1 
HETATM 1306 O  O   . HOH G 5 .   ? -4.158  -9.906  -6.843  1.00 41.54  ? 323 HOH A O   1 
HETATM 1307 O  O   . HOH G 5 .   ? 7.643   3.590   -2.258  1.00 36.24  ? 324 HOH A O   1 
HETATM 1308 O  O   . HOH G 5 .   ? 12.960  -8.496  -8.662  1.00 34.46  ? 325 HOH A O   1 
HETATM 1309 O  O   . HOH G 5 .   ? 11.184  5.613   -7.431  1.00 30.35  ? 326 HOH A O   1 
HETATM 1310 O  O   . HOH G 5 .   ? 8.923   3.429   7.540   1.00 33.05  ? 327 HOH A O   1 
HETATM 1311 O  O   . HOH G 5 .   ? 13.641  11.790  -8.114  1.00 47.58  ? 328 HOH A O   1 
HETATM 1312 O  O   . HOH G 5 .   ? 3.165   15.949  14.153  1.00 36.71  ? 329 HOH A O   1 
HETATM 1313 O  O   . HOH G 5 .   ? 6.094   2.388   13.557  1.00 38.50  ? 330 HOH A O   1 
HETATM 1314 O  O   . HOH G 5 .   ? 12.107  -14.713 -14.761 1.00 35.87  ? 331 HOH A O   1 
HETATM 1315 O  O   . HOH G 5 .   ? 1.722   -16.774 5.486   1.00 28.16  ? 332 HOH A O   1 
HETATM 1316 O  O   . HOH G 5 .   ? -11.314 0.573   8.932   1.00 36.23  ? 333 HOH A O   1 
HETATM 1317 O  O   . HOH G 5 .   ? 3.193   -13.882 15.666  1.00 51.81  ? 334 HOH A O   1 
HETATM 1318 O  O   . HOH G 5 .   ? 5.120   -21.069 0.817   1.00 34.70  ? 335 HOH A O   1 
HETATM 1319 O  O   . HOH G 5 .   ? -10.668 3.434   -5.484  1.00 44.49  ? 336 HOH A O   1 
HETATM 1320 O  O   . HOH G 5 .   ? 5.044   -1.242  -5.579  1.00 32.62  ? 337 HOH A O   1 
HETATM 1321 O  O   . HOH G 5 .   ? -3.102  -12.207 -17.542 1.00 44.16  ? 338 HOH A O   1 
HETATM 1322 O  O   . HOH G 5 .   ? 6.138   -10.342 -20.103 1.00 35.08  ? 339 HOH A O   1 
HETATM 1323 O  O   . HOH G 5 .   ? 9.439   -17.908 -21.490 1.00 50.87  ? 340 HOH A O   1 
HETATM 1324 O  O   . HOH G 5 .   ? 5.129   -21.947 7.984   1.00 38.92  ? 341 HOH A O   1 
HETATM 1325 O  O   . HOH G 5 .   ? 5.845   -8.773  1.557   1.00 25.59  ? 342 HOH A O   1 
HETATM 1326 O  O   . HOH G 5 .   ? -9.874  7.337   12.890  1.00 50.01  ? 343 HOH A O   1 
HETATM 1327 O  O   . HOH G 5 .   ? -2.019  11.984  -9.842  1.00 45.73  ? 344 HOH A O   1 
HETATM 1328 O  O   . HOH G 5 .   ? -6.540  -6.509  -15.754 1.00 56.20  ? 345 HOH A O   1 
HETATM 1329 O  O   . HOH G 5 .   ? 12.885  7.508   8.911   1.00 48.16  ? 346 HOH A O   1 
HETATM 1330 O  O   . HOH G 5 .   ? -7.126  -4.040  -15.411 1.00 57.89  ? 347 HOH A O   1 
HETATM 1331 O  O   . HOH G 5 .   ? -1.060  2.378   -5.226  1.00 41.60  ? 348 HOH A O   1 
HETATM 1332 O  O   . HOH G 5 .   ? 11.206  -1.905  -7.479  1.00 38.01  ? 349 HOH A O   1 
HETATM 1333 O  O   . HOH G 5 .   ? -6.192  0.294   -10.606 1.00 46.52  ? 350 HOH A O   1 
HETATM 1334 O  O   . HOH G 5 .   ? 15.593  6.851   4.390   1.00 43.69  ? 351 HOH A O   1 
HETATM 1335 O  O   . HOH G 5 .   ? -6.280  -6.420  -20.007 1.00 60.08  ? 352 HOH A O   1 
HETATM 1336 O  O   . HOH G 5 .   ? -0.848  17.568  -5.217  1.00 55.58  ? 353 HOH A O   1 
HETATM 1337 O  O   . HOH G 5 .   ? 8.666   15.412  0.712   1.00 51.33  ? 354 HOH A O   1 
HETATM 1338 O  O   . HOH G 5 .   ? 5.301   -1.058  -2.805  1.00 36.61  ? 355 HOH A O   1 
HETATM 1339 O  O   . HOH G 5 .   ? 6.198   11.706  -10.934 1.00 39.80  ? 356 HOH A O   1 
HETATM 1340 O  O   . HOH G 5 .   ? -8.255  -13.102 -1.034  1.00 42.11  ? 357 HOH A O   1 
HETATM 1341 O  O   . HOH G 5 .   ? -8.809  -10.920 1.120   1.00 40.20  ? 358 HOH A O   1 
HETATM 1342 O  O   . HOH G 5 .   ? 6.827   -3.956  10.430  1.00 35.68  ? 359 HOH A O   1 
HETATM 1343 O  O   . HOH G 5 .   ? 0.528   -19.425 -5.126  1.00 46.23  ? 360 HOH A O   1 
HETATM 1344 O  O   . HOH G 5 .   ? -8.650  -3.426  15.183  1.00 38.70  ? 361 HOH A O   1 
HETATM 1345 O  O   . HOH G 5 .   ? -3.448  0.499   -6.091  1.00 33.14  ? 362 HOH A O   1 
HETATM 1346 O  O   . HOH G 5 .   ? -12.619 3.665   18.242  1.00 56.96  ? 363 HOH A O   1 
HETATM 1347 O  O   . HOH G 5 .   ? 13.597  -10.627 -6.271  1.00 53.06  ? 364 HOH A O   1 
HETATM 1348 O  O   . HOH G 5 .   ? -9.040  -13.292 7.865   1.00 56.89  ? 365 HOH A O   1 
HETATM 1349 O  O   . HOH G 5 .   ? -13.687 2.086   -13.781 1.00 51.39  ? 366 HOH A O   1 
HETATM 1350 O  O   . HOH G 5 .   ? -0.029  18.723  12.975  1.00 41.91  ? 367 HOH A O   1 
HETATM 1351 O  O   . HOH G 5 .   ? -9.371  2.996   10.038  1.00 34.75  ? 368 HOH A O   1 
HETATM 1352 O  O   . HOH G 5 .   ? -10.370 17.857  -5.807  1.00 43.98  ? 369 HOH A O   1 
HETATM 1353 O  O   . HOH G 5 .   ? 0.579   8.652   -11.603 1.00 53.78  ? 370 HOH A O   1 
HETATM 1354 O  O   . HOH G 5 .   ? 1.691   16.440  9.000   1.00 45.57  ? 371 HOH A O   1 
HETATM 1355 O  O   . HOH G 5 .   ? 15.057  -9.574  -9.709  0.50 30.14  ? 372 HOH A O   1 
HETATM 1356 O  O   . HOH G 5 .   ? -14.283 11.409  10.205  1.00 50.37  ? 373 HOH A O   1 
HETATM 1357 O  O   . HOH G 5 .   ? -2.304  9.622   -11.360 1.00 52.25  ? 374 HOH A O   1 
# 
